data_6PM2
#
_entry.id   6PM2
#
loop_
_entity.id
_entity.type
_entity.pdbx_description
1 polymer 'Glycine receptor subunit alphaZ1'
2 branched beta-D-mannopyranose-(1-4)-2-acetamido-2-deoxy-beta-D-glucopyranose-(1-4)-2-acetamido-2-deoxy-beta-D-glucopyranose
3 non-polymer '2-AMINOETHANESULFONIC ACID'
#
_entity_poly.entity_id   1
_entity_poly.type   'polypeptide(L)'
_entity_poly.pdbx_seq_one_letter_code
;MFALGIYLWETIVFFSLAASQQAAARKAASPMPPSEFLDKLMGKVSGYDARIRPNFKGPPVNVTCNIFINSFGSIAETTM
DYRVNIFLRQQWNDPRLAYSEYPDDSLDLDPSMLDSIWKPDLFFANEKGANFHEVTTDNKLLRISKNGNVLYSIRITLVL
ACPMDLKNFPMDVQTCIMQLESFGYTMNDLIFEWDEKGAVQVADGLTLPQFILKEEKDLRYCTKHYNTGKFTCIEARFHL
ERQMGYYLIQMYIPSLLIVILSWVSFWINMDAAPARVGLGITTVLTMTTQSSGSRASLPKVSYVKAIDIWMAVCLLFVFS
ALLEYAAVNFIARQHKELLRFQRRRRHLKEDEAGDGRFSFAAYGMGPACLQAKDGMAIKGNNNNAPTSTNPPEKTVEEMR
KLFISRAKRIDTVSRVAFPLVFLIFNIFYWITYKIIRSEDIHKQLVPRGSHHHHHHHH
;
_entity_poly.pdbx_strand_id   A,B,C,D,E
#
loop_
_chem_comp.id
_chem_comp.type
_chem_comp.name
_chem_comp.formula
BMA D-saccharide, beta linking beta-D-mannopyranose 'C6 H12 O6'
NAG D-saccharide, beta linking 2-acetamido-2-deoxy-beta-D-glucopyranose 'C8 H15 N O6'
TAU non-polymer '2-AMINOETHANESULFONIC ACID' 'C2 H7 N O3 S'
#
# COMPACT_ATOMS: atom_id res chain seq x y z
N PRO A 31 -33.30 -22.38 43.03
CA PRO A 31 -32.91 -20.97 43.08
C PRO A 31 -31.41 -20.78 42.98
N MET A 32 -30.91 -19.63 43.46
CA MET A 32 -29.51 -19.20 43.48
C MET A 32 -28.87 -19.28 42.10
N PRO A 33 -29.16 -18.36 41.20
CA PRO A 33 -28.52 -18.36 39.87
C PRO A 33 -27.04 -18.05 39.98
N PRO A 34 -26.23 -18.46 38.98
CA PRO A 34 -24.77 -18.29 39.12
C PRO A 34 -24.30 -16.84 39.14
N SER A 35 -24.87 -15.99 38.28
CA SER A 35 -24.41 -14.62 38.19
C SER A 35 -24.75 -13.81 39.44
N GLU A 36 -25.82 -14.16 40.13
CA GLU A 36 -26.10 -13.55 41.43
C GLU A 36 -25.22 -14.17 42.52
N PHE A 37 -24.94 -15.47 42.41
CA PHE A 37 -24.08 -16.12 43.38
C PHE A 37 -22.63 -15.69 43.24
N LEU A 38 -22.17 -15.53 42.00
CA LEU A 38 -20.77 -15.20 41.77
C LEU A 38 -20.47 -13.73 42.06
N ASP A 39 -21.49 -12.86 42.02
CA ASP A 39 -21.31 -11.49 42.50
C ASP A 39 -21.14 -11.44 44.01
N LYS A 40 -21.64 -12.43 44.74
CA LYS A 40 -21.31 -12.57 46.15
C LYS A 40 -19.88 -13.06 46.34
N LEU A 41 -19.39 -13.89 45.42
CA LEU A 41 -18.08 -14.50 45.55
C LEU A 41 -16.94 -13.50 45.32
N MET A 42 -17.17 -12.48 44.48
CA MET A 42 -16.12 -11.54 44.12
C MET A 42 -16.46 -10.09 44.40
N GLY A 43 -17.63 -9.80 44.97
CA GLY A 43 -18.07 -8.43 45.11
C GLY A 43 -17.51 -7.69 46.32
N LYS A 44 -18.37 -6.88 46.95
CA LYS A 44 -17.93 -6.08 48.09
C LYS A 44 -17.68 -6.95 49.31
N VAL A 45 -18.56 -7.91 49.57
CA VAL A 45 -18.40 -8.84 50.67
C VAL A 45 -17.34 -9.88 50.30
N SER A 46 -16.90 -10.65 51.30
CA SER A 46 -15.88 -11.70 51.28
C SER A 46 -14.47 -11.18 51.00
N GLY A 47 -14.27 -9.87 50.89
CA GLY A 47 -12.94 -9.30 50.81
C GLY A 47 -12.15 -9.59 49.55
N TYR A 48 -12.84 -9.92 48.45
CA TYR A 48 -12.13 -10.18 47.21
C TYR A 48 -11.70 -8.87 46.58
N ASP A 49 -10.45 -8.82 46.11
CA ASP A 49 -9.89 -7.62 45.51
C ASP A 49 -9.18 -8.05 44.23
N ALA A 50 -9.64 -7.51 43.09
CA ALA A 50 -9.11 -7.87 41.78
C ALA A 50 -7.75 -7.24 41.48
N ARG A 51 -7.21 -6.44 42.39
CA ARG A 51 -5.92 -5.81 42.21
C ARG A 51 -4.80 -6.58 42.91
N ILE A 52 -5.12 -7.70 43.55
CA ILE A 52 -4.17 -8.48 44.34
C ILE A 52 -4.14 -9.89 43.78
N ARG A 53 -2.93 -10.40 43.53
CA ARG A 53 -2.77 -11.74 42.99
C ARG A 53 -3.12 -12.80 44.04
N PRO A 54 -3.46 -14.01 43.60
CA PRO A 54 -3.70 -15.09 44.56
C PRO A 54 -2.41 -15.54 45.23
N ASN A 55 -2.58 -16.17 46.40
CA ASN A 55 -1.49 -16.65 47.27
C ASN A 55 -0.53 -15.51 47.61
N PHE A 56 -1.08 -14.41 48.12
CA PHE A 56 -0.30 -13.22 48.37
C PHE A 56 0.55 -13.40 49.61
N LYS A 57 1.77 -12.84 49.56
CA LYS A 57 2.84 -13.06 50.54
C LYS A 57 3.13 -14.55 50.72
N GLY A 58 3.18 -15.27 49.61
CA GLY A 58 3.43 -16.69 49.63
C GLY A 58 4.13 -17.17 48.38
N PRO A 59 3.80 -18.37 47.93
CA PRO A 59 4.41 -18.92 46.71
C PRO A 59 3.88 -18.18 45.48
N PRO A 60 4.65 -18.16 44.39
CA PRO A 60 4.19 -17.46 43.19
C PRO A 60 3.07 -18.20 42.48
N VAL A 61 2.38 -17.46 41.61
CA VAL A 61 1.26 -18.01 40.86
C VAL A 61 1.79 -18.74 39.64
N ASN A 62 1.41 -20.01 39.51
CA ASN A 62 1.87 -20.86 38.41
C ASN A 62 0.80 -20.86 37.32
N VAL A 63 0.97 -20.00 36.33
CA VAL A 63 0.05 -19.89 35.21
C VAL A 63 0.55 -20.79 34.09
N THR A 64 -0.23 -21.79 33.71
CA THR A 64 0.11 -22.67 32.62
C THR A 64 -0.69 -22.31 31.38
N CYS A 65 -0.06 -22.41 30.21
CA CYS A 65 -0.60 -21.85 28.98
C CYS A 65 -0.49 -22.83 27.82
N ASN A 66 -1.43 -22.72 26.89
CA ASN A 66 -1.35 -23.38 25.59
C ASN A 66 -2.16 -22.56 24.58
N ILE A 67 -1.76 -22.67 23.32
CA ILE A 67 -2.35 -21.87 22.25
C ILE A 67 -2.95 -22.78 21.19
N PHE A 68 -3.89 -22.23 20.41
CA PHE A 68 -4.52 -22.91 19.29
C PHE A 68 -4.42 -21.98 18.09
N ILE A 69 -3.60 -22.34 17.11
CA ILE A 69 -3.37 -21.48 15.96
C ILE A 69 -4.51 -21.68 14.97
N ASN A 70 -5.39 -20.68 14.86
CA ASN A 70 -6.43 -20.71 13.84
C ASN A 70 -5.85 -20.42 12.46
N SER A 71 -5.28 -19.24 12.29
CA SER A 71 -4.71 -18.82 11.03
C SER A 71 -3.23 -18.54 11.18
N PHE A 72 -2.50 -18.68 10.09
CA PHE A 72 -1.06 -18.47 10.07
C PHE A 72 -0.68 -18.04 8.68
N GLY A 73 0.34 -17.20 8.57
CA GLY A 73 0.84 -16.85 7.26
C GLY A 73 0.96 -15.34 7.09
N SER A 74 0.91 -14.93 5.82
CA SER A 74 1.30 -13.60 5.36
C SER A 74 2.69 -13.24 5.88
N ILE A 75 3.63 -14.17 5.69
CA ILE A 75 4.97 -14.06 6.23
C ILE A 75 5.78 -13.15 5.33
N ALA A 76 5.82 -11.86 5.66
CA ALA A 76 6.55 -10.89 4.88
C ALA A 76 8.05 -10.98 5.20
N GLU A 77 8.86 -10.53 4.25
CA GLU A 77 10.30 -10.53 4.41
C GLU A 77 10.93 -9.15 4.29
N THR A 78 10.25 -8.18 3.67
CA THR A 78 10.70 -6.81 3.72
C THR A 78 10.57 -6.26 5.13
N THR A 79 9.50 -6.61 5.83
CA THR A 79 9.29 -6.21 7.20
C THR A 79 9.83 -7.24 8.19
N MET A 80 10.03 -8.48 7.73
CA MET A 80 10.43 -9.64 8.53
C MET A 80 9.47 -9.88 9.69
N ASP A 81 8.22 -10.18 9.34
CA ASP A 81 7.19 -10.44 10.33
C ASP A 81 6.19 -11.44 9.77
N TYR A 82 5.38 -12.00 10.66
CA TYR A 82 4.33 -12.92 10.29
C TYR A 82 3.10 -12.66 11.13
N ARG A 83 1.93 -12.98 10.59
CA ARG A 83 0.65 -12.76 11.26
C ARG A 83 0.07 -14.09 11.70
N VAL A 84 -0.33 -14.18 12.96
CA VAL A 84 -0.92 -15.38 13.52
C VAL A 84 -2.24 -15.00 14.18
N ASN A 85 -3.13 -15.98 14.32
CA ASN A 85 -4.44 -15.78 14.92
C ASN A 85 -4.67 -16.92 15.90
N ILE A 86 -4.52 -16.65 17.19
CA ILE A 86 -4.43 -17.71 18.19
C ILE A 86 -5.61 -17.65 19.15
N PHE A 87 -5.80 -18.76 19.85
CA PHE A 87 -6.65 -18.85 21.04
C PHE A 87 -5.73 -19.01 22.24
N LEU A 88 -5.57 -17.95 23.02
CA LEU A 88 -4.65 -17.96 24.15
C LEU A 88 -5.39 -18.44 25.39
N ARG A 89 -5.07 -19.65 25.84
CA ARG A 89 -5.69 -20.22 27.03
C ARG A 89 -4.74 -20.08 28.21
N GLN A 90 -5.28 -19.69 29.36
CA GLN A 90 -4.51 -19.51 30.57
C GLN A 90 -5.20 -20.22 31.72
N GLN A 91 -4.44 -20.99 32.50
CA GLN A 91 -4.98 -21.72 33.64
C GLN A 91 -4.13 -21.41 34.86
N TRP A 92 -4.78 -20.96 35.94
CA TRP A 92 -4.11 -20.74 37.21
C TRP A 92 -5.07 -21.15 38.31
N ASN A 93 -4.63 -20.98 39.56
CA ASN A 93 -5.44 -21.33 40.73
C ASN A 93 -5.68 -20.07 41.53
N ASP A 94 -6.91 -19.90 42.00
CA ASP A 94 -7.31 -18.75 42.82
C ASP A 94 -8.09 -19.29 44.00
N PRO A 95 -7.49 -19.38 45.19
CA PRO A 95 -8.18 -19.95 46.35
C PRO A 95 -9.33 -19.09 46.87
N ARG A 96 -9.39 -17.81 46.50
CA ARG A 96 -10.50 -16.96 46.91
C ARG A 96 -11.77 -17.22 46.12
N LEU A 97 -11.67 -17.89 44.97
CA LEU A 97 -12.81 -18.23 44.15
C LEU A 97 -13.27 -19.66 44.34
N ALA A 98 -12.80 -20.33 45.40
CA ALA A 98 -13.14 -21.73 45.63
C ALA A 98 -14.45 -21.80 46.41
N TYR A 99 -15.56 -21.89 45.68
CA TYR A 99 -16.85 -22.09 46.31
C TYR A 99 -16.99 -23.55 46.75
N SER A 100 -17.89 -23.78 47.69
CA SER A 100 -18.05 -25.13 48.23
C SER A 100 -19.48 -25.65 48.19
N GLU A 101 -20.47 -24.78 48.42
CA GLU A 101 -21.84 -25.24 48.59
C GLU A 101 -22.69 -25.13 47.33
N TYR A 102 -22.20 -24.47 46.29
CA TYR A 102 -22.95 -24.43 45.06
C TYR A 102 -22.81 -25.76 44.32
N PRO A 103 -23.90 -26.34 43.81
CA PRO A 103 -23.85 -27.74 43.37
C PRO A 103 -23.12 -28.00 42.06
N ASP A 104 -22.90 -26.98 41.23
CA ASP A 104 -22.29 -27.23 39.93
C ASP A 104 -20.78 -27.41 40.05
N ASP A 105 -20.17 -27.82 38.94
CA ASP A 105 -18.72 -28.03 38.89
C ASP A 105 -17.98 -26.88 38.21
N SER A 106 -18.66 -26.06 37.41
CA SER A 106 -18.02 -24.95 36.72
C SER A 106 -19.04 -23.84 36.53
N LEU A 107 -18.58 -22.60 36.68
CA LEU A 107 -19.41 -21.41 36.50
C LEU A 107 -18.78 -20.54 35.43
N ASP A 108 -19.48 -20.39 34.31
CA ASP A 108 -19.03 -19.49 33.26
C ASP A 108 -19.17 -18.04 33.70
N LEU A 109 -18.37 -17.17 33.07
CA LEU A 109 -18.38 -15.75 33.39
C LEU A 109 -18.31 -15.00 32.06
N ASP A 110 -19.37 -14.29 31.70
CA ASP A 110 -19.39 -13.57 30.45
C ASP A 110 -18.50 -12.32 30.55
N PRO A 111 -18.00 -11.82 29.41
CA PRO A 111 -17.03 -10.71 29.46
C PRO A 111 -17.58 -9.36 29.92
N SER A 112 -18.84 -9.26 30.37
CA SER A 112 -19.31 -8.01 30.95
C SER A 112 -18.70 -7.79 32.33
N MET A 113 -18.54 -8.86 33.11
CA MET A 113 -17.90 -8.81 34.42
C MET A 113 -16.46 -9.27 34.37
N LEU A 114 -15.79 -9.10 33.23
CA LEU A 114 -14.45 -9.65 33.03
C LEU A 114 -13.38 -8.88 33.80
N ASP A 115 -13.61 -7.59 34.07
CA ASP A 115 -12.65 -6.76 34.80
C ASP A 115 -12.84 -6.83 36.31
N SER A 116 -13.42 -7.91 36.83
CA SER A 116 -13.75 -8.00 38.24
C SER A 116 -12.96 -9.04 39.01
N ILE A 117 -12.22 -9.93 38.33
CA ILE A 117 -11.34 -10.87 39.01
C ILE A 117 -9.91 -10.59 38.58
N TRP A 118 -8.97 -11.33 39.17
CA TRP A 118 -7.57 -11.17 38.83
C TRP A 118 -7.25 -11.85 37.51
N LYS A 119 -6.37 -11.23 36.73
CA LYS A 119 -5.87 -11.80 35.48
C LYS A 119 -4.37 -11.56 35.41
N PRO A 120 -3.63 -12.51 34.83
CA PRO A 120 -2.19 -12.29 34.63
C PRO A 120 -1.95 -11.25 33.54
N ASP A 121 -0.91 -10.45 33.74
CA ASP A 121 -0.55 -9.40 32.78
C ASP A 121 0.42 -9.94 31.73
N LEU A 122 -0.07 -10.93 30.98
CA LEU A 122 0.73 -11.51 29.90
C LEU A 122 0.80 -10.55 28.72
N PHE A 123 1.95 -10.54 28.06
CA PHE A 123 2.11 -9.84 26.81
C PHE A 123 3.11 -10.61 25.97
N PHE A 124 3.32 -10.15 24.74
CA PHE A 124 4.25 -10.77 23.83
C PHE A 124 5.42 -9.82 23.63
N ALA A 125 6.65 -10.34 23.71
CA ALA A 125 7.81 -9.47 23.62
C ALA A 125 8.10 -9.01 22.20
N ASN A 126 7.38 -9.53 21.20
CA ASN A 126 7.51 -9.13 19.81
C ASN A 126 6.12 -8.91 19.20
N GLU A 127 5.30 -8.10 19.88
CA GLU A 127 3.92 -7.83 19.44
C GLU A 127 3.88 -7.15 18.08
N LYS A 128 4.56 -6.01 17.95
CA LYS A 128 4.54 -5.15 16.76
C LYS A 128 3.11 -4.81 16.34
N GLY A 129 2.31 -4.41 17.33
CA GLY A 129 0.90 -4.15 17.09
C GLY A 129 0.05 -5.41 17.14
N ALA A 130 -1.04 -5.35 17.92
CA ALA A 130 -1.95 -6.48 18.05
C ALA A 130 -3.30 -5.95 18.52
N ASN A 131 -4.32 -6.81 18.42
CA ASN A 131 -5.67 -6.41 18.78
C ASN A 131 -6.48 -7.61 19.21
N PHE A 132 -7.59 -7.33 19.89
CA PHE A 132 -8.55 -8.36 20.26
C PHE A 132 -9.55 -8.55 19.12
N HIS A 133 -10.59 -9.34 19.38
CA HIS A 133 -11.71 -9.49 18.47
C HIS A 133 -13.00 -9.28 19.24
N GLU A 134 -13.81 -8.32 18.80
CA GLU A 134 -14.99 -7.86 19.53
C GLU A 134 -16.21 -7.85 18.63
N VAL A 135 -16.42 -8.93 17.88
CA VAL A 135 -17.51 -9.03 16.93
C VAL A 135 -18.65 -9.79 17.59
N THR A 136 -19.77 -9.06 17.80
CA THR A 136 -21.09 -9.46 18.29
C THR A 136 -21.07 -9.75 19.80
N THR A 137 -19.88 -9.88 20.38
CA THR A 137 -19.56 -10.10 21.79
C THR A 137 -18.04 -10.04 21.87
N ASP A 138 -17.51 -9.52 22.99
CA ASP A 138 -16.10 -9.67 23.31
C ASP A 138 -15.72 -11.15 23.36
N ASN A 139 -14.83 -11.56 22.46
CA ASN A 139 -14.46 -12.97 22.34
C ASN A 139 -13.53 -13.34 23.48
N LYS A 140 -14.12 -13.57 24.66
CA LYS A 140 -13.40 -13.93 25.87
C LYS A 140 -14.17 -15.03 26.58
N LEU A 141 -13.44 -16.04 27.04
CA LEU A 141 -14.01 -17.19 27.74
C LEU A 141 -13.43 -17.26 29.14
N LEU A 142 -14.28 -17.55 30.12
CA LEU A 142 -13.85 -17.58 31.52
C LEU A 142 -14.76 -18.49 32.31
N ARG A 143 -14.20 -19.54 32.90
CA ARG A 143 -14.94 -20.47 33.74
C ARG A 143 -14.13 -20.80 34.99
N ILE A 144 -14.84 -21.04 36.08
CA ILE A 144 -14.24 -21.22 37.40
C ILE A 144 -14.70 -22.56 37.95
N SER A 145 -13.75 -23.44 38.27
CA SER A 145 -14.07 -24.74 38.83
C SER A 145 -14.34 -24.63 40.33
N LYS A 146 -14.58 -25.77 40.97
CA LYS A 146 -14.94 -25.76 42.38
C LYS A 146 -13.73 -25.50 43.28
N ASN A 147 -12.58 -26.09 42.96
CA ASN A 147 -11.39 -25.91 43.79
C ASN A 147 -10.68 -24.59 43.54
N GLY A 148 -11.07 -23.85 42.50
CA GLY A 148 -10.45 -22.59 42.17
C GLY A 148 -9.71 -22.57 40.86
N ASN A 149 -9.76 -23.64 40.08
CA ASN A 149 -9.12 -23.66 38.77
C ASN A 149 -9.86 -22.72 37.81
N VAL A 150 -9.12 -21.78 37.22
CA VAL A 150 -9.70 -20.73 36.40
C VAL A 150 -9.16 -20.88 34.99
N LEU A 151 -10.04 -21.20 34.05
CA LEU A 151 -9.70 -21.24 32.63
C LEU A 151 -10.05 -19.91 31.99
N TYR A 152 -9.12 -19.37 31.21
CA TYR A 152 -9.29 -18.05 30.60
C TYR A 152 -8.78 -18.12 29.17
N SER A 153 -9.70 -18.07 28.20
CA SER A 153 -9.38 -18.25 26.80
C SER A 153 -9.84 -17.02 26.02
N ILE A 154 -8.89 -16.37 25.33
CA ILE A 154 -9.19 -15.19 24.52
C ILE A 154 -8.61 -15.39 23.12
N ARG A 155 -9.14 -14.61 22.18
CA ARG A 155 -8.71 -14.65 20.78
C ARG A 155 -7.90 -13.40 20.48
N ILE A 156 -6.68 -13.60 19.99
CA ILE A 156 -5.74 -12.52 19.73
C ILE A 156 -5.23 -12.65 18.29
N THR A 157 -5.17 -11.54 17.58
CA THR A 157 -4.47 -11.46 16.29
C THR A 157 -3.15 -10.72 16.50
N LEU A 158 -2.05 -11.38 16.17
CA LEU A 158 -0.71 -10.87 16.39
C LEU A 158 -0.02 -10.66 15.04
N VAL A 159 0.91 -9.71 14.99
CA VAL A 159 1.82 -9.58 13.85
C VAL A 159 3.23 -9.70 14.42
N LEU A 160 3.71 -10.93 14.54
CA LEU A 160 4.90 -11.21 15.32
C LEU A 160 6.15 -11.05 14.48
N ALA A 161 7.23 -10.59 15.12
CA ALA A 161 8.49 -10.35 14.44
C ALA A 161 9.41 -11.54 14.57
N CYS A 162 10.08 -11.90 13.48
CA CYS A 162 11.10 -12.92 13.52
C CYS A 162 12.22 -12.56 12.53
N PRO A 163 13.48 -12.61 12.95
CA PRO A 163 14.58 -12.28 12.04
C PRO A 163 14.80 -13.39 11.02
N MET A 164 14.87 -13.01 9.76
CA MET A 164 15.01 -13.97 8.66
C MET A 164 16.48 -14.20 8.37
N ASP A 165 16.88 -15.47 8.31
CA ASP A 165 18.23 -15.86 7.93
C ASP A 165 18.14 -16.42 6.51
N LEU A 166 18.71 -15.70 5.55
CA LEU A 166 18.53 -15.99 4.14
C LEU A 166 19.86 -16.29 3.46
N LYS A 167 20.69 -17.13 4.08
CA LYS A 167 21.97 -17.48 3.47
C LYS A 167 21.78 -18.43 2.29
N ASN A 168 20.90 -19.41 2.45
CA ASN A 168 20.54 -20.34 1.37
C ASN A 168 19.04 -20.17 1.12
N PHE A 169 18.71 -19.20 0.25
CA PHE A 169 17.38 -18.58 0.31
C PHE A 169 16.22 -19.48 -0.15
N PRO A 170 16.26 -20.18 -1.29
CA PRO A 170 15.11 -21.04 -1.60
C PRO A 170 15.10 -22.36 -0.85
N MET A 171 16.14 -22.67 -0.08
CA MET A 171 16.28 -23.96 0.58
C MET A 171 16.42 -23.84 2.09
N ASP A 172 16.07 -22.69 2.67
CA ASP A 172 16.29 -22.50 4.11
C ASP A 172 15.11 -23.03 4.92
N VAL A 173 15.38 -23.27 6.20
CA VAL A 173 14.38 -23.68 7.16
C VAL A 173 14.30 -22.56 8.19
N GLN A 174 13.30 -21.68 8.05
CA GLN A 174 13.14 -20.56 8.95
C GLN A 174 12.61 -21.02 10.29
N THR A 175 13.03 -20.33 11.35
CA THR A 175 12.59 -20.60 12.71
C THR A 175 12.06 -19.28 13.28
N CYS A 176 10.75 -19.11 13.24
CA CYS A 176 10.10 -17.91 13.77
C CYS A 176 9.40 -18.26 15.08
N ILE A 177 9.63 -17.43 16.10
CA ILE A 177 9.26 -17.76 17.46
C ILE A 177 8.14 -16.83 17.92
N MET A 178 7.60 -17.13 19.10
CA MET A 178 6.71 -16.23 19.82
C MET A 178 6.89 -16.47 21.31
N GLN A 179 7.03 -15.40 22.08
CA GLN A 179 7.40 -15.50 23.49
C GLN A 179 6.43 -14.71 24.35
N LEU A 180 6.08 -15.30 25.49
CA LEU A 180 4.97 -14.85 26.34
C LEU A 180 5.56 -14.43 27.68
N GLU A 181 5.65 -13.13 27.93
CA GLU A 181 6.27 -12.61 29.13
C GLU A 181 5.22 -12.04 30.08
N SER A 182 5.66 -11.80 31.32
CA SER A 182 4.94 -10.98 32.27
C SER A 182 5.54 -9.58 32.29
N PHE A 183 4.71 -8.60 32.62
CA PHE A 183 5.14 -7.20 32.54
C PHE A 183 5.33 -6.55 33.90
N GLY A 184 4.45 -6.83 34.86
CA GLY A 184 4.50 -6.15 36.13
C GLY A 184 4.84 -7.03 37.31
N TYR A 185 4.74 -8.34 37.13
CA TYR A 185 5.04 -9.31 38.17
C TYR A 185 6.36 -10.00 37.85
N THR A 186 7.25 -10.07 38.82
CA THR A 186 8.56 -10.65 38.63
C THR A 186 8.49 -12.17 38.79
N MET A 187 9.66 -12.82 38.87
CA MET A 187 9.70 -14.28 38.95
C MET A 187 9.21 -14.78 40.30
N ASN A 188 9.42 -14.03 41.37
CA ASN A 188 8.99 -14.43 42.70
C ASN A 188 7.50 -14.18 42.96
N ASP A 189 6.74 -13.75 41.95
CA ASP A 189 5.30 -13.53 42.09
C ASP A 189 4.46 -14.25 41.05
N LEU A 190 5.02 -14.62 39.90
CA LEU A 190 4.22 -15.14 38.79
C LEU A 190 5.14 -15.88 37.83
N ILE A 191 4.86 -17.16 37.58
CA ILE A 191 5.68 -18.01 36.72
C ILE A 191 4.81 -18.56 35.60
N PHE A 192 5.29 -18.45 34.36
CA PHE A 192 4.62 -19.04 33.21
C PHE A 192 5.19 -20.41 32.90
N GLU A 193 4.31 -21.33 32.52
CA GLU A 193 4.68 -22.69 32.12
C GLU A 193 3.87 -23.08 30.90
N TRP A 194 4.39 -24.05 30.14
CA TRP A 194 3.59 -24.74 29.15
C TRP A 194 2.99 -26.00 29.78
N ASP A 195 1.77 -26.32 29.39
CA ASP A 195 1.19 -27.56 29.88
C ASP A 195 1.72 -28.75 29.10
N GLU A 196 1.70 -29.92 29.75
CA GLU A 196 2.26 -31.12 29.17
C GLU A 196 1.35 -31.76 28.13
N LYS A 197 0.08 -31.39 28.10
CA LYS A 197 -0.91 -32.02 27.23
C LYS A 197 -1.12 -31.19 25.95
N GLY A 198 -0.10 -31.24 25.10
CA GLY A 198 -0.20 -30.58 23.81
C GLY A 198 -0.17 -29.07 23.89
N ALA A 199 1.00 -28.50 24.20
CA ALA A 199 1.11 -27.07 24.50
C ALA A 199 0.88 -26.18 23.30
N VAL A 200 0.99 -26.68 22.06
CA VAL A 200 0.66 -25.91 20.87
C VAL A 200 -0.18 -26.80 19.97
N GLN A 201 -1.46 -26.46 19.83
CA GLN A 201 -2.31 -27.12 18.86
C GLN A 201 -2.41 -26.30 17.58
N VAL A 202 -2.57 -26.99 16.46
CA VAL A 202 -2.72 -26.39 15.15
C VAL A 202 -4.05 -26.87 14.58
N ALA A 203 -4.75 -25.98 13.86
CA ALA A 203 -6.02 -26.32 13.23
C ALA A 203 -5.83 -27.41 12.16
N ASP A 204 -6.95 -28.01 11.76
CA ASP A 204 -6.92 -29.25 10.98
C ASP A 204 -6.44 -29.00 9.56
N GLY A 205 -7.05 -28.07 8.85
CA GLY A 205 -6.69 -27.82 7.47
C GLY A 205 -5.86 -26.58 7.26
N LEU A 206 -4.97 -26.27 8.20
CA LEU A 206 -4.15 -25.06 8.10
C LEU A 206 -2.97 -25.34 7.17
N THR A 207 -3.02 -24.78 5.97
CA THR A 207 -1.93 -24.85 5.01
C THR A 207 -1.38 -23.46 4.74
N LEU A 208 -0.20 -23.42 4.14
CA LEU A 208 0.48 -22.18 3.83
C LEU A 208 0.78 -22.09 2.35
N PRO A 209 0.77 -20.89 1.76
CA PRO A 209 1.03 -20.79 0.31
C PRO A 209 2.48 -21.01 -0.07
N GLN A 210 3.42 -20.61 0.79
CA GLN A 210 4.83 -20.69 0.47
C GLN A 210 5.61 -21.65 1.36
N PHE A 211 5.10 -21.97 2.54
CA PHE A 211 5.84 -22.72 3.54
C PHE A 211 5.09 -23.99 3.91
N ILE A 212 5.73 -24.83 4.72
CA ILE A 212 5.08 -25.92 5.43
C ILE A 212 5.51 -25.84 6.89
N LEU A 213 4.56 -26.05 7.79
CA LEU A 213 4.83 -25.98 9.23
C LEU A 213 5.18 -27.38 9.73
N LYS A 214 6.40 -27.53 10.24
CA LYS A 214 6.83 -28.83 10.74
C LYS A 214 6.14 -29.15 12.05
N GLU A 215 6.00 -30.45 12.32
CA GLU A 215 5.21 -30.90 13.46
C GLU A 215 5.94 -30.76 14.77
N GLU A 216 7.26 -30.86 14.76
CA GLU A 216 8.05 -30.71 15.99
C GLU A 216 8.20 -29.22 16.30
N LYS A 217 7.69 -28.81 17.46
CA LYS A 217 7.72 -27.41 17.88
C LYS A 217 8.46 -27.33 19.21
N ASP A 218 9.59 -26.62 19.21
CA ASP A 218 10.42 -26.53 20.40
C ASP A 218 9.77 -25.61 21.44
N LEU A 219 9.96 -25.98 22.71
CA LEU A 219 9.37 -25.25 23.82
C LEU A 219 10.45 -25.04 24.87
N ARG A 220 10.90 -23.81 25.04
CA ARG A 220 11.99 -23.54 25.98
C ARG A 220 11.74 -22.22 26.68
N TYR A 221 12.62 -21.92 27.64
CA TYR A 221 12.50 -20.73 28.46
C TYR A 221 13.37 -19.59 27.92
N CYS A 222 12.92 -18.37 28.18
CA CYS A 222 13.53 -17.15 27.65
C CYS A 222 13.58 -16.06 28.70
N THR A 223 13.92 -16.44 29.94
CA THR A 223 13.79 -15.57 31.11
C THR A 223 14.65 -14.32 31.01
N LYS A 224 14.00 -13.16 31.03
CA LYS A 224 14.65 -11.88 30.79
C LYS A 224 15.14 -11.27 32.09
N HIS A 225 16.27 -10.58 32.01
CA HIS A 225 16.85 -9.86 33.14
C HIS A 225 16.97 -8.39 32.76
N TYR A 226 16.22 -7.53 33.45
CA TYR A 226 16.28 -6.10 33.25
C TYR A 226 16.89 -5.44 34.48
N ASN A 227 16.94 -4.11 34.45
CA ASN A 227 17.32 -3.36 35.65
C ASN A 227 16.18 -3.17 36.62
N THR A 228 14.97 -3.60 36.25
CA THR A 228 13.82 -3.59 37.15
C THR A 228 13.72 -4.89 37.94
N GLY A 229 13.92 -6.02 37.27
CA GLY A 229 13.91 -7.30 37.93
C GLY A 229 14.13 -8.40 36.91
N LYS A 230 13.78 -9.62 37.28
CA LYS A 230 13.76 -10.73 36.35
C LYS A 230 12.32 -11.18 36.15
N PHE A 231 11.93 -11.40 34.90
CA PHE A 231 10.55 -11.63 34.53
C PHE A 231 10.43 -12.96 33.81
N THR A 232 9.31 -13.65 34.04
CA THR A 232 9.12 -14.96 33.45
C THR A 232 8.83 -14.83 31.96
N CYS A 233 9.15 -15.91 31.24
CA CYS A 233 9.06 -15.93 29.78
C CYS A 233 9.06 -17.39 29.35
N ILE A 234 8.13 -17.74 28.47
CA ILE A 234 8.12 -19.03 27.81
C ILE A 234 7.92 -18.77 26.33
N GLU A 235 8.46 -19.65 25.49
CA GLU A 235 8.38 -19.42 24.06
C GLU A 235 8.22 -20.72 23.30
N ALA A 236 7.73 -20.59 22.07
CA ALA A 236 7.47 -21.72 21.19
C ALA A 236 8.12 -21.44 19.84
N ARG A 237 8.98 -22.34 19.38
CA ARG A 237 9.60 -22.22 18.08
C ARG A 237 8.73 -22.87 17.02
N PHE A 238 8.66 -22.24 15.84
CA PHE A 238 7.95 -22.79 14.69
C PHE A 238 8.92 -22.89 13.53
N HIS A 239 9.19 -24.12 13.09
CA HIS A 239 10.11 -24.36 12.00
C HIS A 239 9.36 -24.27 10.67
N LEU A 240 9.76 -23.34 9.82
CA LEU A 240 9.09 -23.08 8.56
C LEU A 240 10.03 -23.43 7.41
N GLU A 241 9.71 -24.52 6.70
CA GLU A 241 10.47 -24.96 5.54
C GLU A 241 9.79 -24.46 4.28
N ARG A 242 10.57 -23.92 3.35
CA ARG A 242 9.97 -23.36 2.15
C ARG A 242 9.52 -24.45 1.19
N GLN A 243 8.65 -24.04 0.27
CA GLN A 243 8.28 -24.86 -0.87
C GLN A 243 9.13 -24.42 -2.06
N MET A 244 10.08 -25.26 -2.46
CA MET A 244 11.02 -24.92 -3.52
C MET A 244 10.39 -24.99 -4.90
N GLY A 245 9.20 -25.58 -5.03
CA GLY A 245 8.54 -25.79 -6.32
C GLY A 245 8.16 -24.52 -7.06
N TYR A 246 7.99 -23.41 -6.35
CA TYR A 246 7.74 -22.14 -7.03
C TYR A 246 9.01 -21.62 -7.68
N TYR A 247 10.11 -21.58 -6.93
CA TYR A 247 11.36 -21.03 -7.44
C TYR A 247 12.01 -21.96 -8.45
N LEU A 248 11.59 -23.22 -8.50
CA LEU A 248 12.06 -24.15 -9.52
C LEU A 248 11.41 -23.90 -10.86
N ILE A 249 10.33 -23.13 -10.92
CA ILE A 249 9.62 -22.84 -12.17
C ILE A 249 10.00 -21.47 -12.72
N GLN A 250 9.97 -20.43 -11.88
CA GLN A 250 10.17 -19.08 -12.37
C GLN A 250 11.64 -18.73 -12.55
N MET A 251 12.49 -19.16 -11.63
CA MET A 251 13.87 -18.67 -11.57
C MET A 251 14.91 -19.67 -12.03
N TYR A 252 14.62 -20.97 -12.02
CA TYR A 252 15.64 -21.96 -12.34
C TYR A 252 15.56 -22.43 -13.79
N ILE A 253 14.37 -22.72 -14.30
CA ILE A 253 14.21 -23.19 -15.67
C ILE A 253 14.46 -22.08 -16.71
N PRO A 254 13.95 -20.84 -16.59
CA PRO A 254 14.38 -19.81 -17.57
C PRO A 254 15.83 -19.38 -17.44
N SER A 255 16.48 -19.65 -16.31
CA SER A 255 17.93 -19.46 -16.22
C SER A 255 18.70 -20.66 -16.75
N LEU A 256 18.06 -21.82 -16.85
CA LEU A 256 18.64 -22.98 -17.50
C LEU A 256 18.33 -23.01 -18.99
N LEU A 257 17.21 -22.40 -19.41
CA LEU A 257 16.86 -22.34 -20.82
C LEU A 257 17.73 -21.31 -21.54
N ILE A 258 18.14 -20.25 -20.84
CA ILE A 258 18.93 -19.20 -21.48
C ILE A 258 20.39 -19.61 -21.66
N VAL A 259 20.85 -20.64 -20.95
CA VAL A 259 22.19 -21.16 -21.18
C VAL A 259 22.19 -22.07 -22.41
N ILE A 260 21.09 -22.82 -22.60
CA ILE A 260 20.89 -23.57 -23.84
C ILE A 260 20.73 -22.61 -25.02
N LEU A 261 20.11 -21.45 -24.78
CA LEU A 261 19.97 -20.42 -25.81
C LEU A 261 21.32 -19.84 -26.20
N SER A 262 22.25 -19.72 -25.25
CA SER A 262 23.59 -19.25 -25.56
C SER A 262 24.45 -20.30 -26.24
N TRP A 263 24.05 -21.56 -26.20
CA TRP A 263 24.77 -22.63 -26.89
C TRP A 263 24.31 -22.79 -28.34
N VAL A 264 23.32 -22.00 -28.77
CA VAL A 264 22.90 -21.99 -30.16
C VAL A 264 23.94 -21.28 -31.02
N SER A 265 24.64 -20.30 -30.43
CA SER A 265 25.65 -19.51 -31.13
C SER A 265 26.85 -20.31 -31.61
N PHE A 266 27.06 -21.52 -31.08
CA PHE A 266 28.15 -22.37 -31.54
C PHE A 266 27.84 -23.08 -32.84
N TRP A 267 26.61 -22.95 -33.34
CA TRP A 267 26.17 -23.61 -34.56
C TRP A 267 25.89 -22.67 -35.71
N ILE A 268 25.72 -21.37 -35.44
CA ILE A 268 25.33 -20.41 -36.47
C ILE A 268 26.56 -20.04 -37.29
N ASN A 269 26.62 -20.54 -38.53
CA ASN A 269 27.61 -20.27 -39.59
C ASN A 269 29.01 -20.79 -39.29
N MET A 270 29.25 -21.33 -38.08
CA MET A 270 30.35 -22.20 -37.64
C MET A 270 31.73 -21.55 -37.64
N ASP A 271 31.88 -20.36 -38.21
CA ASP A 271 33.12 -19.61 -38.01
C ASP A 271 32.91 -18.16 -37.65
N ALA A 272 31.93 -17.49 -38.26
CA ALA A 272 31.79 -16.04 -38.16
C ALA A 272 30.42 -15.64 -38.66
N ALA A 273 29.79 -14.70 -37.94
CA ALA A 273 28.46 -14.21 -38.27
C ALA A 273 28.25 -12.89 -37.58
N PRO A 274 27.41 -12.01 -38.12
CA PRO A 274 26.92 -10.85 -37.35
C PRO A 274 25.75 -11.19 -36.43
N ALA A 275 25.33 -12.45 -36.41
CA ALA A 275 24.24 -12.90 -35.55
C ALA A 275 24.73 -13.57 -34.27
N ARG A 276 25.96 -14.07 -34.26
CA ARG A 276 26.52 -14.63 -33.03
C ARG A 276 26.82 -13.53 -32.01
N VAL A 277 27.11 -12.32 -32.48
CA VAL A 277 27.17 -11.18 -31.58
C VAL A 277 25.78 -10.85 -31.04
N GLY A 278 24.77 -10.88 -31.92
CA GLY A 278 23.41 -10.58 -31.50
C GLY A 278 22.82 -11.59 -30.55
N LEU A 279 23.28 -12.83 -30.61
CA LEU A 279 22.88 -13.83 -29.61
C LEU A 279 23.77 -13.77 -28.37
N GLY A 280 25.00 -13.26 -28.51
CA GLY A 280 25.86 -13.11 -27.37
C GLY A 280 25.51 -11.94 -26.48
N ILE A 281 25.02 -10.85 -27.08
CA ILE A 281 24.62 -9.68 -26.30
C ILE A 281 23.30 -9.95 -25.58
N THR A 282 22.33 -10.49 -26.32
CA THR A 282 20.94 -10.48 -25.88
C THR A 282 20.69 -11.46 -24.75
N THR A 283 21.45 -12.55 -24.68
CA THR A 283 21.35 -13.50 -23.58
C THR A 283 22.10 -13.04 -22.33
N VAL A 284 22.68 -11.84 -22.34
CA VAL A 284 23.27 -11.24 -21.16
C VAL A 284 22.29 -10.18 -20.65
N LEU A 285 21.51 -9.61 -21.58
CA LEU A 285 20.56 -8.55 -21.26
C LEU A 285 19.45 -9.05 -20.35
N THR A 286 18.68 -10.03 -20.82
CA THR A 286 17.60 -10.59 -20.01
C THR A 286 18.14 -11.45 -18.87
N MET A 287 19.38 -11.91 -18.96
CA MET A 287 20.01 -12.55 -17.81
C MET A 287 20.30 -11.55 -16.71
N THR A 288 20.66 -10.31 -17.09
CA THR A 288 20.86 -9.26 -16.10
C THR A 288 19.52 -8.82 -15.51
N THR A 289 18.47 -8.77 -16.33
CA THR A 289 17.15 -8.40 -15.85
C THR A 289 16.57 -9.47 -14.94
N GLN A 290 16.74 -10.74 -15.30
CA GLN A 290 16.25 -11.83 -14.45
C GLN A 290 17.06 -11.93 -13.15
N SER A 291 18.35 -11.60 -13.20
CA SER A 291 19.13 -11.54 -11.97
C SER A 291 18.72 -10.38 -11.07
N SER A 292 18.29 -9.27 -11.68
CA SER A 292 17.77 -8.15 -10.90
C SER A 292 16.32 -8.34 -10.53
N GLY A 293 15.54 -9.00 -11.39
CA GLY A 293 14.14 -9.27 -11.10
C GLY A 293 13.90 -10.39 -10.10
N SER A 294 14.93 -11.19 -9.80
CA SER A 294 14.77 -12.26 -8.82
C SER A 294 14.75 -11.73 -7.39
N ARG A 295 15.26 -10.53 -7.17
CA ARG A 295 15.31 -9.91 -5.84
C ARG A 295 14.37 -8.70 -5.77
N ALA A 296 13.20 -8.82 -6.39
CA ALA A 296 12.27 -7.70 -6.47
C ALA A 296 11.52 -7.50 -5.16
N SER A 297 11.25 -8.56 -4.42
CA SER A 297 10.47 -8.50 -3.20
C SER A 297 11.25 -9.05 -2.01
N LEU A 298 12.51 -8.64 -1.89
CA LEU A 298 13.39 -9.16 -0.86
C LEU A 298 13.99 -8.02 -0.06
N PRO A 299 14.33 -8.25 1.21
CA PRO A 299 15.07 -7.23 1.96
C PRO A 299 16.49 -7.08 1.44
N LYS A 300 17.07 -5.90 1.72
CA LYS A 300 18.38 -5.55 1.19
C LYS A 300 19.45 -6.07 2.16
N VAL A 301 19.66 -7.38 2.11
CA VAL A 301 20.57 -8.05 3.04
C VAL A 301 22.01 -7.80 2.60
N SER A 302 22.92 -7.83 3.57
CA SER A 302 24.31 -7.48 3.36
C SER A 302 25.13 -8.57 2.68
N TYR A 303 24.65 -9.81 2.70
CA TYR A 303 25.43 -10.96 2.28
C TYR A 303 24.85 -11.56 1.00
N VAL A 304 25.61 -12.49 0.42
CA VAL A 304 25.24 -13.18 -0.81
C VAL A 304 24.39 -14.40 -0.44
N LYS A 305 23.39 -14.70 -1.25
CA LYS A 305 22.46 -15.78 -0.98
C LYS A 305 22.49 -16.81 -2.10
N ALA A 306 21.62 -17.83 -1.98
CA ALA A 306 21.66 -18.97 -2.89
C ALA A 306 21.14 -18.62 -4.28
N ILE A 307 20.15 -17.74 -4.37
CA ILE A 307 19.62 -17.36 -5.67
C ILE A 307 20.59 -16.41 -6.38
N ASP A 308 21.52 -15.79 -5.65
CA ASP A 308 22.50 -14.92 -6.29
C ASP A 308 23.53 -15.74 -7.05
N ILE A 309 24.09 -16.78 -6.43
CA ILE A 309 25.17 -17.55 -7.06
C ILE A 309 24.62 -18.64 -7.97
N TRP A 310 23.31 -18.63 -8.20
CA TRP A 310 22.78 -19.29 -9.39
C TRP A 310 22.66 -18.31 -10.54
N MET A 311 22.32 -17.06 -10.26
CA MET A 311 22.27 -16.05 -11.31
C MET A 311 23.67 -15.56 -11.67
N ALA A 312 24.53 -15.33 -10.69
CA ALA A 312 25.86 -14.78 -10.94
C ALA A 312 26.88 -15.82 -11.34
N VAL A 313 26.48 -17.07 -11.54
CA VAL A 313 27.32 -18.07 -12.20
C VAL A 313 26.78 -18.39 -13.58
N CYS A 314 25.46 -18.48 -13.74
CA CYS A 314 24.87 -18.57 -15.08
C CYS A 314 25.01 -17.27 -15.87
N LEU A 315 25.35 -16.15 -15.21
CA LEU A 315 25.74 -14.97 -15.95
C LEU A 315 27.10 -15.16 -16.62
N LEU A 316 27.97 -16.00 -16.05
CA LEU A 316 29.25 -16.29 -16.69
C LEU A 316 29.06 -17.17 -17.92
N PHE A 317 28.15 -18.15 -17.85
CA PHE A 317 27.96 -19.06 -18.97
C PHE A 317 27.27 -18.41 -20.16
N VAL A 318 26.66 -17.23 -19.99
CA VAL A 318 26.14 -16.46 -21.10
C VAL A 318 27.06 -15.32 -21.52
N PHE A 319 28.05 -14.98 -20.69
CA PHE A 319 29.02 -13.95 -21.01
C PHE A 319 30.33 -14.51 -21.54
N SER A 320 30.70 -15.73 -21.13
CA SER A 320 31.85 -16.40 -21.74
C SER A 320 31.54 -16.90 -23.14
N ALA A 321 30.26 -17.09 -23.47
CA ALA A 321 29.89 -17.48 -24.83
C ALA A 321 30.04 -16.35 -25.82
N LEU A 322 30.02 -15.09 -25.35
CA LEU A 322 30.30 -13.96 -26.22
C LEU A 322 31.77 -13.61 -26.26
N LEU A 323 32.49 -13.83 -25.15
CA LEU A 323 33.94 -13.68 -25.15
C LEU A 323 34.64 -14.73 -26.01
N GLU A 324 33.99 -15.88 -26.27
CA GLU A 324 34.56 -16.86 -27.17
C GLU A 324 34.51 -16.39 -28.61
N TYR A 325 33.38 -15.85 -29.06
CA TYR A 325 33.27 -15.37 -30.43
C TYR A 325 34.14 -14.14 -30.67
N ALA A 326 34.37 -13.33 -29.63
CA ALA A 326 35.35 -12.27 -29.74
C ALA A 326 36.76 -12.83 -29.84
N ALA A 327 37.00 -14.01 -29.25
CA ALA A 327 38.28 -14.68 -29.43
C ALA A 327 38.35 -15.43 -30.76
N VAL A 328 37.21 -15.88 -31.28
CA VAL A 328 37.20 -16.54 -32.59
C VAL A 328 37.43 -15.52 -33.70
N ASN A 329 36.72 -14.39 -33.63
CA ASN A 329 36.80 -13.37 -34.68
C ASN A 329 38.14 -12.64 -34.68
N PHE A 330 38.93 -12.75 -33.60
CA PHE A 330 40.28 -12.21 -33.59
C PHE A 330 41.32 -13.23 -34.07
N ILE A 331 41.07 -14.52 -33.91
CA ILE A 331 41.97 -15.53 -34.42
C ILE A 331 41.69 -15.85 -35.90
N ALA A 332 40.42 -15.87 -36.29
CA ALA A 332 40.08 -16.17 -37.68
C ALA A 332 40.48 -15.03 -38.62
N ARG A 333 40.17 -13.79 -38.23
CA ARG A 333 40.44 -12.63 -39.07
C ARG A 333 41.83 -12.03 -38.84
N GLN A 334 42.77 -12.81 -38.32
CA GLN A 334 44.15 -12.36 -38.17
C GLN A 334 45.02 -12.79 -39.35
N HIS A 335 45.11 -14.10 -39.58
CA HIS A 335 45.85 -14.73 -40.69
C HIS A 335 47.32 -14.31 -40.77
N VAL A 396 48.77 -16.86 -47.31
CA VAL A 396 49.67 -17.81 -47.94
C VAL A 396 48.95 -19.13 -48.21
N GLU A 397 49.71 -20.14 -48.62
CA GLU A 397 49.14 -21.46 -48.89
C GLU A 397 49.22 -22.36 -47.64
N GLU A 398 50.41 -22.43 -47.04
CA GLU A 398 50.60 -23.20 -45.82
C GLU A 398 49.93 -22.53 -44.64
N MET A 399 50.05 -21.20 -44.56
CA MET A 399 49.48 -20.43 -43.46
C MET A 399 47.95 -20.43 -43.47
N ARG A 400 47.33 -20.67 -44.64
CA ARG A 400 45.87 -20.72 -44.71
C ARG A 400 45.32 -21.94 -43.96
N LYS A 401 46.09 -23.03 -43.96
CA LYS A 401 45.65 -24.23 -43.24
C LYS A 401 45.79 -24.06 -41.73
N LEU A 402 46.60 -23.09 -41.30
CA LEU A 402 46.85 -22.91 -39.87
C LEU A 402 45.73 -22.16 -39.18
N PHE A 403 45.41 -20.95 -39.66
CA PHE A 403 44.49 -20.09 -38.92
C PHE A 403 43.02 -20.44 -39.18
N ILE A 404 42.75 -21.36 -40.10
CA ILE A 404 41.38 -21.85 -40.24
C ILE A 404 41.15 -23.06 -39.34
N SER A 405 42.14 -23.96 -39.27
CA SER A 405 42.04 -25.10 -38.36
C SER A 405 42.22 -24.71 -36.90
N ARG A 406 42.69 -23.50 -36.62
CA ARG A 406 42.82 -23.02 -35.25
C ARG A 406 41.57 -22.31 -34.77
N ALA A 407 40.86 -21.59 -35.64
CA ALA A 407 39.61 -20.95 -35.27
C ALA A 407 38.42 -21.89 -35.32
N LYS A 408 38.57 -23.06 -35.93
CA LYS A 408 37.55 -24.11 -35.87
C LYS A 408 37.76 -25.02 -34.66
N ARG A 409 38.99 -25.13 -34.18
CA ARG A 409 39.28 -25.90 -32.98
C ARG A 409 38.68 -25.25 -31.74
N ILE A 410 38.55 -23.91 -31.74
CA ILE A 410 37.93 -23.22 -30.61
C ILE A 410 36.43 -23.52 -30.57
N ASP A 411 35.80 -23.64 -31.73
CA ASP A 411 34.35 -23.85 -31.77
C ASP A 411 33.98 -25.28 -31.40
N THR A 412 34.62 -26.26 -32.02
CA THR A 412 34.19 -27.64 -31.87
C THR A 412 34.62 -28.29 -30.55
N VAL A 413 35.46 -27.62 -29.77
CA VAL A 413 35.83 -28.11 -28.45
C VAL A 413 34.98 -27.46 -27.36
N SER A 414 34.80 -26.14 -27.42
CA SER A 414 33.95 -25.43 -26.46
C SER A 414 32.46 -25.64 -26.72
N ARG A 415 32.08 -26.27 -27.82
CA ARG A 415 30.70 -26.69 -28.00
C ARG A 415 30.36 -27.85 -27.07
N VAL A 416 31.36 -28.65 -26.71
CA VAL A 416 31.17 -29.77 -25.81
C VAL A 416 31.74 -29.47 -24.41
N ALA A 417 32.69 -28.55 -24.30
CA ALA A 417 33.27 -28.23 -23.00
C ALA A 417 32.31 -27.47 -22.09
N PHE A 418 31.47 -26.61 -22.64
CA PHE A 418 30.48 -25.92 -21.83
C PHE A 418 29.35 -26.81 -21.30
N PRO A 419 28.90 -27.86 -21.98
CA PRO A 419 28.09 -28.87 -21.27
C PRO A 419 28.87 -29.76 -20.30
N LEU A 420 30.16 -29.55 -20.11
CA LEU A 420 30.92 -30.19 -19.04
C LEU A 420 31.13 -29.28 -17.85
N VAL A 421 31.36 -27.98 -18.09
CA VAL A 421 31.58 -27.03 -17.01
C VAL A 421 30.26 -26.65 -16.35
N PHE A 422 29.20 -26.46 -17.14
CA PHE A 422 27.90 -26.15 -16.57
C PHE A 422 27.29 -27.36 -15.87
N LEU A 423 27.67 -28.56 -16.27
CA LEU A 423 27.14 -29.75 -15.62
C LEU A 423 27.91 -30.08 -14.34
N ILE A 424 29.20 -29.72 -14.28
CA ILE A 424 29.97 -30.00 -13.06
C ILE A 424 29.68 -28.95 -11.99
N PHE A 425 29.20 -27.77 -12.37
CA PHE A 425 28.70 -26.81 -11.37
C PHE A 425 27.34 -27.23 -10.86
N ASN A 426 26.48 -27.73 -11.76
CA ASN A 426 25.12 -28.11 -11.41
C ASN A 426 25.10 -29.31 -10.48
N ILE A 427 26.11 -30.17 -10.53
CA ILE A 427 26.27 -31.22 -9.52
C ILE A 427 26.69 -30.60 -8.19
N PHE A 428 27.68 -29.70 -8.22
CA PHE A 428 28.22 -29.12 -7.00
C PHE A 428 27.26 -28.17 -6.31
N TYR A 429 26.34 -27.56 -7.06
CA TYR A 429 25.45 -26.56 -6.47
C TYR A 429 24.38 -27.20 -5.60
N TRP A 430 23.78 -28.30 -6.05
CA TRP A 430 22.65 -28.87 -5.33
C TRP A 430 23.08 -29.74 -4.16
N ILE A 431 24.25 -30.39 -4.24
CA ILE A 431 24.72 -31.22 -3.13
C ILE A 431 25.11 -30.33 -1.95
N THR A 432 25.54 -29.10 -2.22
CA THR A 432 25.89 -28.17 -1.14
C THR A 432 24.65 -27.74 -0.36
N TYR A 433 23.53 -27.53 -1.06
CA TYR A 433 22.37 -26.90 -0.44
C TYR A 433 21.24 -27.86 -0.06
N LYS A 434 21.09 -28.99 -0.76
CA LYS A 434 20.01 -29.91 -0.39
C LYS A 434 20.39 -30.71 0.86
N ILE A 435 21.68 -30.87 1.13
CA ILE A 435 22.11 -31.55 2.34
C ILE A 435 21.94 -30.64 3.55
N ILE A 436 22.37 -29.39 3.44
CA ILE A 436 22.20 -28.40 4.50
C ILE A 436 20.73 -28.03 4.67
N PRO B 31 -51.78 5.57 27.37
CA PRO B 31 -50.55 5.67 28.15
C PRO B 31 -49.64 4.46 27.95
N MET B 32 -48.73 4.24 28.92
CA MET B 32 -47.75 3.15 28.97
C MET B 32 -46.91 3.08 27.70
N PRO B 33 -45.93 3.98 27.53
CA PRO B 33 -45.05 3.92 26.36
C PRO B 33 -44.16 2.69 26.40
N PRO B 34 -43.65 2.23 25.26
CA PRO B 34 -42.88 0.97 25.26
C PRO B 34 -41.57 1.03 26.01
N SER B 35 -40.83 2.13 25.86
CA SER B 35 -39.51 2.23 26.49
C SER B 35 -39.60 2.31 28.00
N GLU B 36 -40.71 2.84 28.54
CA GLU B 36 -40.93 2.77 29.97
C GLU B 36 -41.44 1.40 30.38
N PHE B 37 -42.27 0.78 29.54
CA PHE B 37 -42.79 -0.55 29.83
C PHE B 37 -41.70 -1.61 29.75
N LEU B 38 -40.78 -1.47 28.79
CA LEU B 38 -39.76 -2.47 28.60
C LEU B 38 -38.64 -2.35 29.64
N ASP B 39 -38.45 -1.18 30.24
CA ASP B 39 -37.56 -1.07 31.40
C ASP B 39 -38.11 -1.77 32.62
N LYS B 40 -39.43 -1.96 32.70
CA LYS B 40 -40.01 -2.82 33.72
C LYS B 40 -39.78 -4.30 33.40
N LEU B 41 -39.74 -4.64 32.11
CA LEU B 41 -39.63 -6.04 31.70
C LEU B 41 -38.23 -6.60 31.91
N MET B 42 -37.19 -5.76 31.83
CA MET B 42 -35.82 -6.23 31.92
C MET B 42 -35.02 -5.56 33.03
N GLY B 43 -35.61 -4.66 33.81
CA GLY B 43 -34.86 -3.88 34.77
C GLY B 43 -34.56 -4.57 36.08
N LYS B 44 -34.61 -3.80 37.17
CA LYS B 44 -34.29 -4.34 38.49
C LYS B 44 -35.39 -5.29 38.97
N VAL B 45 -36.65 -4.92 38.73
CA VAL B 45 -37.77 -5.78 39.08
C VAL B 45 -37.87 -6.91 38.06
N SER B 46 -38.69 -7.92 38.37
CA SER B 46 -38.98 -9.14 37.61
C SER B 46 -37.79 -10.09 37.50
N GLY B 47 -36.65 -9.77 38.11
CA GLY B 47 -35.55 -10.72 38.20
C GLY B 47 -34.84 -11.03 36.91
N TYR B 48 -34.89 -10.16 35.92
CA TYR B 48 -34.21 -10.40 34.67
C TYR B 48 -32.72 -10.14 34.83
N ASP B 49 -31.90 -11.05 34.32
CA ASP B 49 -30.45 -10.92 34.38
C ASP B 49 -29.90 -11.23 33.00
N ALA B 50 -29.28 -10.24 32.37
CA ALA B 50 -28.76 -10.37 31.01
C ALA B 50 -27.51 -11.24 30.91
N ARG B 51 -26.94 -11.65 32.05
CA ARG B 51 -25.77 -12.50 32.07
C ARG B 51 -26.13 -13.98 32.05
N ILE B 52 -27.41 -14.31 32.04
CA ILE B 52 -27.89 -15.69 32.13
C ILE B 52 -28.72 -15.99 30.88
N ARG B 53 -28.44 -17.12 30.25
CA ARG B 53 -29.13 -17.48 29.02
C ARG B 53 -30.57 -17.92 29.33
N PRO B 54 -31.46 -17.84 28.33
CA PRO B 54 -32.83 -18.35 28.54
C PRO B 54 -32.84 -19.86 28.64
N ASN B 55 -33.92 -20.37 29.27
CA ASN B 55 -34.13 -21.78 29.56
C ASN B 55 -32.96 -22.38 30.33
N PHE B 56 -32.60 -21.71 31.43
CA PHE B 56 -31.43 -22.09 32.19
C PHE B 56 -31.71 -23.36 32.99
N LYS B 57 -30.68 -24.22 33.11
CA LYS B 57 -30.79 -25.59 33.64
C LYS B 57 -31.85 -26.39 32.91
N GLY B 58 -31.89 -26.25 31.59
CA GLY B 58 -32.86 -26.93 30.77
C GLY B 58 -32.34 -27.23 29.38
N PRO B 59 -33.22 -27.19 28.39
CA PRO B 59 -32.80 -27.45 27.01
C PRO B 59 -31.98 -26.29 26.47
N PRO B 60 -31.13 -26.53 25.48
CA PRO B 60 -30.27 -25.46 24.95
C PRO B 60 -31.08 -24.45 24.13
N VAL B 61 -30.45 -23.30 23.91
CA VAL B 61 -31.07 -22.21 23.15
C VAL B 61 -30.86 -22.46 21.67
N ASN B 62 -31.94 -22.50 20.92
CA ASN B 62 -31.89 -22.76 19.48
C ASN B 62 -31.94 -21.43 18.74
N VAL B 63 -30.77 -20.94 18.34
CA VAL B 63 -30.65 -19.68 17.62
C VAL B 63 -30.59 -19.98 16.13
N THR B 64 -31.55 -19.46 15.37
CA THR B 64 -31.57 -19.63 13.93
C THR B 64 -31.12 -18.33 13.26
N CYS B 65 -30.38 -18.48 12.15
CA CYS B 65 -29.66 -17.37 11.55
C CYS B 65 -29.85 -17.36 10.04
N ASN B 66 -29.80 -16.15 9.47
CA ASN B 66 -29.69 -15.95 8.03
C ASN B 66 -29.04 -14.61 7.76
N ILE B 67 -28.38 -14.50 6.60
CA ILE B 67 -27.57 -13.33 6.26
C ILE B 67 -28.08 -12.72 4.97
N PHE B 68 -27.75 -11.44 4.79
CA PHE B 68 -28.08 -10.68 3.58
C PHE B 68 -26.80 -10.01 3.09
N ILE B 69 -26.23 -10.51 2.00
CA ILE B 69 -24.96 -10.00 1.51
C ILE B 69 -25.21 -8.71 0.75
N ASN B 70 -24.81 -7.58 1.35
CA ASN B 70 -24.86 -6.30 0.65
C ASN B 70 -23.76 -6.21 -0.40
N SER B 71 -22.51 -6.25 0.06
CA SER B 71 -21.35 -6.15 -0.81
C SER B 71 -20.54 -7.43 -0.75
N PHE B 72 -19.83 -7.72 -1.84
CA PHE B 72 -19.00 -8.91 -1.93
C PHE B 72 -17.88 -8.59 -2.90
N GLY B 73 -16.72 -9.20 -2.67
CA GLY B 73 -15.65 -9.04 -3.62
C GLY B 73 -14.38 -8.57 -2.94
N SER B 74 -13.54 -7.90 -3.74
CA SER B 74 -12.13 -7.63 -3.44
C SER B 74 -11.43 -8.91 -3.01
N ILE B 75 -11.61 -9.95 -3.81
CA ILE B 75 -11.12 -11.29 -3.49
C ILE B 75 -9.65 -11.35 -3.83
N ALA B 76 -8.80 -11.07 -2.85
CA ALA B 76 -7.36 -11.09 -3.07
C ALA B 76 -6.84 -12.52 -3.06
N GLU B 77 -5.71 -12.72 -3.73
CA GLU B 77 -5.07 -14.03 -3.78
C GLU B 77 -3.67 -14.04 -3.19
N THR B 78 -3.02 -12.89 -3.07
CA THR B 78 -1.77 -12.81 -2.33
C THR B 78 -2.01 -13.05 -0.84
N THR B 79 -3.12 -12.54 -0.32
CA THR B 79 -3.51 -12.75 1.07
C THR B 79 -4.46 -13.93 1.22
N MET B 80 -5.11 -14.34 0.12
CA MET B 80 -6.15 -15.38 0.07
C MET B 80 -7.29 -15.08 1.03
N ASP B 81 -7.98 -13.97 0.77
CA ASP B 81 -9.12 -13.56 1.57
C ASP B 81 -10.08 -12.76 0.71
N TYR B 82 -11.29 -12.57 1.23
CA TYR B 82 -12.32 -11.79 0.56
C TYR B 82 -13.06 -10.95 1.58
N ARG B 83 -13.59 -9.82 1.13
CA ARG B 83 -14.32 -8.90 1.98
C ARG B 83 -15.81 -9.00 1.67
N VAL B 84 -16.62 -9.16 2.72
CA VAL B 84 -18.07 -9.25 2.59
C VAL B 84 -18.68 -8.24 3.53
N ASN B 85 -19.92 -7.84 3.23
CA ASN B 85 -20.66 -6.87 4.03
C ASN B 85 -22.07 -7.40 4.18
N ILE B 86 -22.40 -7.91 5.37
CA ILE B 86 -23.61 -8.70 5.56
C ILE B 86 -24.54 -8.02 6.56
N PHE B 87 -25.79 -8.48 6.53
CA PHE B 87 -26.78 -8.21 7.57
C PHE B 87 -26.99 -9.51 8.35
N LEU B 88 -26.42 -9.61 9.54
CA LEU B 88 -26.50 -10.83 10.33
C LEU B 88 -27.76 -10.80 11.18
N ARG B 89 -28.73 -11.63 10.84
CA ARG B 89 -29.98 -11.73 11.58
C ARG B 89 -29.93 -12.94 12.49
N GLN B 90 -30.40 -12.76 13.73
CA GLN B 90 -30.44 -13.83 14.71
C GLN B 90 -31.82 -13.87 15.34
N GLN B 91 -32.37 -15.08 15.47
CA GLN B 91 -33.69 -15.27 16.07
C GLN B 91 -33.60 -16.37 17.11
N TRP B 92 -33.99 -16.05 18.34
CA TRP B 92 -34.07 -17.03 19.41
C TRP B 92 -35.33 -16.75 20.22
N ASN B 93 -35.53 -17.55 21.27
CA ASN B 93 -36.69 -17.41 22.13
C ASN B 93 -36.22 -17.11 23.55
N ASP B 94 -36.84 -16.12 24.18
CA ASP B 94 -36.52 -15.73 25.55
C ASP B 94 -37.83 -15.66 26.32
N PRO B 95 -38.14 -16.67 27.16
CA PRO B 95 -39.43 -16.68 27.87
C PRO B 95 -39.56 -15.61 28.93
N ARG B 96 -38.47 -14.99 29.37
CA ARG B 96 -38.55 -13.91 30.35
C ARG B 96 -39.00 -12.59 29.73
N LEU B 97 -38.94 -12.47 28.40
CA LEU B 97 -39.36 -11.27 27.71
C LEU B 97 -40.76 -11.41 27.11
N ALA B 98 -41.52 -12.43 27.52
CA ALA B 98 -42.83 -12.69 26.95
C ALA B 98 -43.87 -11.88 27.74
N TYR B 99 -44.15 -10.67 27.27
CA TYR B 99 -45.20 -9.87 27.86
C TYR B 99 -46.57 -10.39 27.43
N SER B 100 -47.59 -10.03 28.18
CA SER B 100 -48.92 -10.53 27.90
C SER B 100 -49.98 -9.45 27.77
N GLU B 101 -49.90 -8.39 28.59
CA GLU B 101 -50.98 -7.41 28.68
C GLU B 101 -50.75 -6.17 27.84
N TYR B 102 -49.56 -5.99 27.28
CA TYR B 102 -49.33 -4.84 26.41
C TYR B 102 -49.97 -5.12 25.04
N PRO B 103 -50.70 -4.15 24.47
CA PRO B 103 -51.54 -4.46 23.31
C PRO B 103 -50.81 -4.69 22.00
N ASP B 104 -49.56 -4.25 21.85
CA ASP B 104 -48.88 -4.38 20.57
C ASP B 104 -48.37 -5.79 20.35
N ASP B 105 -47.90 -6.05 19.14
CA ASP B 105 -47.36 -7.35 18.76
C ASP B 105 -45.84 -7.37 18.74
N SER B 106 -45.19 -6.21 18.69
CA SER B 106 -43.73 -6.14 18.64
C SER B 106 -43.27 -4.86 19.32
N LEU B 107 -42.16 -4.96 20.05
CA LEU B 107 -41.54 -3.82 20.73
C LEU B 107 -40.12 -3.67 20.22
N ASP B 108 -39.87 -2.60 19.47
CA ASP B 108 -38.51 -2.31 19.04
C ASP B 108 -37.65 -1.85 20.22
N LEU B 109 -36.34 -2.04 20.08
CA LEU B 109 -35.39 -1.68 21.12
C LEU B 109 -34.21 -1.00 20.44
N ASP B 110 -34.04 0.29 20.69
CA ASP B 110 -32.95 1.02 20.06
C ASP B 110 -31.61 0.63 20.70
N PRO B 111 -30.49 0.79 19.99
CA PRO B 111 -29.20 0.29 20.51
C PRO B 111 -28.63 1.04 21.72
N SER B 112 -29.34 2.01 22.30
CA SER B 112 -28.87 2.62 23.54
C SER B 112 -29.01 1.66 24.71
N MET B 113 -30.08 0.86 24.72
CA MET B 113 -30.31 -0.15 25.74
C MET B 113 -29.96 -1.55 25.25
N LEU B 114 -29.02 -1.65 24.31
CA LEU B 114 -28.72 -2.92 23.66
C LEU B 114 -27.97 -3.89 24.56
N ASP B 115 -27.21 -3.39 25.54
CA ASP B 115 -26.43 -4.22 26.44
C ASP B 115 -27.21 -4.65 27.67
N SER B 116 -28.54 -4.67 27.60
CA SER B 116 -29.37 -4.94 28.76
C SER B 116 -30.14 -6.25 28.69
N ILE B 117 -30.17 -6.93 27.55
CA ILE B 117 -30.78 -8.25 27.44
C ILE B 117 -29.69 -9.24 27.03
N TRP B 118 -30.08 -10.51 26.97
CA TRP B 118 -29.16 -11.56 26.58
C TRP B 118 -28.96 -11.57 25.06
N LYS B 119 -27.73 -11.85 24.64
CA LYS B 119 -27.40 -12.01 23.24
C LYS B 119 -26.46 -13.19 23.08
N PRO B 120 -26.57 -13.94 22.00
CA PRO B 120 -25.63 -15.03 21.75
C PRO B 120 -24.26 -14.49 21.38
N ASP B 121 -23.22 -15.18 21.84
CA ASP B 121 -21.84 -14.78 21.59
C ASP B 121 -21.32 -15.42 20.29
N LEU B 122 -21.98 -15.06 19.20
CA LEU B 122 -21.58 -15.55 17.89
C LEU B 122 -20.29 -14.87 17.44
N PHE B 123 -19.45 -15.64 16.76
CA PHE B 123 -18.27 -15.09 16.12
C PHE B 123 -17.99 -15.90 14.87
N PHE B 124 -17.02 -15.47 14.10
CA PHE B 124 -16.63 -16.14 12.87
C PHE B 124 -15.26 -16.77 13.08
N ALA B 125 -15.12 -18.04 12.68
CA ALA B 125 -13.87 -18.74 12.92
C ALA B 125 -12.75 -18.29 11.98
N ASN B 126 -13.06 -17.50 10.97
CA ASN B 126 -12.09 -16.96 10.02
C ASN B 126 -12.30 -15.46 9.85
N GLU B 127 -12.35 -14.74 10.98
CA GLU B 127 -12.61 -13.29 10.97
C GLU B 127 -11.53 -12.51 10.22
N LYS B 128 -10.26 -12.64 10.66
CA LYS B 128 -9.11 -11.88 10.15
C LYS B 128 -9.40 -10.37 10.16
N GLY B 129 -9.90 -9.90 11.29
CA GLY B 129 -10.27 -8.51 11.40
C GLY B 129 -11.66 -8.20 10.89
N ALA B 130 -12.48 -7.57 11.73
CA ALA B 130 -13.83 -7.19 11.37
C ALA B 130 -14.28 -6.03 12.24
N ASN B 131 -15.35 -5.37 11.84
CA ASN B 131 -15.83 -4.19 12.55
C ASN B 131 -17.33 -4.03 12.35
N PHE B 132 -17.92 -3.21 13.22
CA PHE B 132 -19.33 -2.85 13.09
C PHE B 132 -19.45 -1.62 12.18
N HIS B 133 -20.66 -1.06 12.12
CA HIS B 133 -20.89 0.21 11.44
C HIS B 133 -21.70 1.10 12.38
N GLU B 134 -21.16 2.28 12.67
CA GLU B 134 -21.71 3.17 13.69
C GLU B 134 -21.89 4.57 13.13
N VAL B 135 -22.47 4.67 11.94
CA VAL B 135 -22.67 5.94 11.27
C VAL B 135 -24.08 6.44 11.54
N THR B 136 -24.15 7.56 12.29
CA THR B 136 -25.31 8.38 12.66
C THR B 136 -26.17 7.70 13.73
N THR B 137 -25.96 6.40 13.94
CA THR B 137 -26.60 5.51 14.91
C THR B 137 -25.86 4.18 14.80
N ASP B 138 -25.70 3.49 15.93
CA ASP B 138 -25.27 2.09 15.92
C ASP B 138 -26.23 1.27 15.07
N ASN B 139 -25.72 0.69 13.98
CA ASN B 139 -26.56 -0.06 13.05
C ASN B 139 -26.90 -1.42 13.66
N LYS B 140 -27.86 -1.40 14.57
CA LYS B 140 -28.32 -2.59 15.27
C LYS B 140 -29.84 -2.54 15.36
N LEU B 141 -30.47 -3.68 15.05
CA LEU B 141 -31.92 -3.82 15.08
C LEU B 141 -32.31 -4.84 16.13
N LEU B 142 -33.38 -4.56 16.86
CA LEU B 142 -33.81 -5.45 17.95
C LEU B 142 -35.28 -5.24 18.21
N ARG B 143 -36.08 -6.28 17.99
CA ARG B 143 -37.51 -6.25 18.26
C ARG B 143 -37.93 -7.52 18.97
N ILE B 144 -38.91 -7.40 19.85
CA ILE B 144 -39.35 -8.47 20.74
C ILE B 144 -40.82 -8.71 20.52
N SER B 145 -41.18 -9.94 20.15
CA SER B 145 -42.57 -10.30 19.92
C SER B 145 -43.27 -10.60 21.25
N LYS B 146 -44.54 -11.03 21.15
CA LYS B 146 -45.33 -11.24 22.36
C LYS B 146 -44.95 -12.54 23.06
N ASN B 147 -44.70 -13.61 22.30
CA ASN B 147 -44.39 -14.89 22.91
C ASN B 147 -42.94 -15.03 23.33
N GLY B 148 -42.09 -14.05 23.02
CA GLY B 148 -40.69 -14.10 23.37
C GLY B 148 -39.74 -14.20 22.21
N ASN B 149 -40.25 -14.20 20.98
CA ASN B 149 -39.37 -14.26 19.82
C ASN B 149 -38.62 -12.95 19.67
N VAL B 150 -37.30 -13.05 19.52
CA VAL B 150 -36.41 -11.89 19.52
C VAL B 150 -35.66 -11.88 18.19
N LEU B 151 -35.89 -10.84 17.39
CA LEU B 151 -35.15 -10.62 16.15
C LEU B 151 -34.01 -9.66 16.43
N TYR B 152 -32.82 -9.99 15.92
CA TYR B 152 -31.62 -9.21 16.20
C TYR B 152 -30.80 -9.13 14.93
N SER B 153 -30.76 -7.95 14.30
CA SER B 153 -30.11 -7.76 13.02
C SER B 153 -29.04 -6.68 13.15
N ILE B 154 -27.79 -7.03 12.83
CA ILE B 154 -26.67 -6.10 12.87
C ILE B 154 -25.95 -6.13 11.54
N ARG B 155 -25.17 -5.09 11.28
CA ARG B 155 -24.41 -4.95 10.04
C ARG B 155 -22.93 -5.11 10.36
N ILE B 156 -22.28 -6.08 9.71
CA ILE B 156 -20.89 -6.42 9.96
C ILE B 156 -20.14 -6.36 8.63
N THR B 157 -18.93 -5.82 8.65
CA THR B 157 -18.00 -5.93 7.54
C THR B 157 -16.89 -6.90 7.92
N LEU B 158 -16.75 -7.97 7.13
CA LEU B 158 -15.83 -9.06 7.41
C LEU B 158 -14.77 -9.10 6.32
N VAL B 159 -13.57 -9.59 6.67
CA VAL B 159 -12.54 -9.89 5.68
C VAL B 159 -12.21 -11.37 5.88
N LEU B 160 -12.96 -12.23 5.20
CA LEU B 160 -12.97 -13.65 5.53
C LEU B 160 -11.90 -14.39 4.74
N ALA B 161 -11.29 -15.38 5.38
CA ALA B 161 -10.19 -16.13 4.79
C ALA B 161 -10.71 -17.41 4.15
N CYS B 162 -10.26 -17.67 2.92
CA CYS B 162 -10.56 -18.92 2.25
C CYS B 162 -9.32 -19.40 1.51
N PRO B 163 -8.94 -20.68 1.64
CA PRO B 163 -7.77 -21.19 0.92
C PRO B 163 -8.06 -21.35 -0.57
N MET B 164 -7.18 -20.81 -1.39
CA MET B 164 -7.35 -20.81 -2.83
C MET B 164 -6.68 -22.04 -3.43
N ASP B 165 -7.44 -22.80 -4.21
CA ASP B 165 -6.92 -23.96 -4.94
C ASP B 165 -6.77 -23.54 -6.40
N LEU B 166 -5.53 -23.40 -6.85
CA LEU B 166 -5.22 -22.80 -8.15
C LEU B 166 -4.54 -23.81 -9.06
N LYS B 167 -5.05 -25.04 -9.12
CA LYS B 167 -4.43 -26.05 -9.98
C LYS B 167 -4.72 -25.78 -11.46
N ASN B 168 -5.94 -25.37 -11.77
CA ASN B 168 -6.33 -24.95 -13.11
C ASN B 168 -6.80 -23.50 -13.03
N PHE B 169 -5.84 -22.57 -13.14
CA PHE B 169 -6.03 -21.24 -12.57
C PHE B 169 -7.07 -20.37 -13.27
N PRO B 170 -7.08 -20.19 -14.61
CA PRO B 170 -8.15 -19.36 -15.17
C PRO B 170 -9.49 -20.06 -15.27
N MET B 171 -9.56 -21.37 -15.01
CA MET B 171 -10.79 -22.14 -15.19
C MET B 171 -11.27 -22.80 -13.90
N ASP B 172 -10.81 -22.32 -12.73
CA ASP B 172 -11.18 -22.98 -11.50
C ASP B 172 -12.51 -22.45 -10.95
N VAL B 173 -13.11 -23.23 -10.07
CA VAL B 173 -14.33 -22.86 -9.37
C VAL B 173 -13.98 -22.82 -7.89
N GLN B 174 -13.75 -21.62 -7.35
CA GLN B 174 -13.36 -21.47 -5.96
C GLN B 174 -14.56 -21.66 -5.05
N THR B 175 -14.30 -22.26 -3.89
CA THR B 175 -15.32 -22.47 -2.88
C THR B 175 -14.83 -21.80 -1.60
N CYS B 176 -15.31 -20.59 -1.34
CA CYS B 176 -14.94 -19.83 -0.16
C CYS B 176 -16.12 -19.83 0.82
N ILE B 177 -15.82 -20.14 2.08
CA ILE B 177 -16.85 -20.42 3.07
C ILE B 177 -16.87 -19.31 4.11
N MET B 178 -17.88 -19.35 4.97
CA MET B 178 -17.94 -18.54 6.17
C MET B 178 -18.68 -19.34 7.24
N GLN B 179 -18.10 -19.40 8.44
CA GLN B 179 -18.62 -20.26 9.49
C GLN B 179 -18.84 -19.48 10.78
N LEU B 180 -19.94 -19.80 11.47
CA LEU B 180 -20.49 -19.00 12.55
C LEU B 180 -20.50 -19.84 13.81
N GLU B 181 -19.54 -19.61 14.71
CA GLU B 181 -19.39 -20.43 15.90
C GLU B 181 -19.88 -19.70 17.14
N SER B 182 -20.02 -20.44 18.23
CA SER B 182 -20.17 -19.89 19.57
C SER B 182 -18.84 -19.97 20.30
N PHE B 183 -18.62 -19.02 21.20
CA PHE B 183 -17.33 -18.91 21.87
C PHE B 183 -17.36 -19.33 23.32
N GLY B 184 -18.45 -19.08 24.03
CA GLY B 184 -18.49 -19.34 25.46
C GLY B 184 -19.49 -20.40 25.87
N TYR B 185 -20.45 -20.69 25.00
CA TYR B 185 -21.49 -21.68 25.28
C TYR B 185 -21.24 -22.92 24.43
N THR B 186 -21.32 -24.08 25.07
CA THR B 186 -21.05 -25.35 24.39
C THR B 186 -22.33 -25.83 23.68
N MET B 187 -22.30 -27.08 23.21
CA MET B 187 -23.44 -27.62 22.46
C MET B 187 -24.65 -27.85 23.36
N ASN B 188 -24.43 -28.17 24.63
CA ASN B 188 -25.52 -28.41 25.56
C ASN B 188 -26.14 -27.13 26.12
N ASP B 189 -25.75 -25.97 25.64
CA ASP B 189 -26.31 -24.70 26.07
C ASP B 189 -26.79 -23.80 24.94
N LEU B 190 -26.30 -23.98 23.72
CA LEU B 190 -26.60 -23.05 22.63
C LEU B 190 -26.30 -23.75 21.31
N ILE B 191 -27.30 -23.82 20.42
CA ILE B 191 -27.18 -24.50 19.14
C ILE B 191 -27.52 -23.50 18.04
N PHE B 192 -26.66 -23.41 17.03
CA PHE B 192 -26.92 -22.59 15.85
C PHE B 192 -27.56 -23.43 14.75
N GLU B 193 -28.51 -22.83 14.04
CA GLU B 193 -29.19 -23.46 12.91
C GLU B 193 -29.36 -22.44 11.80
N TRP B 194 -29.50 -22.93 10.58
CA TRP B 194 -29.97 -22.08 9.49
C TRP B 194 -31.48 -22.21 9.37
N ASP B 195 -32.15 -21.11 9.04
CA ASP B 195 -33.58 -21.19 8.82
C ASP B 195 -33.87 -21.76 7.44
N GLU B 196 -35.08 -22.33 7.31
CA GLU B 196 -35.45 -22.97 6.05
C GLU B 196 -35.92 -21.98 5.00
N LYS B 197 -36.22 -20.75 5.39
CA LYS B 197 -36.78 -19.75 4.48
C LYS B 197 -35.68 -18.82 3.95
N GLY B 198 -34.85 -19.39 3.07
CA GLY B 198 -33.82 -18.59 2.43
C GLY B 198 -32.68 -18.20 3.36
N ALA B 199 -31.84 -19.16 3.72
CA ALA B 199 -30.82 -18.94 4.74
C ALA B 199 -29.71 -17.99 4.31
N VAL B 200 -29.52 -17.77 3.01
CA VAL B 200 -28.56 -16.78 2.51
C VAL B 200 -29.28 -15.99 1.42
N GLN B 201 -29.58 -14.72 1.69
CA GLN B 201 -30.07 -13.82 0.65
C GLN B 201 -28.92 -13.01 0.07
N VAL B 202 -29.03 -12.70 -1.22
CA VAL B 202 -28.06 -11.89 -1.95
C VAL B 202 -28.79 -10.67 -2.48
N ALA B 203 -28.12 -9.52 -2.50
CA ALA B 203 -28.69 -8.29 -3.03
C ALA B 203 -28.99 -8.42 -4.53
N ASP B 204 -29.78 -7.47 -5.03
CA ASP B 204 -30.39 -7.60 -6.35
C ASP B 204 -29.34 -7.46 -7.46
N GLY B 205 -28.68 -6.31 -7.51
CA GLY B 205 -27.72 -6.07 -8.58
C GLY B 205 -26.28 -6.29 -8.17
N LEU B 206 -26.03 -7.32 -7.37
CA LEU B 206 -24.68 -7.59 -6.86
C LEU B 206 -23.91 -8.36 -7.92
N THR B 207 -22.96 -7.68 -8.56
CA THR B 207 -22.06 -8.30 -9.52
C THR B 207 -20.63 -8.24 -9.01
N LEU B 208 -19.76 -9.00 -9.67
CA LEU B 208 -18.36 -9.08 -9.29
C LEU B 208 -17.47 -8.75 -10.48
N PRO B 209 -16.30 -8.13 -10.25
CA PRO B 209 -15.44 -7.77 -11.39
C PRO B 209 -14.77 -8.96 -12.05
N GLN B 210 -14.40 -9.98 -11.28
CA GLN B 210 -13.66 -11.11 -11.81
C GLN B 210 -14.42 -12.43 -11.75
N PHE B 211 -15.42 -12.54 -10.89
CA PHE B 211 -16.08 -13.80 -10.60
C PHE B 211 -17.57 -13.69 -10.89
N ILE B 212 -18.26 -14.83 -10.76
CA ILE B 212 -19.71 -14.88 -10.70
C ILE B 212 -20.09 -15.79 -9.54
N LEU B 213 -21.11 -15.38 -8.78
CA LEU B 213 -21.57 -16.14 -7.62
C LEU B 213 -22.67 -17.09 -8.06
N LYS B 214 -22.44 -18.39 -7.92
CA LYS B 214 -23.43 -19.38 -8.30
C LYS B 214 -24.59 -19.39 -7.32
N GLU B 215 -25.76 -19.78 -7.83
CA GLU B 215 -26.99 -19.67 -7.04
C GLU B 215 -27.13 -20.77 -6.00
N GLU B 216 -26.53 -21.93 -6.24
CA GLU B 216 -26.58 -23.02 -5.28
C GLU B 216 -25.54 -22.78 -4.18
N LYS B 217 -26.00 -22.64 -2.94
CA LYS B 217 -25.14 -22.38 -1.81
C LYS B 217 -25.33 -23.50 -0.79
N ASP B 218 -24.27 -24.24 -0.53
CA ASP B 218 -24.35 -25.38 0.38
C ASP B 218 -24.50 -24.91 1.82
N LEU B 219 -25.22 -25.70 2.61
CA LEU B 219 -25.47 -25.39 4.01
C LEU B 219 -25.22 -26.64 4.82
N ARG B 220 -24.14 -26.67 5.59
CA ARG B 220 -23.79 -27.86 6.35
C ARG B 220 -23.19 -27.46 7.69
N TYR B 221 -22.92 -28.46 8.52
CA TYR B 221 -22.43 -28.23 9.87
C TYR B 221 -20.91 -28.38 9.93
N CYS B 222 -20.32 -27.69 10.90
CA CYS B 222 -18.86 -27.61 11.05
C CYS B 222 -18.47 -27.71 12.52
N THR B 223 -19.16 -28.58 13.27
CA THR B 223 -19.07 -28.65 14.72
C THR B 223 -17.67 -28.97 15.21
N LYS B 224 -17.10 -28.07 16.01
CA LYS B 224 -15.71 -28.14 16.42
C LYS B 224 -15.57 -28.87 17.75
N HIS B 225 -14.44 -29.54 17.93
CA HIS B 225 -14.09 -30.21 19.18
C HIS B 225 -12.76 -29.66 19.66
N TYR B 226 -12.78 -28.98 20.80
CA TYR B 226 -11.57 -28.49 21.45
C TYR B 226 -11.34 -29.27 22.74
N ASN B 227 -10.28 -28.92 23.46
CA ASN B 227 -10.05 -29.46 24.78
C ASN B 227 -10.85 -28.75 25.86
N THR B 228 -11.53 -27.67 25.52
CA THR B 228 -12.47 -27.00 26.41
C THR B 228 -13.85 -27.66 26.35
N GLY B 229 -14.30 -27.97 25.15
CA GLY B 229 -15.57 -28.64 24.98
C GLY B 229 -15.84 -28.83 23.50
N LYS B 230 -17.11 -29.02 23.17
CA LYS B 230 -17.56 -29.01 21.78
C LYS B 230 -18.49 -27.81 21.58
N PHE B 231 -18.29 -27.10 20.49
CA PHE B 231 -18.97 -25.83 20.26
C PHE B 231 -19.72 -25.89 18.94
N THR B 232 -20.88 -25.23 18.91
CA THR B 232 -21.71 -25.27 17.72
C THR B 232 -21.11 -24.42 16.61
N CYS B 233 -21.49 -24.75 15.38
CA CYS B 233 -20.93 -24.13 14.18
C CYS B 233 -21.86 -24.44 13.02
N ILE B 234 -22.17 -23.43 12.23
CA ILE B 234 -22.89 -23.59 10.98
C ILE B 234 -22.14 -22.80 9.92
N GLU B 235 -22.20 -23.27 8.67
CA GLU B 235 -21.47 -22.59 7.63
C GLU B 235 -22.20 -22.66 6.30
N ALA B 236 -21.83 -21.74 5.41
CA ALA B 236 -22.42 -21.63 4.09
C ALA B 236 -21.30 -21.54 3.06
N ARG B 237 -21.34 -22.42 2.07
CA ARG B 237 -20.36 -22.41 1.00
C ARG B 237 -20.81 -21.44 -0.10
N PHE B 238 -19.84 -20.75 -0.69
CA PHE B 238 -20.08 -19.87 -1.83
C PHE B 238 -19.20 -20.33 -2.97
N HIS B 239 -19.81 -20.80 -4.05
CA HIS B 239 -19.08 -21.29 -5.21
C HIS B 239 -18.78 -20.11 -6.14
N LEU B 240 -17.51 -19.82 -6.36
CA LEU B 240 -17.08 -18.69 -7.16
C LEU B 240 -16.41 -19.19 -8.43
N GLU B 241 -17.05 -18.96 -9.56
CA GLU B 241 -16.53 -19.32 -10.88
C GLU B 241 -15.92 -18.08 -11.51
N ARG B 242 -14.75 -18.22 -12.12
CA ARG B 242 -14.09 -17.06 -12.70
C ARG B 242 -14.73 -16.64 -14.01
N GLN B 243 -14.39 -15.43 -14.42
CA GLN B 243 -14.67 -14.94 -15.76
C GLN B 243 -13.40 -15.09 -16.59
N MET B 244 -13.42 -16.03 -17.53
CA MET B 244 -12.25 -16.36 -18.33
C MET B 244 -11.97 -15.32 -19.41
N GLY B 245 -12.92 -14.42 -19.67
CA GLY B 245 -12.80 -13.46 -20.75
C GLY B 245 -11.69 -12.45 -20.60
N TYR B 246 -11.23 -12.18 -19.37
CA TYR B 246 -10.07 -11.31 -19.21
C TYR B 246 -8.80 -12.01 -19.61
N TYR B 247 -8.59 -13.23 -19.13
CA TYR B 247 -7.35 -13.96 -19.40
C TYR B 247 -7.30 -14.47 -20.84
N LEU B 248 -8.43 -14.49 -21.53
CA LEU B 248 -8.47 -14.83 -22.93
C LEU B 248 -8.01 -13.67 -23.82
N ILE B 249 -7.90 -12.46 -23.27
CA ILE B 249 -7.47 -11.29 -24.03
C ILE B 249 -5.99 -10.97 -23.77
N GLN B 250 -5.58 -10.91 -22.51
CA GLN B 250 -4.23 -10.46 -22.20
C GLN B 250 -3.20 -11.58 -22.34
N MET B 251 -3.54 -12.80 -21.93
CA MET B 251 -2.54 -13.86 -21.80
C MET B 251 -2.61 -14.92 -22.89
N TYR B 252 -3.74 -15.06 -23.58
CA TYR B 252 -3.87 -16.15 -24.55
C TYR B 252 -3.62 -15.69 -25.98
N ILE B 253 -4.18 -14.56 -26.39
CA ILE B 253 -4.03 -14.06 -27.75
C ILE B 253 -2.62 -13.54 -28.02
N PRO B 254 -1.95 -12.73 -27.16
CA PRO B 254 -0.54 -12.40 -27.45
C PRO B 254 0.42 -13.58 -27.32
N SER B 255 0.03 -14.65 -26.62
CA SER B 255 0.82 -15.88 -26.65
C SER B 255 0.50 -16.75 -27.85
N LEU B 256 -0.64 -16.53 -28.50
CA LEU B 256 -0.95 -17.18 -29.76
C LEU B 256 -0.50 -16.36 -30.96
N LEU B 257 -0.40 -15.04 -30.81
CA LEU B 257 0.09 -14.19 -31.89
C LEU B 257 1.60 -14.32 -32.05
N ILE B 258 2.32 -14.55 -30.94
CA ILE B 258 3.77 -14.65 -30.98
C ILE B 258 4.25 -15.98 -31.56
N VAL B 259 3.37 -16.99 -31.61
CA VAL B 259 3.71 -18.23 -32.30
C VAL B 259 3.54 -18.05 -33.80
N ILE B 260 2.53 -17.27 -34.22
CA ILE B 260 2.40 -16.88 -35.62
C ILE B 260 3.55 -15.99 -36.03
N LEU B 261 4.03 -15.17 -35.09
CA LEU B 261 5.20 -14.33 -35.33
C LEU B 261 6.47 -15.16 -35.51
N SER B 262 6.58 -16.28 -34.80
CA SER B 262 7.72 -17.18 -34.98
C SER B 262 7.62 -18.02 -36.25
N TRP B 263 6.46 -18.09 -36.87
CA TRP B 263 6.31 -18.81 -38.12
C TRP B 263 6.60 -17.94 -39.33
N VAL B 264 6.91 -16.66 -39.12
CA VAL B 264 7.34 -15.78 -40.19
C VAL B 264 8.76 -16.14 -40.63
N SER B 265 9.57 -16.65 -39.70
CA SER B 265 10.96 -17.00 -39.96
C SER B 265 11.12 -18.15 -40.95
N PHE B 266 10.07 -18.91 -41.25
CA PHE B 266 10.14 -19.96 -42.24
C PHE B 266 10.04 -19.44 -43.67
N TRP B 267 9.77 -18.14 -43.83
CA TRP B 267 9.59 -17.53 -45.14
C TRP B 267 10.69 -16.56 -45.51
N ILE B 268 11.46 -16.07 -44.54
CA ILE B 268 12.46 -15.02 -44.78
C ILE B 268 13.70 -15.66 -45.40
N ASN B 269 13.90 -15.43 -46.71
CA ASN B 269 15.04 -15.79 -47.55
C ASN B 269 15.19 -17.29 -47.79
N MET B 270 14.37 -18.14 -47.15
CA MET B 270 14.03 -19.54 -47.41
C MET B 270 15.19 -20.53 -47.26
N ASP B 271 16.41 -20.05 -47.07
CA ASP B 271 17.48 -20.96 -46.68
C ASP B 271 18.34 -20.44 -45.54
N ALA B 272 18.66 -19.14 -45.55
CA ALA B 272 19.65 -18.59 -44.64
C ALA B 272 19.54 -17.07 -44.62
N ALA B 273 19.63 -16.49 -43.43
CA ALA B 273 19.50 -15.06 -43.24
C ALA B 273 20.09 -14.70 -41.88
N PRO B 274 20.59 -13.47 -41.72
CA PRO B 274 20.88 -12.96 -40.37
C PRO B 274 19.65 -12.43 -39.64
N ALA B 275 18.48 -12.47 -40.29
CA ALA B 275 17.23 -12.01 -39.69
C ALA B 275 16.41 -13.13 -39.08
N ARG B 276 16.63 -14.38 -39.52
CA ARG B 276 15.94 -15.50 -38.89
C ARG B 276 16.49 -15.78 -37.49
N VAL B 277 17.75 -15.44 -37.25
CA VAL B 277 18.26 -15.44 -35.89
C VAL B 277 17.60 -14.32 -35.08
N GLY B 278 17.46 -13.13 -35.69
CA GLY B 278 16.87 -12.00 -35.00
C GLY B 278 15.40 -12.18 -34.69
N LEU B 279 14.70 -12.97 -35.50
CA LEU B 279 13.32 -13.33 -35.18
C LEU B 279 13.25 -14.55 -34.27
N GLY B 280 14.30 -15.36 -34.24
CA GLY B 280 14.35 -16.50 -33.34
C GLY B 280 14.67 -16.13 -31.92
N ILE B 281 15.54 -15.12 -31.74
CA ILE B 281 15.88 -14.67 -30.39
C ILE B 281 14.73 -13.90 -29.78
N THR B 282 14.17 -12.95 -30.54
CA THR B 282 13.31 -11.91 -30.00
C THR B 282 11.95 -12.45 -29.58
N THR B 283 11.48 -13.50 -30.23
CA THR B 283 10.22 -14.14 -29.84
C THR B 283 10.38 -15.10 -28.67
N VAL B 284 11.57 -15.19 -28.08
CA VAL B 284 11.80 -15.95 -26.86
C VAL B 284 11.90 -14.94 -25.72
N LEU B 285 12.37 -13.73 -26.05
CA LEU B 285 12.58 -12.68 -25.06
C LEU B 285 11.27 -12.23 -24.43
N THR B 286 10.36 -11.70 -25.25
CA THR B 286 9.07 -11.25 -24.75
C THR B 286 8.17 -12.42 -24.38
N MET B 287 8.45 -13.62 -24.89
CA MET B 287 7.74 -14.79 -24.41
C MET B 287 8.17 -15.15 -22.99
N THR B 288 9.43 -14.92 -22.66
CA THR B 288 9.90 -15.11 -21.29
C THR B 288 9.33 -14.03 -20.38
N THR B 289 9.22 -12.79 -20.89
CA THR B 289 8.66 -11.69 -20.11
C THR B 289 7.17 -11.90 -19.88
N GLN B 290 6.44 -12.36 -20.91
CA GLN B 290 5.01 -12.62 -20.75
C GLN B 290 4.77 -13.84 -19.85
N SER B 291 5.69 -14.81 -19.86
CA SER B 291 5.58 -15.93 -18.94
C SER B 291 5.88 -15.50 -17.51
N SER B 292 6.77 -14.53 -17.33
CA SER B 292 7.05 -14.01 -15.99
C SER B 292 6.03 -12.95 -15.58
N GLY B 293 5.54 -12.16 -16.53
CA GLY B 293 4.54 -11.15 -16.22
C GLY B 293 3.14 -11.68 -15.99
N SER B 294 2.87 -12.94 -16.35
CA SER B 294 1.55 -13.51 -16.12
C SER B 294 1.32 -13.86 -14.66
N ARG B 295 2.39 -14.02 -13.87
CA ARG B 295 2.30 -14.34 -12.45
C ARG B 295 2.77 -13.18 -11.59
N ALA B 296 2.42 -11.96 -11.99
CA ALA B 296 2.89 -10.78 -11.27
C ALA B 296 2.11 -10.52 -9.99
N SER B 297 0.82 -10.90 -9.95
CA SER B 297 -0.04 -10.64 -8.81
C SER B 297 -0.63 -11.92 -8.26
N LEU B 298 0.20 -12.96 -8.13
CA LEU B 298 -0.27 -14.27 -7.74
C LEU B 298 0.52 -14.76 -6.53
N PRO B 299 -0.08 -15.61 -5.69
CA PRO B 299 0.70 -16.21 -4.60
C PRO B 299 1.72 -17.20 -5.13
N LYS B 300 2.79 -17.38 -4.35
CA LYS B 300 3.92 -18.21 -4.76
C LYS B 300 3.61 -19.66 -4.39
N VAL B 301 2.75 -20.27 -5.19
CA VAL B 301 2.28 -21.63 -4.93
C VAL B 301 3.34 -22.64 -5.34
N SER B 302 3.35 -23.78 -4.66
CA SER B 302 4.36 -24.81 -4.84
C SER B 302 4.21 -25.61 -6.13
N TYR B 303 3.05 -25.60 -6.74
CA TYR B 303 2.71 -26.50 -7.84
C TYR B 303 2.54 -25.71 -9.14
N VAL B 304 2.45 -26.47 -10.23
CA VAL B 304 2.28 -25.92 -11.57
C VAL B 304 0.78 -25.71 -11.82
N LYS B 305 0.44 -24.64 -12.51
CA LYS B 305 -0.95 -24.28 -12.76
C LYS B 305 -1.22 -24.22 -14.26
N ALA B 306 -2.45 -23.84 -14.62
CA ALA B 306 -2.90 -23.91 -16.01
C ALA B 306 -2.27 -22.82 -16.86
N ILE B 307 -2.02 -21.65 -16.30
CA ILE B 307 -1.40 -20.58 -17.08
C ILE B 307 0.09 -20.85 -17.27
N ASP B 308 0.68 -21.73 -16.46
CA ASP B 308 2.09 -22.07 -16.64
C ASP B 308 2.29 -22.94 -17.87
N ILE B 309 1.49 -23.99 -18.03
CA ILE B 309 1.69 -24.93 -19.13
C ILE B 309 1.00 -24.46 -20.41
N TRP B 310 0.48 -23.22 -20.40
CA TRP B 310 0.24 -22.55 -21.66
C TRP B 310 1.43 -21.68 -22.04
N MET B 311 2.10 -21.09 -21.06
CA MET B 311 3.31 -20.32 -21.35
C MET B 311 4.51 -21.24 -21.58
N ALA B 312 4.66 -22.29 -20.76
CA ALA B 312 5.82 -23.16 -20.86
C ALA B 312 5.68 -24.25 -21.92
N VAL B 313 4.63 -24.22 -22.72
CA VAL B 313 4.56 -25.03 -23.94
C VAL B 313 4.67 -24.17 -25.18
N CYS B 314 4.04 -22.98 -25.16
CA CYS B 314 4.27 -22.00 -26.23
C CYS B 314 5.67 -21.39 -26.16
N LEU B 315 6.39 -21.57 -25.05
CA LEU B 315 7.81 -21.26 -25.04
C LEU B 315 8.60 -22.25 -25.88
N LEU B 316 8.13 -23.49 -25.99
CA LEU B 316 8.81 -24.47 -26.85
C LEU B 316 8.57 -24.16 -28.32
N PHE B 317 7.37 -23.71 -28.68
CA PHE B 317 7.07 -23.44 -30.09
C PHE B 317 7.76 -22.18 -30.60
N VAL B 318 8.28 -21.33 -29.72
CA VAL B 318 9.10 -20.19 -30.14
C VAL B 318 10.59 -20.46 -29.96
N PHE B 319 10.97 -21.51 -29.23
CA PHE B 319 12.36 -21.90 -29.06
C PHE B 319 12.78 -23.01 -30.00
N SER B 320 11.86 -23.87 -30.41
CA SER B 320 12.16 -24.87 -31.44
C SER B 320 12.26 -24.24 -32.82
N ALA B 321 11.67 -23.07 -33.02
CA ALA B 321 11.79 -22.38 -34.30
C ALA B 321 13.17 -21.76 -34.49
N LEU B 322 13.89 -21.50 -33.41
CA LEU B 322 15.27 -21.04 -33.50
C LEU B 322 16.25 -22.21 -33.55
N LEU B 323 15.94 -23.31 -32.88
CA LEU B 323 16.74 -24.52 -33.02
C LEU B 323 16.64 -25.14 -34.41
N GLU B 324 15.57 -24.85 -35.16
CA GLU B 324 15.49 -25.34 -36.53
C GLU B 324 16.47 -24.58 -37.45
N TYR B 325 16.53 -23.25 -37.34
CA TYR B 325 17.45 -22.50 -38.17
C TYR B 325 18.90 -22.76 -37.80
N ALA B 326 19.16 -23.09 -36.52
CA ALA B 326 20.48 -23.57 -36.15
C ALA B 326 20.76 -24.94 -36.75
N ALA B 327 19.72 -25.74 -36.97
CA ALA B 327 19.90 -27.01 -37.67
C ALA B 327 19.96 -26.82 -39.18
N VAL B 328 19.31 -25.79 -39.72
CA VAL B 328 19.40 -25.52 -41.15
C VAL B 328 20.78 -24.97 -41.51
N ASN B 329 21.26 -24.01 -40.72
CA ASN B 329 22.54 -23.35 -41.00
C ASN B 329 23.74 -24.27 -40.77
N PHE B 330 23.55 -25.38 -40.06
CA PHE B 330 24.58 -26.40 -39.94
C PHE B 330 24.52 -27.44 -41.05
N ILE B 331 23.35 -27.70 -41.62
CA ILE B 331 23.23 -28.62 -42.74
C ILE B 331 23.50 -27.94 -44.08
N ALA B 332 23.04 -26.69 -44.24
CA ALA B 332 23.26 -25.97 -45.50
C ALA B 332 24.72 -25.58 -45.68
N ARG B 333 25.35 -25.06 -44.62
CA ARG B 333 26.73 -24.60 -44.70
C ARG B 333 27.75 -25.69 -44.37
N GLN B 334 27.37 -26.96 -44.52
CA GLN B 334 28.31 -28.07 -44.34
C GLN B 334 28.90 -28.51 -45.67
N HIS B 335 28.04 -28.95 -46.60
CA HIS B 335 28.39 -29.39 -47.96
C HIS B 335 29.45 -30.48 -48.00
N VAL B 396 31.23 -30.24 -54.89
CA VAL B 396 31.17 -31.11 -56.05
C VAL B 396 29.92 -30.80 -56.88
N GLU B 397 29.73 -31.56 -57.95
CA GLU B 397 28.57 -31.36 -58.83
C GLU B 397 27.37 -32.18 -58.35
N GLU B 398 27.58 -33.47 -58.10
CA GLU B 398 26.53 -34.34 -57.59
C GLU B 398 26.17 -33.98 -56.16
N MET B 399 27.19 -33.69 -55.34
CA MET B 399 27.00 -33.36 -53.93
C MET B 399 26.27 -32.03 -53.74
N ARG B 400 26.32 -31.13 -54.73
CA ARG B 400 25.60 -29.86 -54.62
C ARG B 400 24.09 -30.08 -54.64
N LYS B 401 23.63 -31.10 -55.35
CA LYS B 401 22.19 -31.40 -55.37
C LYS B 401 21.73 -32.04 -54.06
N LEU B 402 22.66 -32.58 -53.28
CA LEU B 402 22.31 -33.29 -52.06
C LEU B 402 22.01 -32.33 -50.91
N PHE B 403 22.99 -31.48 -50.55
CA PHE B 403 22.86 -30.69 -49.33
C PHE B 403 21.98 -29.45 -49.52
N ILE B 404 21.65 -29.09 -50.76
CA ILE B 404 20.70 -28.01 -50.96
C ILE B 404 19.27 -28.54 -50.88
N SER B 405 19.01 -29.73 -51.46
CA SER B 405 17.71 -30.35 -51.36
C SER B 405 17.44 -30.94 -49.97
N ARG B 406 18.47 -31.05 -49.13
CA ARG B 406 18.29 -31.53 -47.76
C ARG B 406 18.01 -30.40 -46.78
N ALA B 407 18.61 -29.23 -46.97
CA ALA B 407 18.34 -28.08 -46.12
C ALA B 407 17.08 -27.33 -46.53
N LYS B 408 16.53 -27.62 -47.69
CA LYS B 408 15.23 -27.09 -48.07
C LYS B 408 14.10 -28.01 -47.63
N ARG B 409 14.39 -29.30 -47.47
CA ARG B 409 13.41 -30.26 -46.96
C ARG B 409 13.09 -29.99 -45.49
N ILE B 410 14.03 -29.43 -44.74
CA ILE B 410 13.78 -29.07 -43.34
C ILE B 410 12.80 -27.90 -43.26
N ASP B 411 12.93 -26.94 -44.18
CA ASP B 411 12.10 -25.73 -44.11
C ASP B 411 10.68 -26.01 -44.56
N THR B 412 10.50 -26.64 -45.73
CA THR B 412 9.17 -26.77 -46.32
C THR B 412 8.31 -27.85 -45.66
N VAL B 413 8.86 -28.67 -44.78
CA VAL B 413 8.08 -29.65 -44.03
C VAL B 413 7.70 -29.12 -42.65
N SER B 414 8.64 -28.50 -41.95
CA SER B 414 8.35 -27.89 -40.65
C SER B 414 7.59 -26.58 -40.75
N ARG B 415 7.40 -26.05 -41.96
CA ARG B 415 6.50 -24.92 -42.16
C ARG B 415 5.04 -25.36 -42.00
N VAL B 416 4.77 -26.62 -42.28
CA VAL B 416 3.42 -27.17 -42.15
C VAL B 416 3.30 -28.08 -40.93
N ALA B 417 4.40 -28.66 -40.44
CA ALA B 417 4.34 -29.55 -39.29
C ALA B 417 4.06 -28.81 -37.99
N PHE B 418 4.57 -27.59 -37.84
CA PHE B 418 4.29 -26.80 -36.64
C PHE B 418 2.85 -26.30 -36.54
N PRO B 419 2.12 -25.99 -37.63
CA PRO B 419 0.66 -25.87 -37.48
C PRO B 419 -0.09 -27.19 -37.30
N LEU B 420 0.60 -28.33 -37.22
CA LEU B 420 -0.02 -29.58 -36.82
C LEU B 420 0.26 -29.92 -35.36
N VAL B 421 1.46 -29.62 -34.87
CA VAL B 421 1.81 -29.92 -33.49
C VAL B 421 1.20 -28.90 -32.54
N PHE B 422 1.20 -27.61 -32.93
CA PHE B 422 0.58 -26.59 -32.09
C PHE B 422 -0.94 -26.70 -32.11
N LEU B 423 -1.51 -27.26 -33.17
CA LEU B 423 -2.96 -27.43 -33.23
C LEU B 423 -3.41 -28.68 -32.47
N ILE B 424 -2.58 -29.72 -32.42
CA ILE B 424 -2.97 -30.93 -31.69
C ILE B 424 -2.77 -30.74 -30.19
N PHE B 425 -1.92 -29.80 -29.77
CA PHE B 425 -1.85 -29.44 -28.37
C PHE B 425 -3.03 -28.57 -27.96
N ASN B 426 -3.44 -27.65 -28.85
CA ASN B 426 -4.52 -26.73 -28.56
C ASN B 426 -5.86 -27.45 -28.47
N ILE B 427 -6.02 -28.56 -29.17
CA ILE B 427 -7.18 -29.42 -28.95
C ILE B 427 -7.08 -30.10 -27.58
N PHE B 428 -5.90 -30.62 -27.25
CA PHE B 428 -5.71 -31.37 -26.01
C PHE B 428 -5.76 -30.47 -24.78
N TYR B 429 -5.45 -29.18 -24.92
CA TYR B 429 -5.38 -28.30 -23.76
C TYR B 429 -6.76 -27.93 -23.25
N TRP B 430 -7.70 -27.63 -24.15
CA TRP B 430 -8.99 -27.12 -23.72
C TRP B 430 -9.96 -28.22 -23.32
N ILE B 431 -9.84 -29.42 -23.89
CA ILE B 431 -10.71 -30.52 -23.51
C ILE B 431 -10.36 -31.01 -22.11
N THR B 432 -9.10 -30.86 -21.70
CA THR B 432 -8.68 -31.25 -20.36
C THR B 432 -9.29 -30.33 -19.30
N TYR B 433 -9.37 -29.03 -19.58
CA TYR B 433 -9.70 -28.05 -18.56
C TYR B 433 -11.15 -27.56 -18.60
N LYS B 434 -11.78 -27.50 -19.78
CA LYS B 434 -13.16 -27.01 -19.83
C LYS B 434 -14.14 -28.07 -19.32
N ILE B 435 -13.75 -29.34 -19.38
CA ILE B 435 -14.59 -30.39 -18.82
C ILE B 435 -14.51 -30.40 -17.29
N ILE B 436 -13.31 -30.27 -16.75
CA ILE B 436 -13.12 -30.20 -15.30
C ILE B 436 -13.65 -28.87 -14.77
N PRO C 31 -32.35 36.54 32.83
CA PRO C 31 -32.03 35.20 33.34
C PRO C 31 -32.44 34.09 32.38
N MET C 32 -32.60 32.87 32.92
CA MET C 32 -32.98 31.65 32.21
C MET C 32 -32.08 31.37 31.01
N PRO C 33 -30.86 30.89 31.23
CA PRO C 33 -29.96 30.55 30.11
C PRO C 33 -30.49 29.36 29.33
N PRO C 34 -30.09 29.20 28.06
CA PRO C 34 -30.69 28.13 27.24
C PRO C 34 -30.34 26.73 27.69
N SER C 35 -29.09 26.49 28.08
CA SER C 35 -28.66 25.15 28.46
C SER C 35 -29.31 24.68 29.76
N GLU C 36 -29.66 25.61 30.64
CA GLU C 36 -30.43 25.24 31.83
C GLU C 36 -31.91 25.10 31.48
N PHE C 37 -32.42 25.93 30.56
CA PHE C 37 -33.81 25.83 30.14
C PHE C 37 -34.06 24.57 29.33
N LEU C 38 -33.11 24.19 28.48
CA LEU C 38 -33.33 23.03 27.62
C LEU C 38 -33.17 21.72 28.38
N ASP C 39 -32.44 21.72 29.49
CA ASP C 39 -32.42 20.55 30.37
C ASP C 39 -33.77 20.34 31.06
N LYS C 40 -34.56 21.40 31.22
CA LYS C 40 -35.94 21.25 31.67
C LYS C 40 -36.82 20.70 30.56
N LEU C 41 -36.50 21.01 29.31
CA LEU C 41 -37.35 20.62 28.19
C LEU C 41 -37.21 19.13 27.85
N MET C 42 -36.03 18.55 28.07
CA MET C 42 -35.77 17.17 27.68
C MET C 42 -35.36 16.28 28.84
N GLY C 43 -35.31 16.79 30.06
CA GLY C 43 -34.77 16.03 31.17
C GLY C 43 -35.73 15.05 31.82
N LYS C 44 -35.65 14.92 33.15
CA LYS C 44 -36.50 13.97 33.86
C LYS C 44 -37.95 14.43 33.88
N VAL C 45 -38.16 15.73 34.09
CA VAL C 45 -39.50 16.31 34.05
C VAL C 45 -39.95 16.44 32.61
N SER C 46 -41.24 16.72 32.41
CA SER C 46 -41.98 16.86 31.15
C SER C 46 -42.09 15.57 30.35
N GLY C 47 -41.60 14.44 30.87
CA GLY C 47 -41.84 13.15 30.26
C GLY C 47 -41.16 12.91 28.93
N TYR C 48 -40.07 13.60 28.65
CA TYR C 48 -39.37 13.40 27.38
C TYR C 48 -38.55 12.13 27.45
N ASP C 49 -38.62 11.31 26.41
CA ASP C 49 -37.88 10.06 26.33
C ASP C 49 -37.23 10.01 24.95
N ALA C 50 -35.91 10.01 24.91
CA ALA C 50 -35.15 10.04 23.65
C ALA C 50 -35.18 8.71 22.91
N ARG C 51 -35.74 7.66 23.51
CA ARG C 51 -35.84 6.35 22.87
C ARG C 51 -37.13 6.19 22.08
N ILE C 52 -37.97 7.22 22.03
CA ILE C 52 -39.28 7.16 21.40
C ILE C 52 -39.35 8.25 20.35
N ARG C 53 -39.77 7.89 19.13
CA ARG C 53 -39.86 8.83 18.04
C ARG C 53 -41.03 9.82 18.26
N PRO C 54 -40.98 10.99 17.62
CA PRO C 54 -42.12 11.90 17.70
C PRO C 54 -43.34 11.36 16.97
N ASN C 55 -44.51 11.88 17.37
CA ASN C 55 -45.82 11.49 16.84
C ASN C 55 -46.05 9.98 16.97
N PHE C 56 -45.86 9.48 18.18
CA PHE C 56 -45.93 8.05 18.43
C PHE C 56 -47.38 7.59 18.41
N LYS C 57 -47.60 6.38 17.88
CA LYS C 57 -48.92 5.83 17.55
C LYS C 57 -49.71 6.78 16.66
N GLY C 58 -49.03 7.34 15.66
CA GLY C 58 -49.63 8.29 14.76
C GLY C 58 -49.01 8.24 13.37
N PRO C 59 -48.96 9.40 12.72
CA PRO C 59 -48.35 9.47 11.38
C PRO C 59 -46.84 9.32 11.47
N PRO C 60 -46.20 8.85 10.40
CA PRO C 60 -44.74 8.67 10.44
C PRO C 60 -44.00 10.00 10.44
N VAL C 61 -42.74 9.93 10.86
CA VAL C 61 -41.89 11.11 10.93
C VAL C 61 -41.31 11.38 9.55
N ASN C 62 -41.51 12.60 9.05
CA ASN C 62 -41.06 12.99 7.72
C ASN C 62 -39.75 13.74 7.85
N VAL C 63 -38.65 13.04 7.66
CA VAL C 63 -37.31 13.61 7.75
C VAL C 63 -36.85 14.00 6.36
N THR C 64 -36.55 15.29 6.17
CA THR C 64 -36.05 15.79 4.90
C THR C 64 -34.56 16.07 5.01
N CYS C 65 -33.84 15.79 3.92
CA CYS C 65 -32.38 15.76 3.94
C CYS C 65 -31.81 16.51 2.74
N ASN C 66 -30.61 17.07 2.94
CA ASN C 66 -29.79 17.58 1.86
C ASN C 66 -28.33 17.56 2.28
N ILE C 67 -27.43 17.45 1.30
CA ILE C 67 -26.01 17.26 1.56
C ILE C 67 -25.22 18.40 0.93
N PHE C 68 -23.99 18.58 1.43
CA PHE C 68 -23.04 19.55 0.91
C PHE C 68 -21.71 18.83 0.72
N ILE C 69 -21.34 18.57 -0.53
CA ILE C 69 -20.12 17.83 -0.83
C ILE C 69 -18.93 18.77 -0.68
N ASN C 70 -18.14 18.57 0.37
CA ASN C 70 -16.89 19.31 0.50
C ASN C 70 -15.84 18.78 -0.46
N SER C 71 -15.48 17.52 -0.33
CA SER C 71 -14.47 16.88 -1.15
C SER C 71 -15.07 15.70 -1.89
N PHE C 72 -14.48 15.38 -3.04
CA PHE C 72 -14.95 14.29 -3.88
C PHE C 72 -13.75 13.75 -4.63
N GLY C 73 -13.77 12.46 -4.93
CA GLY C 73 -12.73 11.92 -5.76
C GLY C 73 -12.05 10.73 -5.12
N SER C 74 -10.79 10.54 -5.50
CA SER C 74 -10.03 9.29 -5.31
C SER C 74 -10.85 8.10 -5.78
N ILE C 75 -11.37 8.21 -7.00
CA ILE C 75 -12.30 7.23 -7.55
C ILE C 75 -11.50 6.05 -8.07
N ALA C 76 -11.33 5.04 -7.23
CA ALA C 76 -10.58 3.86 -7.61
C ALA C 76 -11.44 2.95 -8.48
N GLU C 77 -10.75 2.14 -9.30
CA GLU C 77 -11.43 1.20 -10.19
C GLU C 77 -11.05 -0.25 -9.92
N THR C 78 -9.90 -0.50 -9.28
CA THR C 78 -9.60 -1.85 -8.81
C THR C 78 -10.56 -2.25 -7.68
N THR C 79 -10.87 -1.30 -6.80
CA THR C 79 -11.81 -1.52 -5.73
C THR C 79 -13.24 -1.14 -6.13
N MET C 80 -13.38 -0.31 -7.17
CA MET C 80 -14.66 0.25 -7.64
C MET C 80 -15.39 0.99 -6.52
N ASP C 81 -14.75 2.06 -6.04
CA ASP C 81 -15.33 2.88 -4.99
C ASP C 81 -14.84 4.32 -5.14
N TYR C 82 -15.52 5.23 -4.45
CA TYR C 82 -15.15 6.63 -4.43
C TYR C 82 -15.31 7.16 -3.01
N ARG C 83 -14.51 8.18 -2.69
CA ARG C 83 -14.51 8.78 -1.36
C ARG C 83 -15.15 10.16 -1.44
N VAL C 84 -16.13 10.41 -0.57
CA VAL C 84 -16.82 11.69 -0.53
C VAL C 84 -16.74 12.21 0.90
N ASN C 85 -16.88 13.53 1.05
CA ASN C 85 -16.83 14.19 2.35
C ASN C 85 -17.98 15.18 2.39
N ILE C 86 -19.04 14.84 3.11
CA ILE C 86 -20.30 15.56 3.00
C ILE C 86 -20.65 16.23 4.33
N PHE C 87 -21.58 17.18 4.24
CA PHE C 87 -22.29 17.75 5.38
C PHE C 87 -23.71 17.22 5.32
N LEU C 88 -24.04 16.25 6.17
CA LEU C 88 -25.36 15.63 6.15
C LEU C 88 -26.31 16.41 7.04
N ARG C 89 -27.27 17.11 6.43
CA ARG C 89 -28.26 17.89 7.15
C ARG C 89 -29.55 17.11 7.23
N GLN C 90 -30.19 17.13 8.40
CA GLN C 90 -31.45 16.44 8.62
C GLN C 90 -32.42 17.39 9.31
N GLN C 91 -33.64 17.46 8.80
CA GLN C 91 -34.68 18.31 9.37
C GLN C 91 -35.92 17.47 9.60
N TRP C 92 -36.46 17.54 10.82
CA TRP C 92 -37.71 16.88 11.15
C TRP C 92 -38.45 17.75 12.17
N ASN C 93 -39.62 17.28 12.60
CA ASN C 93 -40.43 18.00 13.55
C ASN C 93 -40.59 17.15 14.80
N ASP C 94 -40.47 17.78 15.96
CA ASP C 94 -40.61 17.12 17.25
C ASP C 94 -41.52 17.99 18.11
N PRO C 95 -42.80 17.61 18.28
CA PRO C 95 -43.73 18.44 19.05
C PRO C 95 -43.44 18.50 20.54
N ARG C 96 -42.62 17.58 21.07
CA ARG C 96 -42.26 17.62 22.48
C ARG C 96 -41.21 18.68 22.77
N LEU C 97 -40.51 19.17 21.75
CA LEU C 97 -39.49 20.20 21.91
C LEU C 97 -40.01 21.58 21.55
N ALA C 98 -41.32 21.76 21.42
CA ALA C 98 -41.91 23.04 21.01
C ALA C 98 -42.12 23.89 22.25
N TYR C 99 -41.12 24.71 22.57
CA TYR C 99 -41.26 25.66 23.66
C TYR C 99 -42.12 26.84 23.21
N SER C 100 -42.64 27.56 24.19
CA SER C 100 -43.53 28.68 23.87
C SER C 100 -43.13 29.98 24.52
N GLU C 101 -42.64 29.95 25.76
CA GLU C 101 -42.43 31.17 26.53
C GLU C 101 -41.00 31.69 26.49
N TYR C 102 -40.05 30.92 25.96
CA TYR C 102 -38.69 31.41 25.84
C TYR C 102 -38.62 32.40 24.67
N PRO C 103 -37.96 33.55 24.83
CA PRO C 103 -38.09 34.62 23.83
C PRO C 103 -37.36 34.38 22.52
N ASP C 104 -36.35 33.53 22.47
CA ASP C 104 -35.58 33.38 21.24
C ASP C 104 -36.33 32.53 20.21
N ASP C 105 -35.79 32.52 18.99
CA ASP C 105 -36.36 31.75 17.90
C ASP C 105 -35.66 30.42 17.67
N SER C 106 -34.43 30.27 18.13
CA SER C 106 -33.69 29.02 17.94
C SER C 106 -32.78 28.81 19.13
N LEU C 107 -32.63 27.55 19.53
CA LEU C 107 -31.75 27.15 20.63
C LEU C 107 -30.74 26.15 20.11
N ASP C 108 -29.47 26.54 20.07
CA ASP C 108 -28.40 25.63 19.71
C ASP C 108 -28.18 24.59 20.79
N LEU C 109 -27.56 23.48 20.41
CA LEU C 109 -27.29 22.38 21.33
C LEU C 109 -25.92 21.83 20.98
N ASP C 110 -24.96 22.00 21.88
CA ASP C 110 -23.61 21.52 21.63
C ASP C 110 -23.58 19.99 21.76
N PRO C 111 -22.62 19.31 21.10
CA PRO C 111 -22.64 17.84 21.07
C PRO C 111 -22.33 17.13 22.39
N SER C 112 -22.18 17.85 23.52
CA SER C 112 -22.04 17.17 24.79
C SER C 112 -23.35 16.55 25.24
N MET C 113 -24.47 17.22 24.94
CA MET C 113 -25.81 16.71 25.24
C MET C 113 -26.49 16.13 24.00
N LEU C 114 -25.71 15.62 23.05
CA LEU C 114 -26.25 15.19 21.77
C LEU C 114 -27.02 13.89 21.86
N ASP C 115 -26.69 13.03 22.83
CA ASP C 115 -27.34 11.73 22.98
C ASP C 115 -28.59 11.80 23.85
N SER C 116 -29.22 12.97 23.96
CA SER C 116 -30.34 13.15 24.88
C SER C 116 -31.67 13.43 24.21
N ILE C 117 -31.70 13.61 22.89
CA ILE C 117 -32.95 13.77 22.15
C ILE C 117 -33.05 12.66 21.11
N TRP C 118 -34.17 12.63 20.41
CA TRP C 118 -34.36 11.65 19.36
C TRP C 118 -33.58 12.04 18.11
N LYS C 119 -33.04 11.04 17.41
CA LYS C 119 -32.37 11.22 16.14
C LYS C 119 -32.78 10.11 15.20
N PRO C 120 -32.90 10.39 13.91
CA PRO C 120 -33.19 9.32 12.95
C PRO C 120 -31.97 8.42 12.76
N ASP C 121 -32.24 7.12 12.63
CA ASP C 121 -31.17 6.13 12.46
C ASP C 121 -30.82 5.94 10.98
N LEU C 122 -30.36 7.03 10.38
CA LEU C 122 -29.95 7.01 8.99
C LEU C 122 -28.64 6.26 8.84
N PHE C 123 -28.51 5.56 7.72
CA PHE C 123 -27.24 4.95 7.35
C PHE C 123 -27.19 4.91 5.83
N PHE C 124 -26.03 4.53 5.31
CA PHE C 124 -25.82 4.43 3.88
C PHE C 124 -25.74 2.96 3.50
N ALA C 125 -26.46 2.56 2.46
CA ALA C 125 -26.51 1.15 2.10
C ALA C 125 -25.24 0.66 1.41
N ASN C 126 -24.31 1.55 1.09
CA ASN C 126 -23.04 1.21 0.48
C ASN C 126 -21.90 1.94 1.19
N GLU C 127 -21.85 1.82 2.52
CA GLU C 127 -20.87 2.52 3.35
C GLU C 127 -19.44 2.12 3.02
N LYS C 128 -19.15 0.81 3.09
CA LYS C 128 -17.81 0.22 2.94
C LYS C 128 -16.81 0.90 3.88
N GLY C 129 -17.22 1.08 5.12
CA GLY C 129 -16.38 1.78 6.08
C GLY C 129 -16.55 3.28 6.03
N ALA C 130 -16.82 3.89 7.18
CA ALA C 130 -16.99 5.34 7.27
C ALA C 130 -16.69 5.77 8.69
N ASN C 131 -16.52 7.08 8.87
CA ASN C 131 -16.17 7.62 10.17
C ASN C 131 -16.70 9.04 10.32
N PHE C 132 -16.74 9.51 11.56
CA PHE C 132 -17.08 10.89 11.86
C PHE C 132 -15.82 11.75 11.82
N HIS C 133 -15.94 12.99 12.26
CA HIS C 133 -14.82 13.89 12.43
C HIS C 133 -14.92 14.53 13.81
N GLU C 134 -13.87 14.37 14.61
CA GLU C 134 -13.88 14.77 16.02
C GLU C 134 -12.65 15.60 16.35
N VAL C 135 -12.36 16.60 15.52
CA VAL C 135 -11.19 17.44 15.68
C VAL C 135 -11.61 18.71 16.41
N THR C 136 -11.12 18.86 17.65
CA THR C 136 -11.18 19.98 18.60
C THR C 136 -12.58 20.12 19.22
N THR C 137 -13.57 19.42 18.65
CA THR C 137 -14.97 19.33 19.05
C THR C 137 -15.58 18.30 18.11
N ASP C 138 -16.54 17.52 18.62
CA ASP C 138 -17.39 16.70 17.77
C ASP C 138 -18.11 17.58 16.75
N ASN C 139 -17.81 17.36 15.48
CA ASN C 139 -18.36 18.20 14.40
C ASN C 139 -19.82 17.84 14.18
N LYS C 140 -20.68 18.35 15.07
CA LYS C 140 -22.11 18.12 15.04
C LYS C 140 -22.82 19.42 15.34
N LEU C 141 -23.86 19.71 14.55
CA LEU C 141 -24.67 20.92 14.69
C LEU C 141 -26.10 20.54 15.00
N LEU C 142 -26.71 21.26 15.93
CA LEU C 142 -28.07 20.94 16.37
C LEU C 142 -28.74 22.19 16.90
N ARG C 143 -29.82 22.62 16.25
CA ARG C 143 -30.60 23.77 16.69
C ARG C 143 -32.08 23.43 16.62
N ILE C 144 -32.84 23.99 17.57
CA ILE C 144 -34.25 23.68 17.76
C ILE C 144 -35.04 24.97 17.66
N SER C 145 -35.98 25.02 16.70
CA SER C 145 -36.81 26.20 16.50
C SER C 145 -37.95 26.23 17.53
N LYS C 146 -38.83 27.21 17.38
CA LYS C 146 -39.92 27.38 18.34
C LYS C 146 -41.03 26.36 18.13
N ASN C 147 -41.42 26.11 16.88
CA ASN C 147 -42.52 25.20 16.61
C ASN C 147 -42.12 23.73 16.69
N GLY C 148 -40.83 23.43 16.84
CA GLY C 148 -40.37 22.07 16.94
C GLY C 148 -39.50 21.60 15.80
N ASN C 149 -39.19 22.48 14.83
CA ASN C 149 -38.31 22.10 13.74
C ASN C 149 -36.88 21.95 14.25
N VAL C 150 -36.26 20.82 13.92
CA VAL C 150 -34.96 20.45 14.45
C VAL C 150 -33.99 20.27 13.28
N LEU C 151 -33.00 21.15 13.20
CA LEU C 151 -31.92 21.04 12.22
C LEU C 151 -30.76 20.27 12.83
N TYR C 152 -30.22 19.32 12.08
CA TYR C 152 -29.17 18.43 12.57
C TYR C 152 -28.17 18.22 11.46
N SER C 153 -26.99 18.84 11.57
CA SER C 153 -25.97 18.80 10.54
C SER C 153 -24.69 18.20 11.09
N ILE C 154 -24.21 17.13 10.47
CA ILE C 154 -22.98 16.45 10.87
C ILE C 154 -22.07 16.30 9.66
N ARG C 155 -20.80 16.02 9.94
CA ARG C 155 -19.78 15.85 8.90
C ARG C 155 -19.35 14.39 8.87
N ILE C 156 -19.49 13.76 7.70
CA ILE C 156 -19.21 12.34 7.51
C ILE C 156 -18.24 12.18 6.35
N THR C 157 -17.25 11.32 6.50
CA THR C 157 -16.42 10.86 5.39
C THR C 157 -16.81 9.45 5.00
N LEU C 158 -17.18 9.26 3.75
CA LEU C 158 -17.69 8.01 3.23
C LEU C 158 -16.74 7.47 2.17
N VAL C 159 -16.70 6.14 2.01
CA VAL C 159 -16.00 5.51 0.90
C VAL C 159 -17.06 4.66 0.19
N LEU C 160 -17.78 5.28 -0.73
CA LEU C 160 -19.00 4.70 -1.26
C LEU C 160 -18.71 3.82 -2.46
N ALA C 161 -19.49 2.74 -2.58
CA ALA C 161 -19.29 1.76 -3.64
C ALA C 161 -20.20 2.06 -4.83
N CYS C 162 -19.65 1.99 -6.04
CA CYS C 162 -20.44 2.11 -7.25
C CYS C 162 -19.87 1.16 -8.29
N PRO C 163 -20.72 0.37 -8.95
CA PRO C 163 -20.22 -0.55 -9.98
C PRO C 163 -19.84 0.20 -11.24
N MET C 164 -18.64 -0.08 -11.75
CA MET C 164 -18.11 0.60 -12.92
C MET C 164 -18.54 -0.13 -14.18
N ASP C 165 -19.03 0.61 -15.17
CA ASP C 165 -19.37 0.07 -16.48
C ASP C 165 -18.35 0.62 -17.47
N LEU C 166 -17.43 -0.23 -17.90
CA LEU C 166 -16.26 0.17 -18.67
C LEU C 166 -16.29 -0.42 -20.07
N LYS C 167 -17.45 -0.38 -20.74
CA LYS C 167 -17.54 -0.93 -22.09
C LYS C 167 -16.83 -0.04 -23.11
N ASN C 168 -16.93 1.27 -22.94
CA ASN C 168 -16.22 2.24 -23.76
C ASN C 168 -15.37 3.12 -22.83
N PHE C 169 -14.16 2.64 -22.53
CA PHE C 169 -13.49 3.04 -21.29
C PHE C 169 -13.01 4.50 -21.24
N PRO C 170 -12.31 5.07 -22.23
CA PRO C 170 -11.93 6.47 -22.08
C PRO C 170 -13.06 7.45 -22.37
N MET C 171 -14.21 6.98 -22.87
CA MET C 171 -15.30 7.85 -23.27
C MET C 171 -16.59 7.58 -22.51
N ASP C 172 -16.53 6.92 -21.36
CA ASP C 172 -17.75 6.54 -20.66
C ASP C 172 -18.22 7.65 -19.72
N VAL C 173 -19.49 7.57 -19.35
CA VAL C 173 -20.10 8.47 -18.38
C VAL C 173 -20.56 7.61 -17.22
N GLN C 174 -19.78 7.60 -16.14
CA GLN C 174 -20.10 6.79 -14.97
C GLN C 174 -21.23 7.44 -14.19
N THR C 175 -22.05 6.60 -13.56
CA THR C 175 -23.15 7.05 -12.70
C THR C 175 -22.97 6.36 -11.36
N CYS C 176 -22.35 7.08 -10.42
CA CYS C 176 -22.11 6.57 -9.07
C CYS C 176 -23.08 7.23 -8.11
N ILE C 177 -23.74 6.40 -7.30
CA ILE C 177 -24.88 6.84 -6.51
C ILE C 177 -24.50 6.83 -5.03
N MET C 178 -25.39 7.39 -4.21
CA MET C 178 -25.33 7.25 -2.76
C MET C 178 -26.75 7.24 -2.23
N GLN C 179 -27.06 6.28 -1.36
CA GLN C 179 -28.43 6.07 -0.91
C GLN C 179 -28.50 6.04 0.61
N LEU C 180 -29.57 6.64 1.13
CA LEU C 180 -29.70 6.98 2.55
C LEU C 180 -30.91 6.24 3.10
N GLU C 181 -30.68 5.16 3.83
CA GLU C 181 -31.77 4.32 4.33
C GLU C 181 -31.98 4.52 5.82
N SER C 182 -33.10 3.99 6.29
CA SER C 182 -33.34 3.79 7.72
C SER C 182 -33.07 2.34 8.07
N PHE C 183 -32.66 2.11 9.32
CA PHE C 183 -32.25 0.77 9.74
C PHE C 183 -33.24 0.11 10.68
N GLY C 184 -33.85 0.86 11.58
CA GLY C 184 -34.68 0.25 12.60
C GLY C 184 -36.14 0.63 12.53
N TYR C 185 -36.46 1.66 11.76
CA TYR C 185 -37.83 2.13 11.61
C TYR C 185 -38.30 1.82 10.19
N THR C 186 -39.50 1.25 10.08
CA THR C 186 -40.04 0.87 8.78
C THR C 186 -40.71 2.07 8.11
N MET C 187 -41.45 1.80 7.03
CA MET C 187 -42.08 2.88 6.28
C MET C 187 -43.23 3.53 7.06
N ASN C 188 -43.93 2.77 7.88
CA ASN C 188 -45.03 3.32 8.65
C ASN C 188 -44.60 4.04 9.92
N ASP C 189 -43.29 4.27 10.11
CA ASP C 189 -42.78 5.01 11.25
C ASP C 189 -41.84 6.15 10.89
N LEU C 190 -41.22 6.14 9.72
CA LEU C 190 -40.17 7.11 9.38
C LEU C 190 -39.99 7.12 7.88
N ILE C 191 -40.13 8.30 7.25
CA ILE C 191 -40.02 8.45 5.81
C ILE C 191 -38.94 9.49 5.51
N PHE C 192 -38.01 9.14 4.62
CA PHE C 192 -37.00 10.07 4.15
C PHE C 192 -37.45 10.77 2.88
N GLU C 193 -37.13 12.05 2.76
CA GLU C 193 -37.43 12.84 1.58
C GLU C 193 -36.24 13.75 1.28
N TRP C 194 -36.14 14.20 0.03
CA TRP C 194 -35.25 15.29 -0.31
C TRP C 194 -36.02 16.60 -0.23
N ASP C 195 -35.32 17.67 0.16
CA ASP C 195 -35.97 18.97 0.15
C ASP C 195 -35.93 19.57 -1.26
N GLU C 196 -36.88 20.48 -1.52
CA GLU C 196 -37.00 21.07 -2.84
C GLU C 196 -36.02 22.19 -3.08
N LYS C 197 -35.38 22.70 -2.04
CA LYS C 197 -34.49 23.86 -2.15
C LYS C 197 -33.03 23.40 -2.26
N GLY C 198 -32.72 22.81 -3.41
CA GLY C 198 -31.35 22.41 -3.68
C GLY C 198 -30.88 21.24 -2.85
N ALA C 199 -31.38 20.04 -3.16
CA ALA C 199 -31.15 18.87 -2.32
C ALA C 199 -29.71 18.38 -2.32
N VAL C 200 -28.89 18.77 -3.29
CA VAL C 200 -27.47 18.46 -3.30
C VAL C 200 -26.71 19.74 -3.65
N GLN C 201 -26.00 20.31 -2.67
CA GLN C 201 -25.11 21.41 -2.96
C GLN C 201 -23.68 20.91 -3.14
N VAL C 202 -22.93 21.60 -3.99
CA VAL C 202 -21.54 21.29 -4.28
C VAL C 202 -20.72 22.52 -3.91
N ALA C 203 -19.50 22.30 -3.39
CA ALA C 203 -18.59 23.38 -3.06
C ALA C 203 -18.19 24.15 -4.32
N ASP C 204 -17.61 25.33 -4.10
CA ASP C 204 -17.42 26.30 -5.19
C ASP C 204 -16.33 25.84 -6.15
N GLY C 205 -15.12 25.63 -5.64
CA GLY C 205 -14.02 25.25 -6.50
C GLY C 205 -13.69 23.78 -6.48
N LEU C 206 -14.71 22.93 -6.40
CA LEU C 206 -14.51 21.49 -6.34
C LEU C 206 -14.26 20.95 -7.75
N THR C 207 -13.00 20.60 -8.02
CA THR C 207 -12.62 20.00 -9.29
C THR C 207 -12.10 18.59 -9.05
N LEU C 208 -12.03 17.81 -10.13
CA LEU C 208 -11.58 16.44 -10.07
C LEU C 208 -10.38 16.25 -11.01
N PRO C 209 -9.43 15.38 -10.64
CA PRO C 209 -8.24 15.21 -11.50
C PRO C 209 -8.54 14.47 -12.79
N GLN C 210 -9.48 13.53 -12.78
CA GLN C 210 -9.75 12.71 -13.95
C GLN C 210 -11.15 12.88 -14.52
N PHE C 211 -12.09 13.40 -13.74
CA PHE C 211 -13.49 13.46 -14.11
C PHE C 211 -13.98 14.91 -14.09
N ILE C 212 -15.22 15.09 -14.53
CA ILE C 212 -15.96 16.32 -14.29
C ILE C 212 -17.35 15.92 -13.79
N LEU C 213 -17.86 16.68 -12.82
CA LEU C 213 -19.15 16.39 -12.21
C LEU C 213 -20.23 17.18 -12.93
N LYS C 214 -21.17 16.48 -13.56
CA LYS C 214 -22.23 17.15 -14.28
C LYS C 214 -23.22 17.80 -13.33
N GLU C 215 -23.88 18.86 -13.81
CA GLU C 215 -24.71 19.69 -12.94
C GLU C 215 -26.06 19.05 -12.67
N GLU C 216 -26.58 18.25 -13.59
CA GLU C 216 -27.87 17.58 -13.38
C GLU C 216 -27.66 16.34 -12.52
N LYS C 217 -28.28 16.32 -11.36
CA LYS C 217 -28.14 15.22 -10.40
C LYS C 217 -29.53 14.63 -10.16
N ASP C 218 -29.70 13.36 -10.55
CA ASP C 218 -30.99 12.72 -10.43
C ASP C 218 -31.33 12.41 -8.97
N LEU C 219 -32.60 12.55 -8.63
CA LEU C 219 -33.08 12.31 -7.27
C LEU C 219 -34.28 11.39 -7.35
N ARG C 220 -34.13 10.15 -6.90
CA ARG C 220 -35.21 9.18 -7.01
C ARG C 220 -35.23 8.29 -5.79
N TYR C 221 -36.26 7.45 -5.71
CA TYR C 221 -36.48 6.58 -4.56
C TYR C 221 -35.90 5.19 -4.80
N CYS C 222 -35.51 4.54 -3.72
CA CYS C 222 -34.82 3.26 -3.73
C CYS C 222 -35.36 2.34 -2.64
N THR C 223 -36.68 2.38 -2.42
CA THR C 223 -37.32 1.75 -1.28
C THR C 223 -37.12 0.24 -1.25
N LYS C 224 -36.54 -0.25 -0.17
CA LYS C 224 -36.11 -1.63 -0.06
C LYS C 224 -37.16 -2.50 0.61
N HIS C 225 -37.24 -3.76 0.20
CA HIS C 225 -38.12 -4.74 0.80
C HIS C 225 -37.27 -5.90 1.31
N TYR C 226 -37.33 -6.14 2.62
CA TYR C 226 -36.66 -7.26 3.24
C TYR C 226 -37.69 -8.22 3.82
N ASN C 227 -37.20 -9.27 4.47
CA ASN C 227 -38.07 -10.16 5.22
C ASN C 227 -38.39 -9.63 6.62
N THR C 228 -37.79 -8.51 7.01
CA THR C 228 -38.13 -7.82 8.24
C THR C 228 -39.23 -6.80 8.04
N GLY C 229 -39.15 -6.02 6.96
CA GLY C 229 -40.19 -5.07 6.64
C GLY C 229 -39.82 -4.35 5.37
N LYS C 230 -40.45 -3.19 5.15
CA LYS C 230 -40.04 -2.30 4.07
C LYS C 230 -39.49 -1.02 4.71
N PHE C 231 -38.36 -0.55 4.18
CA PHE C 231 -37.61 0.52 4.79
C PHE C 231 -37.43 1.65 3.77
N THR C 232 -37.48 2.88 4.27
CA THR C 232 -37.37 4.03 3.40
C THR C 232 -35.95 4.21 2.88
N CYS C 233 -35.83 4.88 1.75
CA CYS C 233 -34.56 5.06 1.04
C CYS C 233 -34.74 6.19 0.06
N ILE C 234 -33.77 7.10 0.03
CA ILE C 234 -33.67 8.14 -0.98
C ILE C 234 -32.24 8.13 -1.50
N GLU C 235 -32.07 8.51 -2.77
CA GLU C 235 -30.73 8.45 -3.34
C GLU C 235 -30.53 9.56 -4.35
N ALA C 236 -29.25 9.83 -4.63
CA ALA C 236 -28.83 10.88 -5.54
C ALA C 236 -27.80 10.30 -6.50
N ARG C 237 -28.07 10.41 -7.79
CA ARG C 237 -27.12 9.98 -8.82
C ARG C 237 -26.12 11.08 -9.10
N PHE C 238 -24.87 10.70 -9.33
CA PHE C 238 -23.83 11.63 -9.74
C PHE C 238 -23.26 11.14 -11.07
N HIS C 239 -23.40 11.95 -12.11
CA HIS C 239 -22.91 11.58 -13.43
C HIS C 239 -21.47 12.06 -13.58
N LEU C 240 -20.55 11.12 -13.77
CA LEU C 240 -19.13 11.41 -13.86
C LEU C 240 -18.65 11.13 -15.28
N GLU C 241 -18.28 12.18 -15.99
CA GLU C 241 -17.75 12.07 -17.35
C GLU C 241 -16.23 12.19 -17.28
N ARG C 242 -15.54 11.32 -18.00
CA ARG C 242 -14.08 11.33 -17.93
C ARG C 242 -13.49 12.50 -18.70
N GLN C 243 -12.23 12.79 -18.41
CA GLN C 243 -11.41 13.70 -19.19
C GLN C 243 -10.58 12.86 -20.15
N MET C 244 -10.89 12.95 -21.44
CA MET C 244 -10.22 12.14 -22.46
C MET C 244 -8.82 12.67 -22.78
N GLY C 245 -8.47 13.87 -22.31
CA GLY C 245 -7.20 14.50 -22.65
C GLY C 245 -5.97 13.78 -22.13
N TYR C 246 -6.10 13.00 -21.05
CA TYR C 246 -4.96 12.22 -20.59
C TYR C 246 -4.71 11.03 -21.49
N TYR C 247 -5.78 10.28 -21.80
CA TYR C 247 -5.63 9.07 -22.60
C TYR C 247 -5.34 9.39 -24.06
N LEU C 248 -5.59 10.62 -24.48
CA LEU C 248 -5.24 11.07 -25.82
C LEU C 248 -3.76 11.36 -25.97
N ILE C 249 -3.03 11.48 -24.87
CA ILE C 249 -1.60 11.76 -24.90
C ILE C 249 -0.76 10.50 -24.71
N GLN C 250 -1.09 9.69 -23.71
CA GLN C 250 -0.24 8.55 -23.39
C GLN C 250 -0.53 7.34 -24.27
N MET C 251 -1.81 7.09 -24.58
CA MET C 251 -2.20 5.83 -25.20
C MET C 251 -2.58 5.95 -26.68
N TYR C 252 -2.87 7.15 -27.18
CA TYR C 252 -3.31 7.28 -28.55
C TYR C 252 -2.21 7.75 -29.50
N ILE C 253 -1.44 8.76 -29.09
CA ILE C 253 -0.38 9.30 -29.94
C ILE C 253 0.81 8.33 -30.06
N PRO C 254 1.34 7.67 -29.01
CA PRO C 254 2.36 6.65 -29.26
C PRO C 254 1.84 5.40 -29.95
N SER C 255 0.53 5.16 -29.96
CA SER C 255 -0.05 4.10 -30.77
C SER C 255 -0.32 4.56 -32.20
N LEU C 256 -0.35 5.87 -32.44
CA LEU C 256 -0.43 6.40 -33.80
C LEU C 256 0.94 6.70 -34.37
N LEU C 257 1.94 6.97 -33.52
CA LEU C 257 3.29 7.19 -33.99
C LEU C 257 3.95 5.87 -34.41
N ILE C 258 3.59 4.77 -33.74
CA ILE C 258 4.20 3.47 -34.05
C ILE C 258 3.66 2.88 -35.33
N VAL C 259 2.49 3.33 -35.80
CA VAL C 259 1.99 2.91 -37.10
C VAL C 259 2.73 3.65 -38.22
N ILE C 260 3.04 4.93 -37.99
CA ILE C 260 3.90 5.68 -38.90
C ILE C 260 5.31 5.10 -38.89
N LEU C 261 5.75 4.60 -37.74
CA LEU C 261 7.06 3.95 -37.63
C LEU C 261 7.11 2.65 -38.43
N SER C 262 5.99 1.92 -38.48
CA SER C 262 5.92 0.71 -39.29
C SER C 262 5.80 0.99 -40.77
N TRP C 263 5.45 2.20 -41.16
CA TRP C 263 5.38 2.58 -42.56
C TRP C 263 6.71 3.08 -43.10
N VAL C 264 7.74 3.13 -42.26
CA VAL C 264 9.08 3.45 -42.70
C VAL C 264 9.69 2.29 -43.47
N SER C 265 9.29 1.05 -43.13
CA SER C 265 9.81 -0.16 -43.74
C SER C 265 9.46 -0.30 -45.22
N PHE C 266 8.52 0.49 -45.74
CA PHE C 266 8.19 0.45 -47.16
C PHE C 266 9.17 1.25 -48.00
N TRP C 267 10.10 1.96 -47.36
CA TRP C 267 11.06 2.81 -48.05
C TRP C 267 12.49 2.30 -47.97
N ILE C 268 12.80 1.44 -47.00
CA ILE C 268 14.18 1.00 -46.75
C ILE C 268 14.54 -0.06 -47.78
N ASN C 269 15.38 0.32 -48.75
CA ASN C 269 16.01 -0.50 -49.80
C ASN C 269 15.03 -1.03 -50.85
N MET C 270 13.73 -0.84 -50.67
CA MET C 270 12.60 -0.91 -51.63
C MET C 270 12.33 -2.30 -52.21
N ASP C 271 13.21 -3.28 -51.97
CA ASP C 271 12.84 -4.65 -52.31
C ASP C 271 13.15 -5.64 -51.21
N ALA C 272 14.29 -5.50 -50.53
CA ALA C 272 14.78 -6.52 -49.61
C ALA C 272 15.87 -5.92 -48.74
N ALA C 273 15.83 -6.24 -47.45
CA ALA C 273 16.79 -5.75 -46.48
C ALA C 273 16.75 -6.64 -45.25
N PRO C 274 17.84 -6.74 -44.50
CA PRO C 274 17.78 -7.33 -43.16
C PRO C 274 17.28 -6.35 -42.10
N ALA C 275 17.01 -5.10 -42.48
CA ALA C 275 16.51 -4.09 -41.56
C ALA C 275 15.00 -3.95 -41.59
N ARG C 276 14.33 -4.39 -42.67
CA ARG C 276 12.89 -4.38 -42.69
C ARG C 276 12.30 -5.44 -41.77
N VAL C 277 13.04 -6.54 -41.56
CA VAL C 277 12.67 -7.48 -40.50
C VAL C 277 12.88 -6.85 -39.13
N GLY C 278 13.98 -6.10 -38.97
CA GLY C 278 14.27 -5.46 -37.70
C GLY C 278 13.29 -4.37 -37.33
N LEU C 279 12.65 -3.75 -38.32
CA LEU C 279 11.58 -2.80 -38.06
C LEU C 279 10.22 -3.49 -38.00
N GLY C 280 10.09 -4.67 -38.58
CA GLY C 280 8.85 -5.42 -38.51
C GLY C 280 8.67 -6.13 -37.18
N ILE C 281 9.76 -6.59 -36.58
CA ILE C 281 9.68 -7.24 -35.27
C ILE C 281 9.46 -6.21 -34.18
N THR C 282 10.24 -5.13 -34.21
CA THR C 282 10.39 -4.26 -33.06
C THR C 282 9.16 -3.39 -32.82
N THR C 283 8.41 -3.07 -33.88
CA THR C 283 7.17 -2.33 -33.73
C THR C 283 5.99 -3.22 -33.33
N VAL C 284 6.22 -4.51 -33.07
CA VAL C 284 5.21 -5.40 -32.53
C VAL C 284 5.53 -5.60 -31.05
N LEU C 285 6.83 -5.48 -30.71
CA LEU C 285 7.29 -5.69 -29.34
C LEU C 285 6.73 -4.65 -28.39
N THR C 286 7.07 -3.38 -28.64
CA THR C 286 6.56 -2.29 -27.80
C THR C 286 5.08 -2.04 -28.03
N MET C 287 4.52 -2.48 -29.16
CA MET C 287 3.08 -2.44 -29.32
C MET C 287 2.40 -3.46 -28.41
N THR C 288 3.03 -4.62 -28.20
CA THR C 288 2.51 -5.58 -27.24
C THR C 288 2.66 -5.07 -25.82
N THR C 289 3.78 -4.38 -25.54
CA THR C 289 4.02 -3.81 -24.21
C THR C 289 3.04 -2.67 -23.92
N GLN C 290 2.79 -1.81 -24.91
CA GLN C 290 1.84 -0.73 -24.73
C GLN C 290 0.41 -1.25 -24.63
N SER C 291 0.10 -2.36 -25.32
CA SER C 291 -1.20 -2.98 -25.17
C SER C 291 -1.36 -3.62 -23.80
N SER C 292 -0.26 -4.14 -23.24
CA SER C 292 -0.32 -4.72 -21.89
C SER C 292 -0.18 -3.64 -20.82
N GLY C 293 0.62 -2.60 -21.09
CA GLY C 293 0.79 -1.52 -20.14
C GLY C 293 -0.37 -0.56 -20.04
N SER C 294 -1.30 -0.60 -20.99
CA SER C 294 -2.47 0.27 -20.93
C SER C 294 -3.48 -0.19 -19.89
N ARG C 295 -3.44 -1.46 -19.49
CA ARG C 295 -4.35 -2.03 -18.51
C ARG C 295 -3.62 -2.36 -17.21
N ALA C 296 -2.68 -1.49 -16.82
CA ALA C 296 -1.88 -1.75 -15.62
C ALA C 296 -2.63 -1.46 -14.33
N SER C 297 -3.54 -0.50 -14.35
CA SER C 297 -4.28 -0.08 -13.16
C SER C 297 -5.79 -0.21 -13.37
N LEU C 298 -6.21 -1.33 -13.95
CA LEU C 298 -7.61 -1.54 -14.29
C LEU C 298 -8.11 -2.84 -13.68
N PRO C 299 -9.41 -2.91 -13.37
CA PRO C 299 -9.97 -4.19 -12.92
C PRO C 299 -10.00 -5.21 -14.04
N LYS C 300 -9.98 -6.48 -13.66
CA LYS C 300 -9.91 -7.59 -14.61
C LYS C 300 -11.33 -7.91 -15.08
N VAL C 301 -11.84 -7.05 -15.95
CA VAL C 301 -13.21 -7.17 -16.44
C VAL C 301 -13.30 -8.27 -17.49
N SER C 302 -14.49 -8.87 -17.60
CA SER C 302 -14.69 -10.03 -18.46
C SER C 302 -14.84 -9.67 -19.93
N TYR C 303 -15.16 -8.43 -20.26
CA TYR C 303 -15.51 -8.03 -21.61
C TYR C 303 -14.43 -7.15 -22.21
N VAL C 304 -14.58 -6.86 -23.49
CA VAL C 304 -13.64 -6.04 -24.26
C VAL C 304 -14.07 -4.59 -24.14
N LYS C 305 -13.09 -3.69 -24.07
CA LYS C 305 -13.35 -2.27 -23.89
C LYS C 305 -12.77 -1.47 -25.04
N ALA C 306 -12.91 -0.14 -24.95
CA ALA C 306 -12.54 0.75 -26.05
C ALA C 306 -11.03 0.85 -26.23
N ILE C 307 -10.27 0.81 -25.14
CA ILE C 307 -8.82 0.89 -25.27
C ILE C 307 -8.24 -0.44 -25.74
N ASP C 308 -9.01 -1.53 -25.66
CA ASP C 308 -8.53 -2.81 -26.18
C ASP C 308 -8.54 -2.81 -27.71
N ILE C 309 -9.64 -2.41 -28.32
CA ILE C 309 -9.77 -2.49 -29.78
C ILE C 309 -9.19 -1.26 -30.45
N TRP C 310 -8.51 -0.40 -29.69
CA TRP C 310 -7.56 0.50 -30.31
C TRP C 310 -6.16 -0.10 -30.32
N MET C 311 -5.81 -0.85 -29.27
CA MET C 311 -4.54 -1.53 -29.25
C MET C 311 -4.56 -2.79 -30.11
N ALA C 312 -5.64 -3.56 -30.05
CA ALA C 312 -5.72 -4.84 -30.77
C ALA C 312 -6.13 -4.69 -32.23
N VAL C 313 -6.29 -3.47 -32.72
CA VAL C 313 -6.42 -3.23 -34.16
C VAL C 313 -5.17 -2.57 -34.72
N CYS C 314 -4.58 -1.63 -33.97
CA CYS C 314 -3.27 -1.11 -34.33
C CYS C 314 -2.16 -2.14 -34.15
N LEU C 315 -2.41 -3.23 -33.43
CA LEU C 315 -1.49 -4.36 -33.45
C LEU C 315 -1.52 -5.07 -34.81
N LEU C 316 -2.65 -5.02 -35.51
CA LEU C 316 -2.70 -5.60 -36.85
C LEU C 316 -1.94 -4.76 -37.86
N PHE C 317 -2.01 -3.43 -37.72
CA PHE C 317 -1.33 -2.55 -38.67
C PHE C 317 0.18 -2.55 -38.50
N VAL C 318 0.71 -3.06 -37.38
CA VAL C 318 2.14 -3.22 -37.21
C VAL C 318 2.58 -4.66 -37.41
N PHE C 319 1.64 -5.61 -37.46
CA PHE C 319 1.95 -7.00 -37.73
C PHE C 319 1.73 -7.39 -39.18
N SER C 320 0.80 -6.73 -39.87
CA SER C 320 0.64 -6.93 -41.31
C SER C 320 1.78 -6.29 -42.10
N ALA C 321 2.47 -5.31 -41.51
CA ALA C 321 3.62 -4.71 -42.18
C ALA C 321 4.82 -5.65 -42.18
N LEU C 322 4.87 -6.62 -41.28
CA LEU C 322 5.90 -7.65 -41.31
C LEU C 322 5.48 -8.85 -42.14
N LEU C 323 4.19 -9.17 -42.17
CA LEU C 323 3.69 -10.20 -43.07
C LEU C 323 3.77 -9.80 -44.53
N GLU C 324 3.84 -8.50 -44.83
CA GLU C 324 4.05 -8.08 -46.21
C GLU C 324 5.47 -8.35 -46.68
N TYR C 325 6.48 -8.04 -45.85
CA TYR C 325 7.86 -8.29 -46.24
C TYR C 325 8.17 -9.78 -46.30
N ALA C 326 7.47 -10.59 -45.49
CA ALA C 326 7.56 -12.04 -45.65
C ALA C 326 6.92 -12.48 -46.96
N ALA C 327 5.92 -11.75 -47.44
CA ALA C 327 5.36 -12.04 -48.76
C ALA C 327 6.21 -11.45 -49.88
N VAL C 328 6.95 -10.37 -49.61
CA VAL C 328 7.83 -9.81 -50.63
C VAL C 328 9.06 -10.68 -50.80
N ASN C 329 9.67 -11.09 -49.69
CA ASN C 329 10.91 -11.88 -49.73
C ASN C 329 10.67 -13.32 -50.21
N PHE C 330 9.41 -13.76 -50.27
CA PHE C 330 9.09 -15.05 -50.88
C PHE C 330 8.75 -14.93 -52.36
N ILE C 331 8.22 -13.79 -52.80
CA ILE C 331 7.97 -13.59 -54.22
C ILE C 331 9.22 -13.11 -54.97
N ALA C 332 10.02 -12.25 -54.35
CA ALA C 332 11.22 -11.75 -55.00
C ALA C 332 12.28 -12.83 -55.12
N ARG C 333 12.51 -13.59 -54.05
CA ARG C 333 13.55 -14.61 -54.03
C ARG C 333 13.08 -15.97 -54.54
N GLN C 334 11.98 -16.00 -55.31
CA GLN C 334 11.51 -17.23 -55.93
C GLN C 334 12.02 -17.37 -57.36
N HIS C 335 11.69 -16.39 -58.21
CA HIS C 335 12.09 -16.31 -59.62
C HIS C 335 11.74 -17.55 -60.43
N VAL C 396 15.88 -16.33 -66.21
CA VAL C 396 15.73 -16.16 -67.65
C VAL C 396 15.74 -14.68 -68.01
N GLU C 397 15.49 -14.36 -69.28
CA GLU C 397 15.45 -12.99 -69.74
C GLU C 397 14.05 -12.40 -69.60
N GLU C 398 13.05 -13.11 -70.11
CA GLU C 398 11.65 -12.68 -70.00
C GLU C 398 11.16 -12.82 -68.57
N MET C 399 11.53 -13.92 -67.91
CA MET C 399 11.09 -14.21 -66.55
C MET C 399 11.66 -13.22 -65.53
N ARG C 400 12.80 -12.59 -65.83
CA ARG C 400 13.39 -11.61 -64.93
C ARG C 400 12.50 -10.36 -64.84
N LYS C 401 11.81 -10.02 -65.92
CA LYS C 401 10.92 -8.86 -65.90
C LYS C 401 9.64 -9.15 -65.12
N LEU C 402 9.33 -10.43 -64.92
CA LEU C 402 8.08 -10.80 -64.26
C LEU C 402 8.19 -10.68 -62.74
N PHE C 403 9.17 -11.37 -62.15
CA PHE C 403 9.21 -11.47 -60.68
C PHE C 403 9.84 -10.24 -60.02
N ILE C 404 10.39 -9.32 -60.81
CA ILE C 404 10.83 -8.06 -60.22
C ILE C 404 9.69 -7.03 -60.25
N SER C 405 8.92 -7.00 -61.34
CA SER C 405 7.76 -6.12 -61.41
C SER C 405 6.59 -6.62 -60.56
N ARG C 406 6.65 -7.85 -60.08
CA ARG C 406 5.63 -8.38 -59.19
C ARG C 406 5.94 -8.13 -57.71
N ALA C 407 7.22 -8.13 -57.33
CA ALA C 407 7.61 -7.84 -55.96
C ALA C 407 7.74 -6.35 -55.70
N LYS C 408 7.77 -5.52 -56.74
CA LYS C 408 7.71 -4.08 -56.58
C LYS C 408 6.28 -3.57 -56.57
N ARG C 409 5.36 -4.31 -57.21
CA ARG C 409 3.94 -3.98 -57.18
C ARG C 409 3.35 -4.14 -55.78
N ILE C 410 3.91 -5.06 -54.98
CA ILE C 410 3.44 -5.23 -53.61
C ILE C 410 3.83 -4.03 -52.76
N ASP C 411 5.01 -3.48 -53.00
CA ASP C 411 5.51 -2.38 -52.17
C ASP C 411 4.79 -1.07 -52.48
N THR C 412 4.74 -0.69 -53.76
CA THR C 412 4.25 0.63 -54.14
C THR C 412 2.74 0.76 -54.08
N VAL C 413 2.00 -0.33 -53.87
CA VAL C 413 0.56 -0.26 -53.69
C VAL C 413 0.19 -0.26 -52.21
N SER C 414 0.80 -1.14 -51.42
CA SER C 414 0.56 -1.19 -49.99
C SER C 414 1.24 -0.05 -49.23
N ARG C 415 2.08 0.74 -49.89
CA ARG C 415 2.60 1.96 -49.27
C ARG C 415 1.51 3.02 -49.19
N VAL C 416 0.53 2.96 -50.09
CA VAL C 416 -0.58 3.90 -50.10
C VAL C 416 -1.87 3.26 -49.59
N ALA C 417 -2.00 1.93 -49.68
CA ALA C 417 -3.21 1.26 -49.22
C ALA C 417 -3.35 1.25 -47.70
N PHE C 418 -2.23 1.16 -46.98
CA PHE C 418 -2.29 1.22 -45.52
C PHE C 418 -2.66 2.59 -44.95
N PRO C 419 -2.29 3.73 -45.56
CA PRO C 419 -2.97 4.99 -45.17
C PRO C 419 -4.40 5.13 -45.65
N LEU C 420 -4.97 4.13 -46.32
CA LEU C 420 -6.40 4.10 -46.61
C LEU C 420 -7.16 3.21 -45.64
N VAL C 421 -6.58 2.07 -45.25
CA VAL C 421 -7.24 1.16 -44.33
C VAL C 421 -7.17 1.68 -42.91
N PHE C 422 -6.03 2.25 -42.51
CA PHE C 422 -5.91 2.82 -41.17
C PHE C 422 -6.72 4.10 -41.03
N LEU C 423 -6.95 4.81 -42.13
CA LEU C 423 -7.75 6.03 -42.07
C LEU C 423 -9.24 5.73 -42.09
N ILE C 424 -9.65 4.64 -42.74
CA ILE C 424 -11.08 4.31 -42.76
C ILE C 424 -11.50 3.64 -41.46
N PHE C 425 -10.56 3.04 -40.71
CA PHE C 425 -10.88 2.58 -39.36
C PHE C 425 -10.94 3.75 -38.38
N ASN C 426 -10.04 4.72 -38.56
CA ASN C 426 -9.98 5.88 -37.66
C ASN C 426 -11.20 6.77 -37.79
N ILE C 427 -11.85 6.77 -38.96
CA ILE C 427 -13.15 7.42 -39.09
C ILE C 427 -14.22 6.62 -38.37
N PHE C 428 -14.22 5.29 -38.56
CA PHE C 428 -15.26 4.44 -37.98
C PHE C 428 -15.13 4.30 -36.47
N TYR C 429 -13.93 4.48 -35.91
CA TYR C 429 -13.73 4.26 -34.48
C TYR C 429 -14.32 5.39 -33.65
N TRP C 430 -14.11 6.64 -34.09
CA TRP C 430 -14.52 7.78 -33.26
C TRP C 430 -16.00 8.10 -33.40
N ILE C 431 -16.61 7.83 -34.56
CA ILE C 431 -18.04 8.10 -34.72
C ILE C 431 -18.85 7.10 -33.91
N THR C 432 -18.31 5.91 -33.67
CA THR C 432 -19.01 4.91 -32.85
C THR C 432 -19.06 5.34 -31.39
N TYR C 433 -17.97 5.91 -30.88
CA TYR C 433 -17.83 6.14 -29.45
C TYR C 433 -18.11 7.57 -29.00
N LYS C 434 -17.82 8.58 -29.82
CA LYS C 434 -18.05 9.96 -29.39
C LYS C 434 -19.53 10.30 -29.44
N ILE C 435 -20.30 9.59 -30.27
CA ILE C 435 -21.75 9.81 -30.30
C ILE C 435 -22.40 9.17 -29.07
N ILE C 436 -22.01 7.94 -28.74
CA ILE C 436 -22.52 7.26 -27.55
C ILE C 436 -21.98 7.93 -26.29
N PRO D 31 -1.88 27.83 51.79
CA PRO D 31 -2.99 26.92 51.43
C PRO D 31 -3.61 27.26 50.09
N MET D 32 -4.85 26.80 49.87
CA MET D 32 -5.67 26.98 48.67
C MET D 32 -4.93 26.55 47.40
N PRO D 33 -4.80 25.25 47.14
CA PRO D 33 -4.14 24.79 45.91
C PRO D 33 -4.97 25.13 44.69
N PRO D 34 -4.36 25.21 43.50
CA PRO D 34 -5.11 25.67 42.32
C PRO D 34 -6.22 24.73 41.87
N SER D 35 -5.95 23.42 41.86
CA SER D 35 -6.93 22.46 41.37
C SER D 35 -8.15 22.37 42.29
N GLU D 36 -7.99 22.67 43.58
CA GLU D 36 -9.14 22.79 44.46
C GLU D 36 -9.81 24.16 44.29
N PHE D 37 -9.02 25.20 44.07
CA PHE D 37 -9.57 26.53 43.88
C PHE D 37 -10.30 26.66 42.54
N LEU D 38 -9.76 26.02 41.50
CA LEU D 38 -10.37 26.17 40.18
C LEU D 38 -11.62 25.31 40.02
N ASP D 39 -11.78 24.26 40.84
CA ASP D 39 -13.04 23.55 40.89
C ASP D 39 -14.14 24.39 41.52
N LYS D 40 -13.79 25.37 42.35
CA LYS D 40 -14.77 26.35 42.81
C LYS D 40 -15.11 27.36 41.72
N LEU D 41 -14.16 27.65 40.83
CA LEU D 41 -14.36 28.67 39.81
C LEU D 41 -15.26 28.19 38.68
N MET D 42 -15.27 26.88 38.39
CA MET D 42 -16.03 26.36 37.27
C MET D 42 -17.02 25.26 37.66
N GLY D 43 -17.15 24.93 38.94
CA GLY D 43 -17.96 23.79 39.33
C GLY D 43 -19.43 24.07 39.44
N LYS D 44 -20.07 23.47 40.45
CA LYS D 44 -21.52 23.61 40.62
C LYS D 44 -21.87 25.02 41.10
N VAL D 45 -21.08 25.57 42.02
CA VAL D 45 -21.26 26.93 42.49
C VAL D 45 -20.76 27.91 41.43
N SER D 46 -21.08 29.19 41.61
CA SER D 46 -20.78 30.34 40.77
C SER D 46 -21.48 30.31 39.41
N GLY D 47 -22.32 29.32 39.13
CA GLY D 47 -23.15 29.34 37.94
C GLY D 47 -22.43 29.16 36.63
N TYR D 48 -21.23 28.58 36.63
CA TYR D 48 -20.50 28.39 35.40
C TYR D 48 -21.08 27.22 34.63
N ASP D 49 -21.32 27.41 33.34
CA ASP D 49 -21.89 26.39 32.46
C ASP D 49 -21.02 26.31 31.22
N ALA D 50 -20.37 25.16 31.01
CA ALA D 50 -19.45 24.97 29.90
C ALA D 50 -20.15 24.80 28.56
N ARG D 51 -21.48 24.78 28.54
CA ARG D 51 -22.24 24.68 27.31
C ARG D 51 -22.64 26.04 26.75
N ILE D 52 -22.23 27.12 27.40
CA ILE D 52 -22.61 28.47 27.04
C ILE D 52 -21.35 29.28 26.77
N ARG D 53 -21.32 30.00 25.65
CA ARG D 53 -20.16 30.79 25.29
C ARG D 53 -20.05 32.03 26.18
N PRO D 54 -18.85 32.60 26.30
CA PRO D 54 -18.71 33.86 27.05
C PRO D 54 -19.36 35.02 26.32
N ASN D 55 -19.67 36.06 27.10
CA ASN D 55 -20.35 37.28 26.64
C ASN D 55 -21.67 36.95 25.94
N PHE D 56 -22.50 36.18 26.63
CA PHE D 56 -23.73 35.69 26.04
C PHE D 56 -24.77 36.80 25.97
N LYS D 57 -25.56 36.79 24.89
CA LYS D 57 -26.47 37.87 24.50
C LYS D 57 -25.75 39.21 24.41
N GLY D 58 -24.55 39.18 23.82
CA GLY D 58 -23.74 40.37 23.70
C GLY D 58 -22.85 40.32 22.46
N PRO D 59 -21.67 40.93 22.57
CA PRO D 59 -20.72 40.90 21.44
C PRO D 59 -20.15 39.51 21.24
N PRO D 60 -19.73 39.18 20.03
CA PRO D 60 -19.21 37.84 19.77
C PRO D 60 -17.83 37.62 20.38
N VAL D 61 -17.47 36.35 20.51
CA VAL D 61 -16.18 35.97 21.08
C VAL D 61 -15.11 36.10 20.01
N ASN D 62 -14.06 36.84 20.31
CA ASN D 62 -12.95 37.08 19.38
C ASN D 62 -11.82 36.13 19.71
N VAL D 63 -11.78 35.00 19.01
CA VAL D 63 -10.75 33.99 19.21
C VAL D 63 -9.62 34.26 18.24
N THR D 64 -8.42 34.51 18.76
CA THR D 64 -7.24 34.71 17.95
C THR D 64 -6.36 33.46 17.97
N CYS D 65 -5.76 33.15 16.82
CA CYS D 65 -5.11 31.87 16.61
C CYS D 65 -3.75 32.04 15.95
N ASN D 66 -2.85 31.11 16.26
CA ASN D 66 -1.59 30.96 15.54
C ASN D 66 -1.12 29.52 15.66
N ILE D 67 -0.32 29.09 14.68
CA ILE D 67 0.11 27.69 14.59
C ILE D 67 1.62 27.62 14.60
N PHE D 68 2.13 26.44 14.95
CA PHE D 68 3.56 26.13 14.93
C PHE D 68 3.74 24.81 14.19
N ILE D 69 4.31 24.86 12.99
CA ILE D 69 4.43 23.68 12.16
C ILE D 69 5.64 22.87 12.61
N ASN D 70 5.38 21.73 13.26
CA ASN D 70 6.47 20.83 13.61
C ASN D 70 7.00 20.09 12.39
N SER D 71 6.13 19.31 11.75
CA SER D 71 6.50 18.52 10.58
C SER D 71 5.65 18.94 9.38
N PHE D 72 6.20 18.73 8.20
CA PHE D 72 5.52 19.09 6.96
C PHE D 72 6.03 18.15 5.87
N GLY D 73 5.17 17.85 4.91
CA GLY D 73 5.63 17.08 3.79
C GLY D 73 4.73 15.88 3.53
N SER D 74 5.34 14.87 2.91
CA SER D 74 4.65 13.74 2.26
C SER D 74 3.55 14.25 1.34
N ILE D 75 3.94 15.19 0.47
CA ILE D 75 2.99 15.89 -0.39
C ILE D 75 2.71 15.00 -1.59
N ALA D 76 1.64 14.22 -1.50
CA ALA D 76 1.28 13.31 -2.58
C ALA D 76 0.54 14.07 -3.68
N GLU D 77 0.61 13.52 -4.89
CA GLU D 77 -0.06 14.11 -6.04
C GLU D 77 -1.10 13.20 -6.67
N THR D 78 -1.01 11.88 -6.45
CA THR D 78 -2.11 11.00 -6.84
C THR D 78 -3.35 11.28 -6.00
N THR D 79 -3.16 11.57 -4.73
CA THR D 79 -4.25 11.92 -3.83
C THR D 79 -4.47 13.43 -3.75
N MET D 80 -3.44 14.22 -4.11
CA MET D 80 -3.40 15.68 -4.01
C MET D 80 -3.67 16.14 -2.57
N ASP D 81 -2.76 15.75 -1.68
CA ASP D 81 -2.86 16.14 -0.28
C ASP D 81 -1.47 16.23 0.33
N TYR D 82 -1.41 16.83 1.52
CA TYR D 82 -0.17 16.94 2.26
C TYR D 82 -0.46 16.74 3.74
N ARG D 83 0.54 16.23 4.46
CA ARG D 83 0.42 15.94 5.88
C ARG D 83 1.20 16.97 6.68
N VAL D 84 0.54 17.61 7.64
CA VAL D 84 1.18 18.61 8.49
C VAL D 84 0.97 18.17 9.94
N ASN D 85 1.85 18.66 10.81
CA ASN D 85 1.79 18.36 12.24
C ASN D 85 1.99 19.68 12.97
N ILE D 86 0.91 20.22 13.54
CA ILE D 86 0.92 21.60 14.03
C ILE D 86 0.67 21.63 15.54
N PHE D 87 0.96 22.80 16.11
CA PHE D 87 0.54 23.19 17.46
C PHE D 87 -0.50 24.28 17.31
N LEU D 88 -1.77 23.94 17.51
CA LEU D 88 -2.85 24.90 17.34
C LEU D 88 -3.08 25.64 18.66
N ARG D 89 -2.69 26.92 18.69
CA ARG D 89 -2.88 27.75 19.86
C ARG D 89 -4.12 28.62 19.66
N GLN D 90 -4.95 28.70 20.71
CA GLN D 90 -6.17 29.49 20.67
C GLN D 90 -6.22 30.39 21.90
N GLN D 91 -6.52 31.67 21.69
CA GLN D 91 -6.62 32.63 22.77
C GLN D 91 -7.96 33.36 22.66
N TRP D 92 -8.74 33.34 23.74
CA TRP D 92 -9.97 34.11 23.82
C TRP D 92 -10.09 34.67 25.22
N ASN D 93 -11.22 35.31 25.50
CA ASN D 93 -11.47 35.90 26.81
C ASN D 93 -12.75 35.32 27.38
N ASP D 94 -12.70 34.92 28.64
CA ASP D 94 -13.85 34.36 29.35
C ASP D 94 -13.98 35.13 30.65
N PRO D 95 -14.94 36.06 30.76
CA PRO D 95 -15.07 36.86 31.97
C PRO D 95 -15.54 36.08 33.20
N ARG D 96 -16.10 34.89 33.02
CA ARG D 96 -16.51 34.07 34.15
C ARG D 96 -15.33 33.39 34.84
N LEU D 97 -14.18 33.30 34.17
CA LEU D 97 -12.99 32.70 34.73
C LEU D 97 -12.00 33.72 35.26
N ALA D 98 -12.44 34.95 35.51
CA ALA D 98 -11.57 36.02 35.98
C ALA D 98 -11.55 36.01 37.50
N TYR D 99 -10.59 35.27 38.07
CA TYR D 99 -10.38 35.29 39.50
C TYR D 99 -9.70 36.60 39.91
N SER D 100 -9.84 36.94 41.18
CA SER D 100 -9.30 38.21 41.65
C SER D 100 -8.40 38.08 42.88
N GLU D 101 -8.72 37.18 43.81
CA GLU D 101 -8.03 37.13 45.09
C GLU D 101 -6.94 36.07 45.15
N TYR D 102 -6.82 35.22 44.14
CA TYR D 102 -5.75 34.23 44.14
C TYR D 102 -4.45 34.92 43.71
N PRO D 103 -3.33 34.67 44.40
CA PRO D 103 -2.13 35.50 44.18
C PRO D 103 -1.40 35.27 42.87
N ASP D 104 -1.57 34.13 42.21
CA ASP D 104 -0.78 33.85 41.01
C ASP D 104 -1.31 34.62 39.81
N ASP D 105 -0.55 34.57 38.72
CA ASP D 105 -0.91 35.22 37.48
C ASP D 105 -1.47 34.26 36.44
N SER D 106 -1.24 32.97 36.57
CA SER D 106 -1.73 31.99 35.62
C SER D 106 -1.98 30.68 36.34
N LEU D 107 -3.06 30.00 35.95
CA LEU D 107 -3.44 28.71 36.51
C LEU D 107 -3.51 27.69 35.38
N ASP D 108 -2.59 26.74 35.38
CA ASP D 108 -2.63 25.66 34.40
C ASP D 108 -3.79 24.71 34.69
N LEU D 109 -4.20 23.99 33.65
CA LEU D 109 -5.32 23.05 33.76
C LEU D 109 -4.93 21.81 32.97
N ASP D 110 -4.76 20.70 33.67
CA ASP D 110 -4.37 19.46 33.01
C ASP D 110 -5.56 18.89 32.22
N PRO D 111 -5.31 18.09 31.18
CA PRO D 111 -6.42 17.62 30.32
C PRO D 111 -7.39 16.62 30.97
N SER D 112 -7.28 16.31 32.27
CA SER D 112 -8.30 15.50 32.91
C SER D 112 -9.59 16.28 33.10
N MET D 113 -9.49 17.56 33.43
CA MET D 113 -10.63 18.45 33.57
C MET D 113 -10.84 19.32 32.34
N LEU D 114 -10.44 18.85 31.17
CA LEU D 114 -10.45 19.66 29.95
C LEU D 114 -11.85 19.87 29.41
N ASP D 115 -12.77 18.95 29.69
CA ASP D 115 -14.14 19.04 29.19
C ASP D 115 -15.06 19.83 30.14
N SER D 116 -14.50 20.72 30.95
CA SER D 116 -15.27 21.40 31.97
C SER D 116 -15.40 22.90 31.76
N ILE D 117 -14.69 23.48 30.79
CA ILE D 117 -14.85 24.89 30.44
C ILE D 117 -15.30 24.98 28.98
N TRP D 118 -15.56 26.21 28.54
CA TRP D 118 -15.95 26.44 27.16
C TRP D 118 -14.74 26.36 26.25
N LYS D 119 -14.94 25.81 25.05
CA LYS D 119 -13.93 25.76 24.02
C LYS D 119 -14.56 26.08 22.68
N PRO D 120 -13.85 26.79 21.80
CA PRO D 120 -14.37 27.03 20.46
C PRO D 120 -14.40 25.75 19.64
N ASP D 121 -15.45 25.60 18.84
CA ASP D 121 -15.63 24.42 18.01
C ASP D 121 -14.96 24.59 16.65
N LEU D 122 -13.64 24.76 16.69
CA LEU D 122 -12.87 24.92 15.47
C LEU D 122 -12.74 23.59 14.75
N PHE D 123 -12.72 23.67 13.42
CA PHE D 123 -12.42 22.51 12.60
C PHE D 123 -11.76 23.01 11.34
N PHE D 124 -11.33 22.08 10.49
CA PHE D 124 -10.67 22.41 9.24
C PHE D 124 -11.59 22.00 8.10
N ALA D 125 -11.76 22.89 7.11
CA ALA D 125 -12.68 22.61 6.03
C ALA D 125 -12.14 21.60 5.02
N ASN D 126 -10.87 21.21 5.15
CA ASN D 126 -10.24 20.21 4.29
C ASN D 126 -9.45 19.21 5.14
N GLU D 127 -10.13 18.65 6.16
CA GLU D 127 -9.50 17.71 7.10
C GLU D 127 -8.97 16.46 6.41
N LYS D 128 -9.85 15.73 5.72
CA LYS D 128 -9.56 14.43 5.09
C LYS D 128 -8.92 13.46 6.09
N GLY D 129 -9.52 13.38 7.26
CA GLY D 129 -8.98 12.54 8.32
C GLY D 129 -7.91 13.23 9.14
N ALA D 130 -8.09 13.25 10.46
CA ALA D 130 -7.13 13.87 11.37
C ALA D 130 -7.30 13.24 12.74
N ASN D 131 -6.30 13.45 13.59
CA ASN D 131 -6.30 12.84 14.91
C ASN D 131 -5.49 13.69 15.89
N PHE D 132 -5.72 13.45 17.17
CA PHE D 132 -4.94 14.07 18.23
C PHE D 132 -3.68 13.24 18.48
N HIS D 133 -2.96 13.59 19.54
CA HIS D 133 -1.83 12.79 20.03
C HIS D 133 -2.01 12.57 21.52
N GLU D 134 -1.99 11.31 21.93
CA GLU D 134 -2.34 10.92 23.30
C GLU D 134 -1.29 9.97 23.86
N VAL D 135 -0.03 10.33 23.70
CA VAL D 135 1.07 9.49 24.17
C VAL D 135 1.55 10.03 25.52
N THR D 136 1.35 9.20 26.56
CA THR D 136 1.77 9.29 27.96
C THR D 136 0.94 10.33 28.73
N THR D 137 0.20 11.17 28.00
CA THR D 137 -0.71 12.22 28.46
C THR D 137 -1.38 12.76 27.19
N ASP D 138 -2.66 13.14 27.31
CA ASP D 138 -3.30 13.94 26.28
C ASP D 138 -2.53 15.22 26.05
N ASN D 139 -1.98 15.39 24.84
CA ASN D 139 -1.14 16.55 24.53
C ASN D 139 -2.03 17.78 24.35
N LYS D 140 -2.44 18.35 25.47
CA LYS D 140 -3.30 19.53 25.51
C LYS D 140 -2.79 20.47 26.59
N LEU D 141 -2.70 21.75 26.25
CA LEU D 141 -2.23 22.79 27.15
C LEU D 141 -3.35 23.79 27.40
N LEU D 142 -3.50 24.21 28.66
CA LEU D 142 -4.58 25.12 29.02
C LEU D 142 -4.19 25.90 30.27
N ARG D 143 -4.08 27.22 30.12
CA ARG D 143 -3.76 28.09 31.24
C ARG D 143 -4.68 29.31 31.22
N ILE D 144 -5.05 29.77 32.40
CA ILE D 144 -6.04 30.83 32.58
C ILE D 144 -5.37 31.98 33.33
N SER D 145 -5.37 33.17 32.73
CA SER D 145 -4.78 34.34 33.34
C SER D 145 -5.75 34.97 34.34
N LYS D 146 -5.35 36.11 34.91
CA LYS D 146 -6.15 36.75 35.95
C LYS D 146 -7.37 37.47 35.37
N ASN D 147 -7.20 38.17 34.26
CA ASN D 147 -8.31 38.91 33.68
C ASN D 147 -9.26 38.03 32.87
N GLY D 148 -8.92 36.76 32.66
CA GLY D 148 -9.76 35.85 31.90
C GLY D 148 -9.19 35.40 30.58
N ASN D 149 -7.97 35.81 30.24
CA ASN D 149 -7.34 35.35 29.02
C ASN D 149 -7.01 33.86 29.13
N VAL D 150 -7.44 33.09 28.14
CA VAL D 150 -7.35 31.63 28.17
C VAL D 150 -6.52 31.19 26.98
N LEU D 151 -5.34 30.63 27.25
CA LEU D 151 -4.49 30.03 26.24
C LEU D 151 -4.80 28.54 26.13
N TYR D 152 -4.98 28.06 24.91
CA TYR D 152 -5.37 26.67 24.66
C TYR D 152 -4.54 26.15 23.49
N SER D 153 -3.59 25.26 23.79
CA SER D 153 -2.66 24.76 22.79
C SER D 153 -2.74 23.23 22.73
N ILE D 154 -3.05 22.71 21.53
CA ILE D 154 -3.15 21.27 21.33
C ILE D 154 -2.30 20.89 20.12
N ARG D 155 -1.98 19.59 20.04
CA ARG D 155 -1.18 19.05 18.96
C ARG D 155 -2.07 18.24 18.03
N ILE D 156 -2.08 18.59 16.75
CA ILE D 156 -2.96 17.98 15.76
C ILE D 156 -2.11 17.51 14.59
N THR D 157 -2.41 16.31 14.09
CA THR D 157 -1.87 15.82 12.83
C THR D 157 -2.96 15.85 11.78
N LEU D 158 -2.73 16.58 10.70
CA LEU D 158 -3.70 16.80 9.63
C LEU D 158 -3.19 16.19 8.33
N VAL D 159 -4.11 15.77 7.47
CA VAL D 159 -3.76 15.38 6.10
C VAL D 159 -4.60 16.28 5.19
N LEU D 160 -4.08 17.47 4.89
CA LEU D 160 -4.87 18.53 4.30
C LEU D 160 -4.87 18.42 2.78
N ALA D 161 -6.00 18.78 2.17
CA ALA D 161 -6.17 18.68 0.73
C ALA D 161 -5.89 20.02 0.07
N CYS D 162 -5.12 19.98 -1.03
CA CYS D 162 -4.89 21.17 -1.83
C CYS D 162 -4.90 20.78 -3.31
N PRO D 163 -5.61 21.51 -4.16
CA PRO D 163 -5.65 21.18 -5.58
C PRO D 163 -4.34 21.55 -6.27
N MET D 164 -3.81 20.60 -7.04
CA MET D 164 -2.52 20.78 -7.70
C MET D 164 -2.73 21.33 -9.11
N ASP D 165 -2.03 22.41 -9.42
CA ASP D 165 -2.03 22.99 -10.76
C ASP D 165 -0.68 22.66 -11.39
N LEU D 166 -0.68 21.77 -12.37
CA LEU D 166 0.54 21.17 -12.91
C LEU D 166 0.72 21.54 -14.38
N LYS D 167 0.51 22.81 -14.73
CA LYS D 167 0.66 23.21 -16.13
C LYS D 167 2.12 23.25 -16.55
N ASN D 168 3.00 23.72 -15.67
CA ASN D 168 4.44 23.72 -15.89
C ASN D 168 5.08 22.92 -14.75
N PHE D 169 5.15 21.59 -14.94
CA PHE D 169 5.22 20.69 -13.79
C PHE D 169 6.53 20.71 -13.02
N PRO D 170 7.72 20.61 -13.62
CA PRO D 170 8.93 20.67 -12.77
C PRO D 170 9.27 22.07 -12.29
N MET D 171 8.60 23.11 -12.78
CA MET D 171 8.93 24.49 -12.45
C MET D 171 7.77 25.24 -11.80
N ASP D 172 6.77 24.54 -11.26
CA ASP D 172 5.62 25.23 -10.72
C ASP D 172 5.85 25.65 -9.27
N VAL D 173 5.05 26.61 -8.83
CA VAL D 173 5.04 27.07 -7.45
C VAL D 173 3.64 26.78 -6.91
N GLN D 174 3.52 25.69 -6.16
CA GLN D 174 2.22 25.29 -5.62
C GLN D 174 1.83 26.19 -4.45
N THR D 175 0.53 26.37 -4.28
CA THR D 175 -0.02 27.16 -3.18
C THR D 175 -1.05 26.28 -2.48
N CYS D 176 -0.63 25.61 -1.40
CA CYS D 176 -1.49 24.75 -0.63
C CYS D 176 -1.88 25.46 0.66
N ILE D 177 -3.17 25.41 0.98
CA ILE D 177 -3.74 26.24 2.03
C ILE D 177 -4.22 25.37 3.18
N MET D 178 -4.59 26.03 4.27
CA MET D 178 -5.30 25.40 5.37
C MET D 178 -6.23 26.44 5.99
N GLN D 179 -7.47 26.06 6.25
CA GLN D 179 -8.49 27.00 6.68
C GLN D 179 -9.23 26.49 7.90
N LEU D 180 -9.51 27.42 8.82
CA LEU D 180 -9.94 27.13 10.18
C LEU D 180 -11.32 27.73 10.38
N GLU D 181 -12.35 26.90 10.36
CA GLU D 181 -13.73 27.37 10.44
C GLU D 181 -14.33 27.01 11.79
N SER D 182 -15.44 27.69 12.11
CA SER D 182 -16.33 27.28 13.18
C SER D 182 -17.47 26.45 12.61
N PHE D 183 -17.99 25.53 13.42
CA PHE D 183 -19.00 24.60 12.95
C PHE D 183 -20.39 24.89 13.48
N GLY D 184 -20.52 25.31 14.73
CA GLY D 184 -21.83 25.48 15.32
C GLY D 184 -22.20 26.91 15.66
N TYR D 185 -21.21 27.80 15.67
CA TYR D 185 -21.43 29.20 15.99
C TYR D 185 -21.27 30.04 14.73
N THR D 186 -22.22 30.94 14.50
CA THR D 186 -22.21 31.79 13.31
C THR D 186 -21.29 32.99 13.54
N MET D 187 -21.34 33.95 12.62
CA MET D 187 -20.47 35.13 12.71
C MET D 187 -20.86 36.04 13.86
N ASN D 188 -22.14 36.12 14.19
CA ASN D 188 -22.59 36.99 15.27
C ASN D 188 -22.39 36.39 16.66
N ASP D 189 -21.70 35.25 16.77
CA ASP D 189 -21.41 34.63 18.06
C ASP D 189 -19.95 34.29 18.26
N LEU D 190 -19.15 34.18 17.20
CA LEU D 190 -17.76 33.71 17.32
C LEU D 190 -17.00 34.12 16.07
N ILE D 191 -15.90 34.84 16.24
CA ILE D 191 -15.10 35.35 15.14
C ILE D 191 -13.67 34.87 15.31
N PHE D 192 -13.11 34.27 14.26
CA PHE D 192 -11.71 33.87 14.23
C PHE D 192 -10.84 34.97 13.64
N GLU D 193 -9.67 35.17 14.24
CA GLU D 193 -8.69 36.14 13.76
C GLU D 193 -7.30 35.51 13.85
N TRP D 194 -6.38 36.02 13.04
CA TRP D 194 -4.97 35.74 13.24
C TRP D 194 -4.38 36.80 14.14
N ASP D 195 -3.40 36.41 14.96
CA ASP D 195 -2.71 37.39 15.77
C ASP D 195 -1.63 38.09 14.95
N GLU D 196 -1.30 39.32 15.37
CA GLU D 196 -0.34 40.12 14.64
C GLU D 196 1.11 39.72 14.92
N LYS D 197 1.35 38.96 15.98
CA LYS D 197 2.70 38.60 16.39
C LYS D 197 3.08 37.21 15.88
N GLY D 198 3.32 37.15 14.56
CA GLY D 198 3.79 35.92 13.96
C GLY D 198 2.73 34.83 13.90
N ALA D 199 1.75 34.99 13.01
CA ALA D 199 0.59 34.09 13.00
C ALA D 199 0.93 32.68 12.55
N VAL D 200 2.03 32.46 11.84
CA VAL D 200 2.48 31.11 11.49
C VAL D 200 3.96 31.03 11.81
N GLN D 201 4.32 30.27 12.84
CA GLN D 201 5.71 29.95 13.10
C GLN D 201 6.07 28.60 12.49
N VAL D 202 7.33 28.48 12.07
CA VAL D 202 7.86 27.27 11.47
C VAL D 202 9.05 26.83 12.32
N ALA D 203 9.22 25.51 12.48
CA ALA D 203 10.34 24.96 13.22
C ALA D 203 11.67 25.30 12.54
N ASP D 204 12.76 25.11 13.30
CA ASP D 204 14.06 25.62 12.90
C ASP D 204 14.64 24.86 11.71
N GLY D 205 14.82 23.55 11.87
CA GLY D 205 15.44 22.78 10.81
C GLY D 205 14.44 22.02 9.95
N LEU D 206 13.30 22.63 9.66
CA LEU D 206 12.26 21.97 8.87
C LEU D 206 12.59 22.10 7.40
N THR D 207 13.06 21.01 6.79
CA THR D 207 13.33 20.94 5.37
C THR D 207 12.40 19.94 4.70
N LEU D 208 12.33 20.02 3.37
CA LEU D 208 11.48 19.16 2.58
C LEU D 208 12.32 18.41 1.54
N PRO D 209 11.95 17.16 1.22
CA PRO D 209 12.76 16.41 0.24
C PRO D 209 12.61 16.90 -1.18
N GLN D 210 11.44 17.40 -1.56
CA GLN D 210 11.19 17.81 -2.93
C GLN D 210 10.92 19.30 -3.10
N PHE D 211 10.51 19.99 -2.03
CA PHE D 211 10.05 21.35 -2.11
C PHE D 211 10.90 22.26 -1.22
N ILE D 212 10.65 23.56 -1.32
CA ILE D 212 11.11 24.54 -0.34
C ILE D 212 9.93 25.42 0.02
N LEU D 213 9.80 25.72 1.31
CA LEU D 213 8.69 26.52 1.81
C LEU D 213 9.14 27.98 1.85
N LYS D 214 8.47 28.82 1.08
CA LYS D 214 8.81 30.24 1.03
C LYS D 214 8.41 30.94 2.32
N GLU D 215 9.13 32.01 2.64
CA GLU D 215 8.97 32.68 3.93
C GLU D 215 7.71 33.53 3.99
N GLU D 216 7.30 34.11 2.87
CA GLU D 216 6.08 34.92 2.83
C GLU D 216 4.87 34.00 2.83
N LYS D 217 4.02 34.13 3.83
CA LYS D 217 2.83 33.31 3.99
C LYS D 217 1.61 34.22 4.04
N ASP D 218 0.71 34.06 3.07
CA ASP D 218 -0.45 34.93 2.97
C ASP D 218 -1.47 34.59 4.04
N LEU D 219 -2.17 35.62 4.51
CA LEU D 219 -3.17 35.48 5.57
C LEU D 219 -4.40 36.26 5.17
N ARG D 220 -5.49 35.57 4.85
CA ARG D 220 -6.69 36.25 4.40
C ARG D 220 -7.91 35.52 4.92
N TYR D 221 -9.08 36.09 4.64
CA TYR D 221 -10.35 35.56 5.13
C TYR D 221 -11.03 34.72 4.07
N CYS D 222 -11.82 33.75 4.53
CA CYS D 222 -12.46 32.75 3.70
C CYS D 222 -13.89 32.50 4.14
N THR D 223 -14.61 33.57 4.52
CA THR D 223 -15.90 33.48 5.19
C THR D 223 -16.95 32.78 4.33
N LYS D 224 -17.49 31.69 4.86
CA LYS D 224 -18.39 30.82 4.12
C LYS D 224 -19.84 31.22 4.35
N HIS D 225 -20.65 31.08 3.30
CA HIS D 225 -22.09 31.32 3.37
C HIS D 225 -22.82 30.05 2.99
N TYR D 226 -23.52 29.46 3.94
CA TYR D 226 -24.34 28.29 3.72
C TYR D 226 -25.81 28.68 3.80
N ASN D 227 -26.69 27.68 3.67
CA ASN D 227 -28.11 27.90 3.92
C ASN D 227 -28.47 27.84 5.39
N THR D 228 -27.52 27.51 6.26
CA THR D 228 -27.70 27.56 7.70
C THR D 228 -27.35 28.94 8.25
N GLY D 229 -26.23 29.49 7.81
CA GLY D 229 -25.83 30.83 8.24
C GLY D 229 -24.51 31.17 7.60
N LYS D 230 -23.88 32.22 8.11
CA LYS D 230 -22.52 32.57 7.71
C LYS D 230 -21.57 32.25 8.86
N PHE D 231 -20.47 31.58 8.55
CA PHE D 231 -19.57 31.04 9.54
C PHE D 231 -18.18 31.64 9.34
N THR D 232 -17.49 31.87 10.45
CA THR D 232 -16.17 32.48 10.39
C THR D 232 -15.14 31.51 9.84
N CYS D 233 -14.09 32.07 9.25
CA CYS D 233 -13.06 31.30 8.58
C CYS D 233 -11.84 32.20 8.44
N ILE D 234 -10.67 31.64 8.75
CA ILE D 234 -9.39 32.28 8.48
C ILE D 234 -8.51 31.23 7.82
N GLU D 235 -7.61 31.68 6.93
CA GLU D 235 -6.77 30.71 6.25
C GLU D 235 -5.37 31.27 6.04
N ALA D 236 -4.44 30.35 5.80
CA ALA D 236 -3.03 30.68 5.62
C ALA D 236 -2.51 29.93 4.40
N ARG D 237 -2.04 30.67 3.41
CA ARG D 237 -1.47 30.09 2.21
C ARG D 237 -0.01 29.70 2.47
N PHE D 238 0.41 28.59 1.87
CA PHE D 238 1.81 28.17 1.91
C PHE D 238 2.29 28.00 0.48
N HIS D 239 3.34 28.73 0.11
CA HIS D 239 3.88 28.67 -1.24
C HIS D 239 4.97 27.61 -1.29
N LEU D 240 4.79 26.61 -2.13
CA LEU D 240 5.70 25.48 -2.25
C LEU D 240 6.34 25.50 -3.63
N GLU D 241 7.64 25.80 -3.68
CA GLU D 241 8.42 25.80 -4.90
C GLU D 241 9.19 24.50 -5.00
N ARG D 242 9.15 23.87 -6.18
CA ARG D 242 9.84 22.59 -6.32
C ARG D 242 11.35 22.77 -6.39
N GLN D 243 12.04 21.66 -6.17
CA GLN D 243 13.47 21.56 -6.43
C GLN D 243 13.64 20.92 -7.80
N MET D 244 14.09 21.71 -8.77
CA MET D 244 14.24 21.26 -10.14
C MET D 244 15.45 20.35 -10.32
N GLY D 245 16.35 20.30 -9.34
CA GLY D 245 17.59 19.54 -9.45
C GLY D 245 17.42 18.04 -9.57
N TYR D 246 16.30 17.49 -9.09
CA TYR D 246 16.05 16.07 -9.29
C TYR D 246 15.65 15.77 -10.72
N TYR D 247 14.70 16.54 -11.27
CA TYR D 247 14.22 16.28 -12.62
C TYR D 247 15.22 16.70 -13.67
N LEU D 248 16.23 17.49 -13.29
CA LEU D 248 17.33 17.81 -14.18
C LEU D 248 18.32 16.66 -14.33
N ILE D 249 18.27 15.67 -13.44
CA ILE D 249 19.17 14.51 -13.50
C ILE D 249 18.51 13.32 -14.17
N GLN D 250 17.28 12.97 -13.77
CA GLN D 250 16.67 11.74 -14.26
C GLN D 250 16.02 11.91 -15.62
N MET D 251 15.35 13.05 -15.86
CA MET D 251 14.48 13.19 -17.02
C MET D 251 15.03 14.08 -18.12
N TYR D 252 15.97 14.97 -17.80
CA TYR D 252 16.45 15.93 -18.80
C TYR D 252 17.73 15.48 -19.49
N ILE D 253 18.72 15.04 -18.71
CA ILE D 253 20.00 14.62 -19.28
C ILE D 253 19.91 13.29 -20.05
N PRO D 254 19.22 12.23 -19.60
CA PRO D 254 19.05 11.07 -20.49
C PRO D 254 18.13 11.32 -21.68
N SER D 255 17.32 12.38 -21.66
CA SER D 255 16.62 12.80 -22.85
C SER D 255 17.46 13.72 -23.73
N LEU D 256 18.51 14.31 -23.17
CA LEU D 256 19.49 15.06 -23.96
C LEU D 256 20.62 14.17 -24.46
N LEU D 257 20.93 13.09 -23.75
CA LEU D 257 21.96 12.16 -24.21
C LEU D 257 21.46 11.30 -25.36
N ILE D 258 20.16 11.03 -25.39
CA ILE D 258 19.60 10.17 -26.44
C ILE D 258 19.43 10.90 -27.76
N VAL D 259 19.45 12.24 -27.75
CA VAL D 259 19.44 13.00 -28.99
C VAL D 259 20.85 13.05 -29.59
N ILE D 260 21.87 13.12 -28.73
CA ILE D 260 23.25 12.96 -29.17
C ILE D 260 23.48 11.54 -29.69
N LEU D 261 22.81 10.56 -29.07
CA LEU D 261 22.89 9.18 -29.55
C LEU D 261 22.25 9.01 -30.92
N SER D 262 21.20 9.78 -31.21
CA SER D 262 20.58 9.75 -32.54
C SER D 262 21.39 10.52 -33.57
N TRP D 263 22.35 11.32 -33.16
CA TRP D 263 23.22 12.04 -34.09
C TRP D 263 24.45 11.23 -34.45
N VAL D 264 24.60 10.03 -33.88
CA VAL D 264 25.68 9.14 -34.26
C VAL D 264 25.41 8.53 -35.64
N SER D 265 24.13 8.35 -35.97
CA SER D 265 23.71 7.75 -37.24
C SER D 265 24.08 8.57 -38.47
N PHE D 266 24.46 9.83 -38.30
CA PHE D 266 24.90 10.64 -39.44
C PHE D 266 26.35 10.37 -39.82
N TRP D 267 27.05 9.54 -39.04
CA TRP D 267 28.46 9.25 -39.26
C TRP D 267 28.71 7.80 -39.69
N ILE D 268 27.77 6.90 -39.46
CA ILE D 268 27.98 5.47 -39.70
C ILE D 268 27.82 5.20 -41.20
N ASN D 269 28.95 4.96 -41.87
CA ASN D 269 29.12 4.56 -43.27
C ASN D 269 28.72 5.63 -44.29
N MET D 270 28.17 6.76 -43.85
CA MET D 270 28.00 8.06 -44.51
C MET D 270 27.07 8.06 -45.73
N ASP D 271 26.63 6.90 -46.20
CA ASP D 271 25.56 6.88 -47.19
C ASP D 271 24.46 5.88 -46.89
N ALA D 272 24.81 4.69 -46.40
CA ALA D 272 23.87 3.59 -46.27
C ALA D 272 24.46 2.51 -45.36
N ALA D 273 23.62 1.95 -44.51
CA ALA D 273 24.03 0.93 -43.56
C ALA D 273 22.79 0.21 -43.06
N PRO D 274 22.92 -1.06 -42.65
CA PRO D 274 21.85 -1.70 -41.88
C PRO D 274 21.90 -1.36 -40.39
N ALA D 275 22.87 -0.55 -39.97
CA ALA D 275 22.99 -0.12 -38.58
C ALA D 275 22.35 1.23 -38.31
N ARG D 276 22.19 2.06 -39.35
CA ARG D 276 21.50 3.33 -39.17
C ARG D 276 20.01 3.13 -38.94
N VAL D 277 19.45 2.05 -39.48
CA VAL D 277 18.09 1.67 -39.11
C VAL D 277 18.05 1.20 -37.66
N GLY D 278 19.04 0.39 -37.26
CA GLY D 278 19.09 -0.13 -35.90
C GLY D 278 19.33 0.94 -34.85
N LEU D 279 19.96 2.05 -35.23
CA LEU D 279 20.08 3.19 -34.34
C LEU D 279 18.89 4.14 -34.46
N GLY D 280 18.18 4.09 -35.59
CA GLY D 280 16.99 4.91 -35.75
C GLY D 280 15.78 4.35 -35.03
N ILE D 281 15.67 3.02 -34.96
CA ILE D 281 14.55 2.40 -34.26
C ILE D 281 14.75 2.51 -32.75
N THR D 282 15.96 2.18 -32.28
CA THR D 282 16.18 1.87 -30.88
C THR D 282 16.17 3.13 -30.02
N THR D 283 16.53 4.29 -30.59
CA THR D 283 16.44 5.55 -29.87
C THR D 283 15.05 6.14 -29.88
N VAL D 284 14.05 5.44 -30.41
CA VAL D 284 12.65 5.83 -30.33
C VAL D 284 12.01 4.95 -29.26
N LEU D 285 12.55 3.73 -29.12
CA LEU D 285 12.00 2.74 -28.19
C LEU D 285 12.13 3.21 -26.74
N THR D 286 13.37 3.42 -26.28
CA THR D 286 13.60 3.88 -24.93
C THR D 286 13.20 5.34 -24.75
N MET D 287 13.09 6.11 -25.85
CA MET D 287 12.51 7.44 -25.75
C MET D 287 11.01 7.36 -25.47
N THR D 288 10.33 6.35 -26.02
CA THR D 288 8.92 6.14 -25.70
C THR D 288 8.76 5.64 -24.27
N THR D 289 9.68 4.79 -23.82
CA THR D 289 9.64 4.27 -22.45
C THR D 289 9.92 5.38 -21.45
N GLN D 290 10.91 6.25 -21.75
CA GLN D 290 11.21 7.37 -20.86
C GLN D 290 10.09 8.41 -20.88
N SER D 291 9.41 8.57 -22.01
CA SER D 291 8.25 9.46 -22.05
C SER D 291 7.08 8.88 -21.28
N SER D 292 6.94 7.55 -21.26
CA SER D 292 5.89 6.91 -20.48
C SER D 292 6.30 6.74 -19.03
N GLY D 293 7.59 6.51 -18.78
CA GLY D 293 8.08 6.38 -17.41
C GLY D 293 8.21 7.67 -16.65
N SER D 294 8.14 8.82 -17.34
CA SER D 294 8.22 10.11 -16.65
C SER D 294 6.92 10.45 -15.93
N ARG D 295 5.81 9.83 -16.31
CA ARG D 295 4.50 10.06 -15.70
C ARG D 295 4.04 8.84 -14.92
N ALA D 296 4.97 8.18 -14.24
CA ALA D 296 4.65 6.95 -13.53
C ALA D 296 3.95 7.20 -12.20
N SER D 297 4.25 8.31 -11.54
CA SER D 297 3.71 8.62 -10.22
C SER D 297 2.96 9.95 -10.24
N LEU D 298 2.14 10.17 -11.27
CA LEU D 298 1.47 11.45 -11.46
C LEU D 298 -0.02 11.23 -11.59
N PRO D 299 -0.84 12.21 -11.22
CA PRO D 299 -2.28 12.11 -11.48
C PRO D 299 -2.56 12.24 -12.97
N LYS D 300 -3.70 11.67 -13.37
CA LYS D 300 -4.07 11.60 -14.78
C LYS D 300 -4.78 12.90 -15.15
N VAL D 301 -3.99 13.95 -15.30
CA VAL D 301 -4.52 15.28 -15.59
C VAL D 301 -4.91 15.39 -17.06
N SER D 302 -5.88 16.25 -17.34
CA SER D 302 -6.46 16.36 -18.66
C SER D 302 -5.62 17.17 -19.63
N TYR D 303 -4.69 17.98 -19.14
CA TYR D 303 -3.97 18.94 -19.95
C TYR D 303 -2.51 18.52 -20.10
N VAL D 304 -1.80 19.21 -20.99
CA VAL D 304 -0.41 18.96 -21.29
C VAL D 304 0.45 19.74 -20.30
N LYS D 305 1.56 19.16 -19.88
CA LYS D 305 2.44 19.77 -18.89
C LYS D 305 3.84 19.96 -19.46
N ALA D 306 4.74 20.47 -18.62
CA ALA D 306 6.05 20.87 -19.08
C ALA D 306 6.95 19.68 -19.39
N ILE D 307 6.81 18.58 -18.64
CA ILE D 307 7.60 17.40 -18.92
C ILE D 307 7.09 16.66 -20.16
N ASP D 308 5.86 16.94 -20.59
CA ASP D 308 5.33 16.32 -21.80
C ASP D 308 5.99 16.89 -23.05
N ILE D 309 6.05 18.23 -23.15
CA ILE D 309 6.58 18.86 -24.37
C ILE D 309 8.10 18.99 -24.30
N TRP D 310 8.72 18.37 -23.31
CA TRP D 310 10.14 18.05 -23.43
C TRP D 310 10.33 16.65 -23.97
N MET D 311 9.47 15.71 -23.58
CA MET D 311 9.55 14.36 -24.12
C MET D 311 8.97 14.29 -25.53
N ALA D 312 7.81 14.92 -25.76
CA ALA D 312 7.14 14.83 -27.05
C ALA D 312 7.69 15.79 -28.10
N VAL D 313 8.73 16.54 -27.79
CA VAL D 313 9.49 17.26 -28.80
C VAL D 313 10.83 16.60 -29.08
N CYS D 314 11.50 16.11 -28.02
CA CYS D 314 12.68 15.27 -28.22
C CYS D 314 12.34 13.90 -28.80
N LEU D 315 11.06 13.50 -28.79
CA LEU D 315 10.65 12.35 -29.56
C LEU D 315 10.69 12.63 -31.06
N LEU D 316 10.50 13.89 -31.46
CA LEU D 316 10.62 14.24 -32.87
C LEU D 316 12.08 14.23 -33.32
N PHE D 317 13.00 14.67 -32.45
CA PHE D 317 14.41 14.72 -32.84
C PHE D 317 15.04 13.34 -32.92
N VAL D 318 14.42 12.32 -32.34
CA VAL D 318 14.89 10.95 -32.51
C VAL D 318 14.09 10.19 -33.57
N PHE D 319 12.94 10.72 -34.00
CA PHE D 319 12.13 10.11 -35.04
C PHE D 319 12.39 10.73 -36.41
N SER D 320 12.76 12.02 -36.45
CA SER D 320 13.18 12.62 -37.71
C SER D 320 14.56 12.13 -38.15
N ALA D 321 15.36 11.60 -37.23
CA ALA D 321 16.65 11.04 -37.59
C ALA D 321 16.51 9.70 -38.30
N LEU D 322 15.39 9.01 -38.11
CA LEU D 322 15.13 7.79 -38.87
C LEU D 322 14.38 8.07 -40.16
N LEU D 323 13.54 9.10 -40.18
CA LEU D 323 12.92 9.55 -41.42
C LEU D 323 13.91 10.13 -42.40
N GLU D 324 15.07 10.61 -41.93
CA GLU D 324 16.10 11.08 -42.84
C GLU D 324 16.77 9.92 -43.58
N TYR D 325 17.12 8.84 -42.87
CA TYR D 325 17.74 7.70 -43.53
C TYR D 325 16.76 6.97 -44.44
N ALA D 326 15.47 7.03 -44.13
CA ALA D 326 14.47 6.55 -45.08
C ALA D 326 14.39 7.43 -46.30
N ALA D 327 14.70 8.72 -46.15
CA ALA D 327 14.79 9.62 -47.30
C ALA D 327 16.11 9.47 -48.03
N VAL D 328 17.19 9.11 -47.33
CA VAL D 328 18.48 8.90 -47.99
C VAL D 328 18.46 7.62 -48.80
N ASN D 329 17.95 6.53 -48.20
CA ASN D 329 17.94 5.23 -48.85
C ASN D 329 16.95 5.15 -50.02
N PHE D 330 16.03 6.10 -50.12
CA PHE D 330 15.16 6.20 -51.29
C PHE D 330 15.75 7.08 -52.39
N ILE D 331 16.58 8.06 -52.02
CA ILE D 331 17.24 8.89 -53.03
C ILE D 331 18.52 8.25 -53.55
N ALA D 332 19.29 7.59 -52.69
CA ALA D 332 20.53 6.95 -53.11
C ALA D 332 20.26 5.74 -53.97
N ARG D 333 19.32 4.88 -53.56
CA ARG D 333 19.03 3.64 -54.27
C ARG D 333 17.99 3.82 -55.36
N GLN D 334 17.78 5.03 -55.86
CA GLN D 334 16.87 5.27 -56.97
C GLN D 334 17.62 5.32 -58.30
N HIS D 335 18.58 6.25 -58.43
CA HIS D 335 19.43 6.45 -59.61
C HIS D 335 18.64 6.63 -60.91
N VAL D 396 24.11 5.47 -65.53
CA VAL D 396 24.81 6.23 -66.57
C VAL D 396 26.09 6.84 -65.99
N GLU D 397 26.80 7.61 -66.82
CA GLU D 397 28.02 8.26 -66.40
C GLU D 397 27.75 9.62 -65.77
N GLU D 398 26.96 10.45 -66.46
CA GLU D 398 26.59 11.76 -65.94
C GLU D 398 25.63 11.63 -64.76
N MET D 399 24.67 10.70 -64.88
CA MET D 399 23.65 10.48 -63.86
C MET D 399 24.25 9.93 -62.55
N ARG D 400 25.41 9.27 -62.62
CA ARG D 400 26.06 8.75 -61.41
C ARG D 400 26.55 9.90 -60.53
N LYS D 401 26.94 11.02 -61.14
CA LYS D 401 27.40 12.17 -60.36
C LYS D 401 26.22 12.89 -59.71
N LEU D 402 25.01 12.67 -60.21
CA LEU D 402 23.84 13.39 -59.71
C LEU D 402 23.31 12.78 -58.42
N PHE D 403 22.93 11.50 -58.45
CA PHE D 403 22.22 10.90 -57.33
C PHE D 403 23.15 10.52 -56.18
N ILE D 404 24.47 10.55 -56.40
CA ILE D 404 25.38 10.32 -55.28
C ILE D 404 25.67 11.64 -54.56
N SER D 405 25.83 12.73 -55.32
CA SER D 405 26.02 14.04 -54.71
C SER D 405 24.73 14.61 -54.14
N ARG D 406 23.58 14.01 -54.44
CA ARG D 406 22.31 14.43 -53.85
C ARG D 406 22.02 13.71 -52.55
N ALA D 407 22.44 12.45 -52.40
CA ALA D 407 22.26 11.71 -51.16
C ALA D 407 23.35 12.00 -50.14
N LYS D 408 24.45 12.63 -50.54
CA LYS D 408 25.45 13.11 -49.60
C LYS D 408 25.16 14.53 -49.12
N ARG D 409 24.43 15.30 -49.92
CA ARG D 409 24.01 16.64 -49.51
C ARG D 409 22.98 16.57 -48.38
N ILE D 410 22.18 15.50 -48.33
CA ILE D 410 21.21 15.34 -47.24
C ILE D 410 21.94 15.06 -45.93
N ASP D 411 23.04 14.31 -45.99
CA ASP D 411 23.74 13.92 -44.76
C ASP D 411 24.52 15.10 -44.18
N THR D 412 25.36 15.75 -44.98
CA THR D 412 26.28 16.75 -44.46
C THR D 412 25.63 18.08 -44.13
N VAL D 413 24.37 18.29 -44.51
CA VAL D 413 23.63 19.49 -44.12
C VAL D 413 22.80 19.25 -42.86
N SER D 414 22.09 18.12 -42.79
CA SER D 414 21.32 17.78 -41.61
C SER D 414 22.17 17.26 -40.46
N ARG D 415 23.47 17.06 -40.67
CA ARG D 415 24.37 16.78 -39.57
C ARG D 415 24.61 18.02 -38.73
N VAL D 416 24.50 19.20 -39.35
CA VAL D 416 24.69 20.47 -38.67
C VAL D 416 23.37 21.19 -38.43
N ALA D 417 22.33 20.90 -39.22
CA ALA D 417 21.05 21.58 -39.06
C ALA D 417 20.31 21.12 -37.80
N PHE D 418 20.44 19.85 -37.42
CA PHE D 418 19.81 19.38 -36.19
C PHE D 418 20.45 19.91 -34.90
N PRO D 419 21.77 20.20 -34.81
CA PRO D 419 22.24 21.05 -33.71
C PRO D 419 21.88 22.52 -33.83
N LEU D 420 21.13 22.95 -34.84
CA LEU D 420 20.56 24.28 -34.88
C LEU D 420 19.08 24.30 -34.49
N VAL D 421 18.33 23.28 -34.89
CA VAL D 421 16.91 23.21 -34.56
C VAL D 421 16.72 22.79 -33.10
N PHE D 422 17.53 21.84 -32.62
CA PHE D 422 17.43 21.42 -31.23
C PHE D 422 17.98 22.49 -30.28
N LEU D 423 18.89 23.32 -30.76
CA LEU D 423 19.43 24.39 -29.93
C LEU D 423 18.49 25.58 -29.88
N ILE D 424 17.74 25.84 -30.96
CA ILE D 424 16.82 26.97 -30.94
C ILE D 424 15.53 26.63 -30.20
N PHE D 425 15.21 25.33 -30.05
CA PHE D 425 14.13 24.95 -29.16
C PHE D 425 14.55 25.02 -27.71
N ASN D 426 15.80 24.62 -27.43
CA ASN D 426 16.32 24.62 -26.06
C ASN D 426 16.47 26.03 -25.51
N ILE D 427 16.66 27.02 -26.37
CA ILE D 427 16.58 28.41 -25.93
C ILE D 427 15.14 28.80 -25.64
N PHE D 428 14.22 28.44 -26.54
CA PHE D 428 12.82 28.84 -26.41
C PHE D 428 12.11 28.12 -25.27
N TYR D 429 12.57 26.93 -24.88
CA TYR D 429 11.87 26.15 -23.86
C TYR D 429 12.09 26.74 -22.47
N TRP D 430 13.32 27.13 -22.15
CA TRP D 430 13.63 27.55 -20.79
C TRP D 430 13.25 28.99 -20.52
N ILE D 431 13.26 29.85 -21.53
CA ILE D 431 12.86 31.25 -21.32
C ILE D 431 11.35 31.32 -21.08
N THR D 432 10.59 30.38 -21.63
CA THR D 432 9.15 30.35 -21.42
C THR D 432 8.81 30.00 -19.97
N TYR D 433 9.56 29.08 -19.37
CA TYR D 433 9.18 28.50 -18.09
C TYR D 433 9.95 29.05 -16.89
N LYS D 434 11.21 29.45 -17.05
CA LYS D 434 11.96 29.96 -15.91
C LYS D 434 11.53 31.38 -15.56
N ILE D 435 10.96 32.11 -16.52
CA ILE D 435 10.44 33.43 -16.23
C ILE D 435 9.11 33.34 -15.49
N ILE D 436 8.23 32.46 -15.95
CA ILE D 436 6.95 32.22 -15.28
C ILE D 436 7.17 31.52 -13.95
N PRO E 31 -2.48 -8.61 58.09
CA PRO E 31 -3.53 -7.82 57.44
C PRO E 31 -2.96 -6.65 56.64
N MET E 32 -3.81 -5.64 56.38
CA MET E 32 -3.51 -4.43 55.63
C MET E 32 -2.94 -4.73 54.25
N PRO E 33 -3.75 -5.16 53.29
CA PRO E 33 -3.24 -5.44 51.94
C PRO E 33 -2.83 -4.15 51.24
N PRO E 34 -1.93 -4.24 50.24
CA PRO E 34 -1.41 -3.00 49.62
C PRO E 34 -2.44 -2.20 48.85
N SER E 35 -3.34 -2.88 48.13
CA SER E 35 -4.33 -2.17 47.32
C SER E 35 -5.36 -1.44 48.18
N GLU E 36 -5.62 -1.93 49.39
CA GLU E 36 -6.46 -1.18 50.32
C GLU E 36 -5.67 -0.10 51.05
N PHE E 37 -4.39 -0.38 51.35
CA PHE E 37 -3.55 0.60 52.03
C PHE E 37 -3.22 1.77 51.12
N LEU E 38 -2.98 1.52 49.85
CA LEU E 38 -2.57 2.59 48.95
C LEU E 38 -3.75 3.46 48.53
N ASP E 39 -4.98 2.93 48.60
CA ASP E 39 -6.16 3.77 48.44
C ASP E 39 -6.31 4.77 49.58
N LYS E 40 -5.80 4.45 50.76
CA LYS E 40 -5.71 5.45 51.83
C LYS E 40 -4.63 6.47 51.53
N LEU E 41 -3.57 6.08 50.83
CA LEU E 41 -2.44 6.97 50.59
C LEU E 41 -2.74 8.03 49.54
N MET E 42 -3.59 7.71 48.56
CA MET E 42 -3.87 8.63 47.46
C MET E 42 -5.33 8.99 47.29
N GLY E 43 -6.21 8.50 48.16
CA GLY E 43 -7.64 8.67 47.95
C GLY E 43 -8.19 10.01 48.42
N LYS E 44 -9.40 9.97 49.00
CA LYS E 44 -10.06 11.20 49.43
C LYS E 44 -9.37 11.79 50.65
N VAL E 45 -8.98 10.93 51.60
CA VAL E 45 -8.23 11.36 52.78
C VAL E 45 -6.79 11.65 52.38
N SER E 46 -6.05 12.28 53.30
CA SER E 46 -4.65 12.72 53.20
C SER E 46 -4.41 13.82 52.18
N GLY E 47 -5.45 14.32 51.51
CA GLY E 47 -5.33 15.48 50.65
C GLY E 47 -4.52 15.30 49.38
N TYR E 48 -4.40 14.07 48.89
CA TYR E 48 -3.65 13.85 47.67
C TYR E 48 -4.49 14.28 46.47
N ASP E 49 -3.87 15.02 45.55
CA ASP E 49 -4.53 15.52 44.36
C ASP E 49 -3.63 15.25 43.18
N ALA E 50 -4.07 14.36 42.28
CA ALA E 50 -3.28 13.92 41.14
C ALA E 50 -3.16 14.98 40.04
N ARG E 51 -3.85 16.10 40.18
CA ARG E 51 -3.76 17.19 39.22
C ARG E 51 -2.67 18.19 39.59
N ILE E 52 -1.92 17.94 40.67
CA ILE E 52 -0.92 18.85 41.19
C ILE E 52 0.41 18.11 41.25
N ARG E 53 1.47 18.74 40.73
CA ARG E 53 2.78 18.12 40.71
C ARG E 53 3.39 18.09 42.11
N PRO E 54 4.33 17.19 42.37
CA PRO E 54 5.04 17.21 43.66
C PRO E 54 5.94 18.42 43.79
N ASN E 55 6.25 18.74 45.06
CA ASN E 55 7.07 19.90 45.45
C ASN E 55 6.49 21.20 44.88
N PHE E 56 5.20 21.41 45.13
CA PHE E 56 4.48 22.54 44.57
C PHE E 56 4.88 23.82 45.28
N LYS E 57 4.96 24.91 44.50
CA LYS E 57 5.51 26.21 44.92
C LYS E 57 6.93 26.06 45.47
N GLY E 58 7.73 25.25 44.79
CA GLY E 58 9.08 24.99 45.23
C GLY E 58 10.00 24.65 44.08
N PRO E 59 10.96 23.75 44.32
CA PRO E 59 11.89 23.33 43.26
C PRO E 59 11.19 22.49 42.23
N PRO E 60 11.70 22.44 41.00
CA PRO E 60 11.05 21.63 39.96
C PRO E 60 11.25 20.14 40.19
N VAL E 61 10.44 19.36 39.48
CA VAL E 61 10.48 17.91 39.57
C VAL E 61 11.56 17.38 38.61
N ASN E 62 12.48 16.60 39.14
CA ASN E 62 13.60 16.06 38.37
C ASN E 62 13.27 14.64 37.95
N VAL E 63 12.75 14.50 36.73
CA VAL E 63 12.38 13.20 36.18
C VAL E 63 13.55 12.67 35.38
N THR E 64 14.10 11.53 35.78
CA THR E 64 15.17 10.87 35.06
C THR E 64 14.61 9.71 34.25
N CYS E 65 15.16 9.49 33.06
CA CYS E 65 14.57 8.58 32.09
C CYS E 65 15.64 7.70 31.45
N ASN E 66 15.22 6.51 31.03
CA ASN E 66 16.02 5.64 30.17
C ASN E 66 15.08 4.74 29.39
N ILE E 67 15.56 4.27 28.23
CA ILE E 67 14.74 3.48 27.32
C ILE E 67 15.40 2.13 27.06
N PHE E 68 14.58 1.16 26.66
CA PHE E 68 15.03 -0.18 26.26
C PHE E 68 14.43 -0.46 24.89
N ILE E 69 15.27 -0.47 23.87
CA ILE E 69 14.79 -0.66 22.50
C ILE E 69 14.56 -2.14 22.26
N ASN E 70 13.29 -2.53 22.16
CA ASN E 70 12.96 -3.90 21.79
C ASN E 70 13.18 -4.13 20.30
N SER E 71 12.47 -3.38 19.47
CA SER E 71 12.56 -3.52 18.03
C SER E 71 13.00 -2.19 17.42
N PHE E 72 13.71 -2.28 16.29
CA PHE E 72 14.18 -1.12 15.58
C PHE E 72 14.16 -1.45 14.10
N GLY E 73 13.94 -0.45 13.26
CA GLY E 73 14.06 -0.67 11.85
C GLY E 73 12.83 -0.22 11.10
N SER E 74 12.62 -0.87 9.94
CA SER E 74 11.71 -0.43 8.89
C SER E 74 11.96 1.04 8.54
N ILE E 75 13.23 1.35 8.30
CA ILE E 75 13.68 2.72 8.09
C ILE E 75 13.37 3.12 6.66
N ALA E 76 12.23 3.76 6.45
CA ALA E 76 11.84 4.19 5.12
C ALA E 76 12.55 5.50 4.77
N GLU E 77 12.75 5.71 3.47
CA GLU E 77 13.40 6.91 2.98
C GLU E 77 12.51 7.77 2.10
N THR E 78 11.44 7.19 1.52
CA THR E 78 10.44 8.01 0.85
C THR E 78 9.69 8.88 1.86
N THR E 79 9.43 8.34 3.05
CA THR E 79 8.79 9.07 4.12
C THR E 79 9.80 9.70 5.06
N MET E 80 11.04 9.19 5.06
CA MET E 80 12.13 9.59 5.97
C MET E 80 11.71 9.43 7.42
N ASP E 81 11.44 8.19 7.81
CA ASP E 81 11.06 7.88 9.18
C ASP E 81 11.52 6.47 9.53
N TYR E 82 11.46 6.15 10.82
CA TYR E 82 11.82 4.83 11.31
C TYR E 82 10.90 4.46 12.46
N ARG E 83 10.67 3.16 12.61
CA ARG E 83 9.78 2.63 13.65
C ARG E 83 10.63 2.03 14.77
N VAL E 84 10.31 2.38 16.00
CA VAL E 84 11.00 1.86 17.17
C VAL E 84 9.94 1.36 18.15
N ASN E 85 10.35 0.46 19.03
CA ASN E 85 9.47 -0.13 20.03
C ASN E 85 10.24 -0.15 21.34
N ILE E 86 9.91 0.77 22.25
CA ILE E 86 10.74 1.03 23.41
C ILE E 86 10.00 0.69 24.69
N PHE E 87 10.77 0.57 25.77
CA PHE E 87 10.28 0.55 27.14
C PHE E 87 10.68 1.87 27.79
N LEU E 88 9.72 2.78 27.95
CA LEU E 88 10.02 4.10 28.50
C LEU E 88 9.89 4.06 30.02
N ARG E 89 11.01 4.18 30.71
CA ARG E 89 11.05 4.17 32.16
C ARG E 89 11.20 5.61 32.66
N GLN E 90 10.45 5.96 33.70
CA GLN E 90 10.49 7.29 34.29
C GLN E 90 10.61 7.17 35.80
N GLN E 91 11.52 7.93 36.38
CA GLN E 91 11.74 7.93 37.82
C GLN E 91 11.71 9.36 38.33
N TRP E 92 10.79 9.65 39.25
CA TRP E 92 10.73 10.93 39.92
C TRP E 92 10.50 10.69 41.40
N ASN E 93 10.41 11.77 42.17
CA ASN E 93 10.18 11.68 43.60
C ASN E 93 8.87 12.38 43.93
N ASP E 94 8.03 11.72 44.72
CA ASP E 94 6.74 12.27 45.15
C ASP E 94 6.68 12.14 46.66
N PRO E 95 6.90 13.24 47.40
CA PRO E 95 6.90 13.15 48.88
C PRO E 95 5.54 12.87 49.48
N ARG E 96 4.45 13.03 48.75
CA ARG E 96 3.13 12.71 49.26
C ARG E 96 2.86 11.21 49.28
N LEU E 97 3.64 10.43 48.54
CA LEU E 97 3.49 8.97 48.48
C LEU E 97 4.50 8.24 49.36
N ALA E 98 5.14 8.94 50.29
CA ALA E 98 6.17 8.34 51.13
C ALA E 98 5.51 7.77 52.38
N TYR E 99 5.15 6.49 52.30
CA TYR E 99 4.63 5.78 53.46
C TYR E 99 5.77 5.48 54.43
N SER E 100 5.40 5.23 55.68
CA SER E 100 6.43 5.00 56.69
C SER E 100 6.22 3.72 57.49
N GLU E 101 4.98 3.35 57.80
CA GLU E 101 4.71 2.25 58.71
C GLU E 101 4.40 0.94 58.03
N TYR E 102 4.22 0.93 56.70
CA TYR E 102 3.99 -0.33 56.01
C TYR E 102 5.32 -1.06 55.85
N PRO E 103 5.37 -2.37 56.12
CA PRO E 103 6.67 -3.05 56.24
C PRO E 103 7.42 -3.29 54.94
N ASP E 104 6.76 -3.27 53.79
CA ASP E 104 7.44 -3.59 52.55
C ASP E 104 8.28 -2.41 52.05
N ASP E 105 9.13 -2.71 51.06
CA ASP E 105 9.98 -1.70 50.46
C ASP E 105 9.44 -1.14 49.16
N SER E 106 8.51 -1.84 48.51
CA SER E 106 7.95 -1.39 47.25
C SER E 106 6.51 -1.88 47.13
N LEU E 107 5.65 -1.05 46.58
CA LEU E 107 4.24 -1.36 46.36
C LEU E 107 3.92 -1.19 44.89
N ASP E 108 3.64 -2.30 44.21
CA ASP E 108 3.22 -2.24 42.81
C ASP E 108 1.82 -1.64 42.69
N LEU E 109 1.53 -1.11 41.51
CA LEU E 109 0.23 -0.49 41.24
C LEU E 109 -0.18 -0.93 39.84
N ASP E 110 -1.25 -1.72 39.75
CA ASP E 110 -1.72 -2.20 38.47
C ASP E 110 -2.39 -1.06 37.69
N PRO E 111 -2.42 -1.14 36.34
CA PRO E 111 -2.93 -0.01 35.56
C PRO E 111 -4.42 0.27 35.65
N SER E 112 -5.18 -0.41 36.51
CA SER E 112 -6.58 -0.05 36.72
C SER E 112 -6.69 1.25 37.51
N MET E 113 -5.80 1.46 38.48
CA MET E 113 -5.73 2.70 39.26
C MET E 113 -4.63 3.63 38.76
N LEU E 114 -4.30 3.57 37.47
CA LEU E 114 -3.16 4.30 36.93
C LEU E 114 -3.43 5.79 36.81
N ASP E 115 -4.69 6.19 36.66
CA ASP E 115 -5.07 7.60 36.50
C ASP E 115 -5.31 8.30 37.83
N SER E 116 -4.71 7.81 38.92
CA SER E 116 -4.99 8.34 40.25
C SER E 116 -3.79 9.02 40.91
N ILE E 117 -2.60 8.97 40.32
CA ILE E 117 -1.44 9.68 40.84
C ILE E 117 -0.97 10.66 39.78
N TRP E 118 0.02 11.47 40.16
CA TRP E 118 0.62 12.41 39.21
C TRP E 118 1.55 11.68 38.27
N LYS E 119 1.57 12.09 37.01
CA LYS E 119 2.50 11.58 36.01
C LYS E 119 3.02 12.74 35.18
N PRO E 120 4.28 12.67 34.75
CA PRO E 120 4.81 13.70 33.86
C PRO E 120 4.18 13.61 32.48
N ASP E 121 3.91 14.77 31.88
CA ASP E 121 3.29 14.84 30.55
C ASP E 121 4.36 14.83 29.45
N LEU E 122 5.09 13.71 29.42
CA LEU E 122 6.12 13.54 28.41
C LEU E 122 5.48 13.25 27.06
N PHE E 123 6.13 13.75 26.01
CA PHE E 123 5.74 13.42 24.65
C PHE E 123 7.00 13.48 23.79
N PHE E 124 6.88 13.05 22.55
CA PHE E 124 7.98 13.05 21.61
C PHE E 124 7.73 14.14 20.58
N ALA E 125 8.76 14.94 20.29
CA ALA E 125 8.57 16.07 19.39
C ALA E 125 8.49 15.66 17.93
N ASN E 126 8.74 14.38 17.62
CA ASN E 126 8.65 13.82 16.28
C ASN E 126 7.88 12.50 16.29
N GLU E 127 6.69 12.52 16.90
CA GLU E 127 5.88 11.31 17.05
C GLU E 127 5.46 10.72 15.71
N LYS E 128 4.80 11.53 14.87
CA LYS E 128 4.23 11.13 13.57
C LYS E 128 3.33 9.89 13.73
N GLY E 129 2.46 9.93 14.73
CA GLY E 129 1.62 8.80 15.03
C GLY E 129 2.28 7.79 15.93
N ALA E 130 1.63 7.45 17.05
CA ALA E 130 2.17 6.48 17.99
C ALA E 130 1.01 5.90 18.80
N ASN E 131 1.27 4.80 19.47
CA ASN E 131 0.23 4.10 20.22
C ASN E 131 0.83 3.33 21.38
N PHE E 132 -0.03 2.94 22.31
CA PHE E 132 0.35 2.06 23.41
C PHE E 132 0.21 0.61 22.99
N HIS E 133 0.34 -0.29 23.95
CA HIS E 133 0.07 -1.72 23.76
C HIS E 133 -0.85 -2.17 24.87
N GLU E 134 -2.00 -2.73 24.51
CA GLU E 134 -3.06 -3.07 25.45
C GLU E 134 -3.52 -4.51 25.25
N VAL E 135 -2.56 -5.44 25.17
CA VAL E 135 -2.86 -6.85 24.92
C VAL E 135 -2.82 -7.59 26.24
N THR E 136 -4.02 -8.07 26.65
CA THR E 136 -4.36 -8.93 27.78
C THR E 136 -4.30 -8.16 29.12
N THR E 137 -3.70 -6.98 29.10
CA THR E 137 -3.53 -6.02 30.19
C THR E 137 -2.88 -4.79 29.56
N ASP E 138 -3.24 -3.60 30.04
CA ASP E 138 -2.50 -2.39 29.73
C ASP E 138 -1.04 -2.55 30.15
N ASN E 139 -0.13 -2.53 29.18
CA ASN E 139 1.29 -2.78 29.46
C ASN E 139 1.89 -1.54 30.11
N LYS E 140 1.64 -1.41 31.42
CA LYS E 140 2.11 -0.30 32.22
C LYS E 140 2.62 -0.85 33.55
N LEU E 141 3.76 -0.35 34.00
CA LEU E 141 4.39 -0.76 35.25
C LEU E 141 4.49 0.44 36.17
N LEU E 142 4.21 0.23 37.44
CA LEU E 142 4.20 1.33 38.40
C LEU E 142 4.45 0.77 39.80
N ARG E 143 5.57 1.18 40.40
CA ARG E 143 5.90 0.77 41.76
C ARG E 143 6.40 1.98 42.55
N ILE E 144 6.08 1.99 43.84
CA ILE E 144 6.35 3.12 44.71
C ILE E 144 7.22 2.64 45.86
N SER E 145 8.39 3.26 46.03
CA SER E 145 9.30 2.90 47.11
C SER E 145 8.86 3.57 48.41
N LYS E 146 9.67 3.40 49.46
CA LYS E 146 9.30 3.91 50.78
C LYS E 146 9.51 5.41 50.88
N ASN E 147 10.60 5.94 50.31
CA ASN E 147 10.88 7.36 50.41
C ASN E 147 10.13 8.20 49.38
N GLY E 148 9.40 7.56 48.47
CA GLY E 148 8.64 8.27 47.46
C GLY E 148 9.15 8.11 46.05
N ASN E 149 10.18 7.30 45.82
CA ASN E 149 10.68 7.06 44.48
C ASN E 149 9.66 6.25 43.69
N VAL E 150 9.30 6.74 42.51
CA VAL E 150 8.23 6.16 41.70
C VAL E 150 8.82 5.74 40.36
N LEU E 151 8.82 4.44 40.11
CA LEU E 151 9.21 3.89 38.82
C LEU E 151 7.97 3.73 37.95
N TYR E 152 8.07 4.15 36.70
CA TYR E 152 6.93 4.14 35.78
C TYR E 152 7.42 3.68 34.42
N SER E 153 7.13 2.44 34.06
CA SER E 153 7.61 1.84 32.82
C SER E 153 6.43 1.48 31.93
N ILE E 154 6.41 2.02 30.72
CA ILE E 154 5.36 1.75 29.73
C ILE E 154 6.01 1.33 28.42
N ARG E 155 5.21 0.70 27.57
CA ARG E 155 5.65 0.21 26.27
C ARG E 155 5.00 1.06 25.18
N ILE E 156 5.82 1.68 24.34
CA ILE E 156 5.35 2.60 23.31
C ILE E 156 5.91 2.13 21.97
N THR E 157 5.07 2.16 20.93
CA THR E 157 5.52 2.00 19.55
C THR E 157 5.48 3.36 18.86
N LEU E 158 6.63 3.78 18.35
CA LEU E 158 6.81 5.09 17.75
C LEU E 158 7.16 4.94 16.28
N VAL E 159 6.79 5.93 15.48
CA VAL E 159 7.26 6.02 14.09
C VAL E 159 7.95 7.39 13.98
N LEU E 160 9.23 7.43 14.31
CA LEU E 160 9.93 8.68 14.55
C LEU E 160 10.51 9.22 13.26
N ALA E 161 10.55 10.54 13.14
CA ALA E 161 11.02 11.21 11.93
C ALA E 161 12.47 11.62 12.09
N CYS E 162 13.27 11.38 11.05
CA CYS E 162 14.64 11.86 11.01
C CYS E 162 14.98 12.29 9.58
N PRO E 163 15.56 13.48 9.40
CA PRO E 163 15.92 13.93 8.05
C PRO E 163 17.13 13.17 7.53
N MET E 164 17.00 12.64 6.31
CA MET E 164 18.04 11.83 5.71
C MET E 164 18.98 12.71 4.89
N ASP E 165 20.28 12.53 5.11
CA ASP E 165 21.32 13.23 4.34
C ASP E 165 21.98 12.17 3.44
N LEU E 166 21.71 12.25 2.14
CA LEU E 166 22.08 11.22 1.19
C LEU E 166 23.09 11.71 0.16
N LYS E 167 24.12 12.44 0.62
CA LYS E 167 25.11 12.97 -0.31
C LYS E 167 26.01 11.86 -0.84
N ASN E 168 26.45 10.96 0.03
CA ASN E 168 27.21 9.78 -0.35
C ASN E 168 26.38 8.55 0.03
N PHE E 169 25.49 8.13 -0.89
CA PHE E 169 24.32 7.36 -0.48
C PHE E 169 24.61 5.94 0.00
N PRO E 170 25.40 5.09 -0.69
CA PRO E 170 25.64 3.75 -0.11
C PRO E 170 26.67 3.75 1.01
N MET E 171 27.35 4.88 1.26
CA MET E 171 28.43 4.93 2.23
C MET E 171 28.16 5.93 3.35
N ASP E 172 26.92 6.34 3.56
CA ASP E 172 26.64 7.37 4.55
C ASP E 172 26.44 6.77 5.94
N VAL E 173 26.59 7.62 6.95
CA VAL E 173 26.35 7.25 8.34
C VAL E 173 25.21 8.14 8.82
N GLN E 174 24.00 7.60 8.83
CA GLN E 174 22.84 8.35 9.24
C GLN E 174 22.81 8.53 10.76
N THR E 175 22.30 9.67 11.19
CA THR E 175 22.13 9.98 12.61
C THR E 175 20.67 10.36 12.81
N CYS E 176 19.87 9.38 13.24
CA CYS E 176 18.45 9.60 13.50
C CYS E 176 18.24 9.71 15.01
N ILE E 177 17.49 10.73 15.42
CA ILE E 177 17.39 11.11 16.81
C ILE E 177 15.98 10.82 17.33
N MET E 178 15.83 10.94 18.64
CA MET E 178 14.52 10.94 19.28
C MET E 178 14.60 11.82 20.52
N GLN E 179 13.60 12.68 20.71
CA GLN E 179 13.64 13.69 21.75
C GLN E 179 12.36 13.68 22.56
N LEU E 180 12.52 13.90 23.87
CA LEU E 180 11.48 13.66 24.87
C LEU E 180 11.20 14.98 25.59
N GLU E 181 10.11 15.64 25.22
CA GLU E 181 9.80 16.96 25.76
C GLU E 181 8.66 16.89 26.78
N SER E 182 8.48 17.99 27.50
CA SER E 182 7.29 18.23 28.29
C SER E 182 6.36 19.16 27.53
N PHE E 183 5.06 18.98 27.75
CA PHE E 183 4.07 19.73 26.99
C PHE E 183 3.40 20.84 27.78
N GLY E 184 3.14 20.63 29.07
CA GLY E 184 2.38 21.61 29.83
C GLY E 184 3.15 22.22 30.99
N TYR E 185 4.26 21.62 31.37
CA TYR E 185 5.10 22.12 32.45
C TYR E 185 6.37 22.71 31.86
N THR E 186 6.72 23.92 32.30
CA THR E 186 7.88 24.62 31.78
C THR E 186 9.14 24.16 32.52
N MET E 187 10.24 24.88 32.32
CA MET E 187 11.52 24.50 32.92
C MET E 187 11.52 24.71 34.43
N ASN E 188 10.78 25.71 34.91
CA ASN E 188 10.74 25.97 36.34
C ASN E 188 9.77 25.06 37.11
N ASP E 189 9.20 24.05 36.46
CA ASP E 189 8.30 23.11 37.11
C ASP E 189 8.68 21.65 36.89
N LEU E 190 9.43 21.31 35.84
CA LEU E 190 9.68 19.92 35.49
C LEU E 190 10.90 19.86 34.58
N ILE E 191 11.91 19.08 34.98
CA ILE E 191 13.16 18.96 34.25
C ILE E 191 13.40 17.49 33.93
N PHE E 192 13.67 17.20 32.66
CA PHE E 192 14.03 15.86 32.22
C PHE E 192 15.54 15.67 32.22
N GLU E 193 15.98 14.48 32.64
CA GLU E 193 17.39 14.10 32.65
C GLU E 193 17.52 12.67 32.16
N TRP E 194 18.72 12.33 31.70
CA TRP E 194 19.07 10.93 31.50
C TRP E 194 19.79 10.42 32.74
N ASP E 195 19.57 9.15 33.06
CA ASP E 195 20.31 8.57 34.17
C ASP E 195 21.71 8.15 33.74
N GLU E 196 22.62 8.12 34.71
CA GLU E 196 24.01 7.80 34.42
C GLU E 196 24.26 6.31 34.22
N LYS E 197 23.31 5.47 34.63
CA LYS E 197 23.48 4.02 34.57
C LYS E 197 22.82 3.44 33.32
N GLY E 198 23.47 3.69 32.18
CA GLY E 198 23.00 3.13 30.93
C GLY E 198 21.71 3.75 30.43
N ALA E 199 21.77 4.98 29.93
CA ALA E 199 20.57 5.73 29.59
C ALA E 199 19.84 5.18 28.36
N VAL E 200 20.50 4.40 27.52
CA VAL E 200 19.85 3.73 26.39
C VAL E 200 20.33 2.28 26.39
N GLN E 201 19.44 1.35 26.72
CA GLN E 201 19.75 -0.07 26.56
C GLN E 201 19.19 -0.58 25.24
N VAL E 202 19.88 -1.56 24.67
CA VAL E 202 19.49 -2.20 23.43
C VAL E 202 19.34 -3.69 23.73
N ALA E 203 18.35 -4.33 23.09
CA ALA E 203 18.12 -5.75 23.24
C ALA E 203 19.31 -6.55 22.70
N ASP E 204 19.35 -7.84 23.08
CA ASP E 204 20.53 -8.66 22.87
C ASP E 204 20.73 -8.99 21.40
N GLY E 205 19.74 -9.64 20.78
CA GLY E 205 19.89 -10.03 19.39
C GLY E 205 19.23 -9.09 18.40
N LEU E 206 19.29 -7.79 18.67
CA LEU E 206 18.66 -6.80 17.80
C LEU E 206 19.59 -6.51 16.63
N THR E 207 19.23 -7.00 15.46
CA THR E 207 19.95 -6.73 14.22
C THR E 207 19.04 -5.99 13.25
N LEU E 208 19.66 -5.38 12.23
CA LEU E 208 18.95 -4.64 11.22
C LEU E 208 19.21 -5.22 9.84
N PRO E 209 18.22 -5.19 8.94
CA PRO E 209 18.44 -5.78 7.61
C PRO E 209 19.37 -4.96 6.73
N GLN E 210 19.37 -3.64 6.86
CA GLN E 210 20.15 -2.78 6.00
C GLN E 210 21.24 -2.00 6.72
N PHE E 211 21.14 -1.84 8.03
CA PHE E 211 22.00 -0.96 8.80
C PHE E 211 22.70 -1.75 9.91
N ILE E 212 23.62 -1.08 10.60
CA ILE E 212 24.16 -1.54 11.87
C ILE E 212 24.11 -0.37 12.85
N LEU E 213 23.70 -0.65 14.08
CA LEU E 213 23.57 0.37 15.12
C LEU E 213 24.89 0.46 15.87
N LYS E 214 25.53 1.63 15.80
CA LYS E 214 26.80 1.83 16.48
C LYS E 214 26.57 1.94 17.99
N GLU E 215 27.61 1.57 18.74
CA GLU E 215 27.47 1.45 20.20
C GLU E 215 27.50 2.80 20.90
N GLU E 216 28.25 3.76 20.38
CA GLU E 216 28.31 5.09 20.98
C GLU E 216 27.04 5.86 20.62
N LYS E 217 26.27 6.24 21.64
CA LYS E 217 25.01 6.95 21.45
C LYS E 217 25.10 8.28 22.17
N ASP E 218 24.98 9.37 21.43
CA ASP E 218 25.12 10.70 22.00
C ASP E 218 23.90 11.06 22.84
N LEU E 219 24.15 11.81 23.91
CA LEU E 219 23.11 12.22 24.85
C LEU E 219 23.29 13.70 25.14
N ARG E 220 22.38 14.54 24.64
CA ARG E 220 22.53 15.97 24.83
C ARG E 220 21.16 16.60 25.03
N TYR E 221 21.17 17.91 25.26
CA TYR E 221 19.96 18.66 25.53
C TYR E 221 19.46 19.37 24.28
N CYS E 222 18.14 19.58 24.23
CA CYS E 222 17.45 20.14 23.08
C CYS E 222 16.37 21.13 23.52
N THR E 223 16.70 21.95 24.53
CA THR E 223 15.72 22.79 25.23
C THR E 223 15.06 23.80 24.29
N LYS E 224 13.74 23.70 24.19
CA LYS E 224 12.97 24.46 23.21
C LYS E 224 12.46 25.76 23.81
N HIS E 225 12.47 26.81 23.01
CA HIS E 225 11.92 28.11 23.38
C HIS E 225 10.75 28.43 22.47
N TYR E 226 9.56 28.55 23.04
CA TYR E 226 8.37 28.95 22.32
C TYR E 226 7.91 30.31 22.81
N ASN E 227 6.80 30.79 22.24
CA ASN E 227 6.17 32.01 22.73
C ASN E 227 5.29 31.77 23.95
N THR E 228 5.11 30.51 24.36
CA THR E 228 4.43 30.16 25.60
C THR E 228 5.39 30.10 26.77
N GLY E 229 6.55 29.49 26.57
CA GLY E 229 7.56 29.43 27.59
C GLY E 229 8.76 28.66 27.07
N LYS E 230 9.60 28.21 27.98
CA LYS E 230 10.69 27.31 27.65
C LYS E 230 10.43 25.96 28.29
N PHE E 231 10.60 24.90 27.51
CA PHE E 231 10.20 23.56 27.91
C PHE E 231 11.41 22.63 27.87
N THR E 232 11.44 21.69 28.81
CA THR E 232 12.57 20.79 28.89
C THR E 232 12.54 19.76 27.75
N CYS E 233 13.72 19.22 27.44
CA CYS E 233 13.90 18.35 26.31
C CYS E 233 15.22 17.61 26.51
N ILE E 234 15.21 16.30 26.32
CA ILE E 234 16.41 15.49 26.28
C ILE E 234 16.33 14.61 25.04
N GLU E 235 17.48 14.36 24.43
CA GLU E 235 17.46 13.56 23.21
C GLU E 235 18.64 12.60 23.17
N ALA E 236 18.48 11.56 22.35
CA ALA E 236 19.48 10.51 22.19
C ALA E 236 19.69 10.27 20.71
N ARG E 237 20.94 10.39 20.26
CA ARG E 237 21.29 10.15 18.87
C ARG E 237 21.58 8.67 18.65
N PHE E 238 21.23 8.18 17.46
CA PHE E 238 21.55 6.82 17.05
C PHE E 238 22.28 6.89 15.72
N HIS E 239 23.52 6.40 15.69
CA HIS E 239 24.34 6.44 14.48
C HIS E 239 24.09 5.17 13.69
N LEU E 240 23.53 5.32 12.49
CA LEU E 240 23.18 4.20 11.63
C LEU E 240 24.11 4.18 10.42
N GLU E 241 24.92 3.14 10.32
CA GLU E 241 25.83 2.95 9.20
C GLU E 241 25.26 1.88 8.28
N ARG E 242 25.28 2.15 6.98
CA ARG E 242 24.69 1.19 6.04
C ARG E 242 25.56 -0.03 5.87
N GLN E 243 24.94 -1.09 5.35
CA GLN E 243 25.64 -2.26 4.90
C GLN E 243 25.83 -2.14 3.39
N MET E 244 27.07 -1.90 2.96
CA MET E 244 27.38 -1.66 1.56
C MET E 244 27.34 -2.94 0.73
N GLY E 245 27.28 -4.11 1.38
CA GLY E 245 27.32 -5.39 0.69
C GLY E 245 26.15 -5.67 -0.23
N TYR E 246 24.99 -5.06 0.02
CA TYR E 246 23.87 -5.21 -0.91
C TYR E 246 24.12 -4.42 -2.19
N TYR E 247 24.50 -3.15 -2.05
CA TYR E 247 24.69 -2.30 -3.22
C TYR E 247 25.95 -2.65 -4.00
N LEU E 248 26.84 -3.44 -3.40
CA LEU E 248 28.01 -3.95 -4.10
C LEU E 248 27.68 -5.11 -5.02
N ILE E 249 26.51 -5.73 -4.86
CA ILE E 249 26.10 -6.87 -5.67
C ILE E 249 25.16 -6.45 -6.81
N GLN E 250 24.14 -5.65 -6.49
CA GLN E 250 23.13 -5.33 -7.49
C GLN E 250 23.56 -4.19 -8.41
N MET E 251 24.21 -3.17 -7.87
CA MET E 251 24.43 -1.93 -8.61
C MET E 251 25.86 -1.70 -9.06
N TYR E 252 26.84 -2.34 -8.43
CA TYR E 252 28.23 -2.07 -8.77
C TYR E 252 28.81 -3.08 -9.75
N ILE E 253 28.60 -4.38 -9.52
CA ILE E 253 29.13 -5.42 -10.39
C ILE E 253 28.44 -5.47 -11.76
N PRO E 254 27.09 -5.39 -11.90
CA PRO E 254 26.53 -5.28 -13.27
C PRO E 254 26.83 -3.95 -13.96
N SER E 255 27.23 -2.92 -13.23
CA SER E 255 27.75 -1.71 -13.87
C SER E 255 29.23 -1.82 -14.19
N LEU E 256 29.94 -2.74 -13.54
CA LEU E 256 31.31 -3.05 -13.91
C LEU E 256 31.39 -4.14 -14.97
N LEU E 257 30.39 -5.02 -15.04
CA LEU E 257 30.36 -6.05 -16.07
C LEU E 257 29.99 -5.45 -17.43
N ILE E 258 29.17 -4.41 -17.44
CA ILE E 258 28.70 -3.83 -18.70
C ILE E 258 29.75 -2.94 -19.34
N VAL E 259 30.79 -2.53 -18.59
CA VAL E 259 31.90 -1.82 -19.19
C VAL E 259 32.87 -2.80 -19.85
N ILE E 260 33.02 -3.98 -19.24
CA ILE E 260 33.75 -5.08 -19.89
C ILE E 260 33.00 -5.54 -21.14
N LEU E 261 31.67 -5.50 -21.10
CA LEU E 261 30.87 -5.85 -22.27
C LEU E 261 31.04 -4.84 -23.40
N SER E 262 31.25 -3.57 -23.07
CA SER E 262 31.52 -2.56 -24.08
C SER E 262 32.94 -2.63 -24.62
N TRP E 263 33.83 -3.33 -23.95
CA TRP E 263 35.20 -3.51 -24.43
C TRP E 263 35.33 -4.72 -25.35
N VAL E 264 34.24 -5.47 -25.55
CA VAL E 264 34.23 -6.57 -26.51
C VAL E 264 34.22 -6.02 -27.93
N SER E 265 33.63 -4.83 -28.13
CA SER E 265 33.52 -4.18 -29.44
C SER E 265 34.87 -3.79 -30.05
N PHE E 266 35.94 -3.76 -29.25
CA PHE E 266 37.27 -3.46 -29.79
C PHE E 266 37.92 -4.67 -30.45
N TRP E 267 37.27 -5.84 -30.39
CA TRP E 267 37.80 -7.08 -30.95
C TRP E 267 37.00 -7.61 -32.12
N ILE E 268 35.76 -7.17 -32.30
CA ILE E 268 34.88 -7.73 -33.32
C ILE E 268 35.24 -7.12 -34.67
N ASN E 269 35.89 -7.93 -35.52
CA ASN E 269 36.26 -7.68 -36.93
C ASN E 269 37.33 -6.60 -37.11
N MET E 270 37.75 -5.92 -36.04
CA MET E 270 38.96 -5.11 -35.83
C MET E 270 39.05 -3.85 -36.69
N ASP E 271 38.17 -3.67 -37.66
CA ASP E 271 38.09 -2.37 -38.33
C ASP E 271 36.68 -1.85 -38.49
N ALA E 272 35.71 -2.72 -38.81
CA ALA E 272 34.38 -2.29 -39.18
C ALA E 272 33.44 -3.49 -39.14
N ALA E 273 32.24 -3.27 -38.60
CA ALA E 273 31.24 -4.33 -38.48
C ALA E 273 29.88 -3.67 -38.29
N PRO E 274 28.80 -4.35 -38.69
CA PRO E 274 27.47 -3.93 -38.26
C PRO E 274 27.09 -4.40 -36.87
N ALA E 275 27.98 -5.13 -36.19
CA ALA E 275 27.76 -5.62 -34.85
C ALA E 275 28.38 -4.74 -33.78
N ARG E 276 29.38 -3.94 -34.13
CA ARG E 276 29.95 -2.99 -33.16
C ARG E 276 28.98 -1.86 -32.88
N VAL E 277 28.13 -1.51 -33.83
CA VAL E 277 27.01 -0.61 -33.54
C VAL E 277 26.00 -1.30 -32.64
N GLY E 278 25.73 -2.58 -32.91
CA GLY E 278 24.77 -3.32 -32.11
C GLY E 278 25.22 -3.57 -30.68
N LEU E 279 26.53 -3.57 -30.44
CA LEU E 279 27.05 -3.61 -29.09
C LEU E 279 27.24 -2.21 -28.50
N GLY E 280 27.37 -1.20 -29.35
CA GLY E 280 27.49 0.16 -28.87
C GLY E 280 26.17 0.77 -28.44
N ILE E 281 25.08 0.41 -29.12
CA ILE E 281 23.77 0.90 -28.72
C ILE E 281 23.31 0.21 -27.45
N THR E 282 23.43 -1.12 -27.42
CA THR E 282 22.72 -1.95 -26.47
C THR E 282 23.28 -1.83 -25.05
N THR E 283 24.57 -1.54 -24.92
CA THR E 283 25.18 -1.31 -23.62
C THR E 283 24.96 0.11 -23.10
N VAL E 284 24.17 0.93 -23.81
CA VAL E 284 23.75 2.24 -23.33
C VAL E 284 22.29 2.12 -22.89
N LEU E 285 21.58 1.18 -23.53
CA LEU E 285 20.17 0.97 -23.25
C LEU E 285 19.93 0.48 -21.82
N THR E 286 20.49 -0.68 -21.49
CA THR E 286 20.35 -1.22 -20.14
C THR E 286 21.18 -0.45 -19.14
N MET E 287 22.19 0.30 -19.59
CA MET E 287 22.89 1.21 -18.68
C MET E 287 22.00 2.39 -18.29
N THR E 288 21.14 2.84 -19.22
CA THR E 288 20.16 3.87 -18.88
C THR E 288 19.10 3.31 -17.95
N THR E 289 18.69 2.05 -18.18
CA THR E 289 17.69 1.42 -17.33
C THR E 289 18.24 1.16 -15.93
N GLN E 290 19.48 0.69 -15.83
CA GLN E 290 20.09 0.45 -14.53
C GLN E 290 20.38 1.75 -13.80
N SER E 291 20.68 2.83 -14.53
CA SER E 291 20.83 4.13 -13.88
C SER E 291 19.49 4.68 -13.41
N SER E 292 18.42 4.39 -14.13
CA SER E 292 17.09 4.82 -13.70
C SER E 292 16.50 3.85 -12.67
N GLY E 293 16.79 2.56 -12.78
CA GLY E 293 16.30 1.58 -11.83
C GLY E 293 17.01 1.58 -10.49
N SER E 294 18.16 2.25 -10.39
CA SER E 294 18.87 2.33 -9.13
C SER E 294 18.21 3.30 -8.15
N ARG E 295 17.39 4.21 -8.64
CA ARG E 295 16.69 5.19 -7.81
C ARG E 295 15.18 4.92 -7.80
N ALA E 296 14.81 3.64 -7.75
CA ALA E 296 13.40 3.27 -7.83
C ALA E 296 12.68 3.48 -6.49
N SER E 297 13.38 3.33 -5.37
CA SER E 297 12.79 3.42 -4.05
C SER E 297 13.47 4.50 -3.22
N LEU E 298 13.71 5.66 -3.81
CA LEU E 298 14.43 6.73 -3.16
C LEU E 298 13.62 8.01 -3.18
N PRO E 299 13.82 8.91 -2.20
CA PRO E 299 13.19 10.22 -2.28
C PRO E 299 13.79 11.05 -3.40
N LYS E 300 13.00 12.00 -3.89
CA LYS E 300 13.39 12.82 -5.03
C LYS E 300 14.21 14.00 -4.51
N VAL E 301 15.45 13.72 -4.14
CA VAL E 301 16.33 14.72 -3.55
C VAL E 301 16.89 15.63 -4.64
N SER E 302 17.19 16.87 -4.25
CA SER E 302 17.59 17.90 -5.19
C SER E 302 19.03 17.78 -5.66
N TYR E 303 19.88 17.11 -4.90
CA TYR E 303 21.31 17.09 -5.14
C TYR E 303 21.73 15.73 -5.72
N VAL E 304 22.98 15.67 -6.17
CA VAL E 304 23.56 14.47 -6.76
C VAL E 304 24.14 13.62 -5.65
N LYS E 305 24.02 12.29 -5.79
CA LYS E 305 24.46 11.36 -4.76
C LYS E 305 25.53 10.42 -5.33
N ALA E 306 26.00 9.51 -4.47
CA ALA E 306 27.15 8.67 -4.83
C ALA E 306 26.80 7.61 -5.85
N ILE E 307 25.55 7.11 -5.84
CA ILE E 307 25.16 6.12 -6.83
C ILE E 307 24.89 6.79 -8.18
N ASP E 308 24.70 8.11 -8.20
CA ASP E 308 24.52 8.80 -9.47
C ASP E 308 25.82 8.90 -10.25
N ILE E 309 26.90 9.32 -9.59
CA ILE E 309 28.16 9.55 -10.29
C ILE E 309 28.98 8.26 -10.37
N TRP E 310 28.37 7.14 -10.01
CA TRP E 310 28.87 5.86 -10.49
C TRP E 310 28.14 5.45 -11.76
N MET E 311 26.84 5.73 -11.84
CA MET E 311 26.08 5.43 -13.06
C MET E 311 26.37 6.44 -14.15
N ALA E 312 26.43 7.73 -13.81
CA ALA E 312 26.62 8.78 -14.81
C ALA E 312 28.08 9.00 -15.21
N VAL E 313 29.00 8.19 -14.69
CA VAL E 313 30.36 8.14 -15.23
C VAL E 313 30.59 6.87 -16.02
N CYS E 314 30.07 5.74 -15.54
CA CYS E 314 30.06 4.51 -16.33
C CYS E 314 29.11 4.58 -17.51
N LEU E 315 28.21 5.56 -17.55
CA LEU E 315 27.47 5.84 -18.77
C LEU E 315 28.37 6.44 -19.84
N LEU E 316 29.41 7.17 -19.44
CA LEU E 316 30.36 7.71 -20.42
C LEU E 316 31.24 6.60 -20.99
N PHE E 317 31.63 5.62 -20.17
CA PHE E 317 32.49 4.56 -20.66
C PHE E 317 31.78 3.59 -21.59
N VAL E 318 30.45 3.59 -21.62
CA VAL E 318 29.70 2.80 -22.59
C VAL E 318 29.19 3.63 -23.76
N PHE E 319 29.22 4.96 -23.64
CA PHE E 319 28.82 5.85 -24.72
C PHE E 319 30.00 6.37 -25.53
N SER E 320 31.18 6.49 -24.91
CA SER E 320 32.38 6.81 -25.67
C SER E 320 32.88 5.62 -26.49
N ALA E 321 32.47 4.40 -26.13
CA ALA E 321 32.84 3.23 -26.92
C ALA E 321 32.05 3.14 -28.22
N LEU E 322 30.90 3.81 -28.31
CA LEU E 322 30.17 3.92 -29.56
C LEU E 322 30.58 5.14 -30.35
N LEU E 323 30.96 6.22 -29.68
CA LEU E 323 31.53 7.38 -30.37
C LEU E 323 32.89 7.08 -30.97
N GLU E 324 33.61 6.06 -30.48
CA GLU E 324 34.86 5.67 -31.11
C GLU E 324 34.62 4.98 -32.46
N TYR E 325 33.67 4.04 -32.51
CA TYR E 325 33.40 3.36 -33.78
C TYR E 325 32.77 4.29 -34.80
N ALA E 326 32.05 5.32 -34.34
CA ALA E 326 31.60 6.37 -35.25
C ALA E 326 32.78 7.19 -35.77
N ALA E 327 33.85 7.30 -34.97
CA ALA E 327 35.06 7.95 -35.44
C ALA E 327 35.93 7.01 -36.28
N VAL E 328 35.86 5.71 -36.02
CA VAL E 328 36.62 4.75 -36.82
C VAL E 328 35.99 4.61 -38.21
N ASN E 329 34.67 4.50 -38.26
CA ASN E 329 33.97 4.31 -39.53
C ASN E 329 33.96 5.58 -40.39
N PHE E 330 34.30 6.73 -39.81
CA PHE E 330 34.48 7.96 -40.58
C PHE E 330 35.91 8.14 -41.06
N ILE E 331 36.89 7.59 -40.35
CA ILE E 331 38.28 7.67 -40.79
C ILE E 331 38.63 6.54 -41.76
N ALA E 332 38.11 5.33 -41.52
CA ALA E 332 38.42 4.20 -42.39
C ALA E 332 37.74 4.33 -43.74
N ARG E 333 36.47 4.73 -43.75
CA ARG E 333 35.70 4.84 -44.99
C ARG E 333 35.81 6.21 -45.64
N GLN E 334 36.86 6.97 -45.34
CA GLN E 334 37.09 8.27 -45.99
C GLN E 334 38.05 8.14 -47.17
N HIS E 335 39.27 7.68 -46.90
CA HIS E 335 40.34 7.46 -47.89
C HIS E 335 40.65 8.70 -48.73
N VAL E 396 44.46 5.55 -53.94
CA VAL E 396 45.84 5.54 -54.42
C VAL E 396 46.61 4.38 -53.79
N GLU E 397 47.89 4.28 -54.13
CA GLU E 397 48.74 3.22 -53.60
C GLU E 397 49.39 3.65 -52.29
N GLU E 398 49.97 4.84 -52.26
CA GLU E 398 50.58 5.38 -51.05
C GLU E 398 49.51 5.75 -50.03
N MET E 399 48.43 6.36 -50.50
CA MET E 399 47.33 6.79 -49.63
C MET E 399 46.60 5.62 -48.98
N ARG E 400 46.66 4.43 -49.59
CA ARG E 400 46.03 3.24 -49.00
C ARG E 400 46.73 2.84 -47.71
N LYS E 401 48.05 3.06 -47.64
CA LYS E 401 48.79 2.74 -46.42
C LYS E 401 48.50 3.74 -45.30
N LEU E 402 48.00 4.92 -45.65
CA LEU E 402 47.76 5.96 -44.67
C LEU E 402 46.48 5.73 -43.88
N PHE E 403 45.34 5.61 -44.58
CA PHE E 403 44.05 5.59 -43.89
C PHE E 403 43.70 4.21 -43.35
N ILE E 404 44.52 3.19 -43.61
CA ILE E 404 44.32 1.91 -42.94
C ILE E 404 45.15 1.85 -41.65
N SER E 405 46.38 2.35 -41.69
CA SER E 405 47.21 2.42 -40.49
C SER E 405 46.75 3.50 -39.52
N ARG E 406 45.88 4.42 -39.95
CA ARG E 406 45.34 5.44 -39.05
C ARG E 406 44.07 4.98 -38.36
N ALA E 407 43.23 4.19 -39.02
CA ALA E 407 42.02 3.67 -38.40
C ALA E 407 42.27 2.40 -37.59
N LYS E 408 43.44 1.80 -37.70
CA LYS E 408 43.85 0.71 -36.83
C LYS E 408 44.55 1.23 -35.59
N ARG E 409 45.18 2.41 -35.69
CA ARG E 409 45.81 3.04 -34.54
C ARG E 409 44.78 3.49 -33.51
N ILE E 410 43.57 3.83 -33.95
CA ILE E 410 42.50 4.22 -33.03
C ILE E 410 42.04 3.02 -32.22
N ASP E 411 42.00 1.84 -32.84
CA ASP E 411 41.49 0.65 -32.16
C ASP E 411 42.50 0.11 -31.16
N THR E 412 43.75 -0.05 -31.58
CA THR E 412 44.74 -0.74 -30.75
C THR E 412 45.30 0.12 -29.62
N VAL E 413 45.00 1.42 -29.60
CA VAL E 413 45.40 2.28 -28.49
C VAL E 413 44.28 2.44 -27.47
N SER E 414 43.05 2.67 -27.94
CA SER E 414 41.90 2.77 -27.05
C SER E 414 41.44 1.43 -26.51
N ARG E 415 41.98 0.32 -27.02
CA ARG E 415 41.74 -0.97 -26.38
C ARG E 415 42.47 -1.07 -25.05
N VAL E 416 43.58 -0.33 -24.91
CA VAL E 416 44.35 -0.30 -23.68
C VAL E 416 44.13 1.00 -22.90
N ALA E 417 43.76 2.09 -23.56
CA ALA E 417 43.58 3.37 -22.88
C ALA E 417 42.34 3.38 -22.00
N PHE E 418 41.25 2.73 -22.42
CA PHE E 418 40.06 2.66 -21.57
C PHE E 418 40.21 1.79 -20.31
N PRO E 419 41.01 0.71 -20.27
CA PRO E 419 41.38 0.14 -18.97
C PRO E 419 42.39 0.97 -18.17
N LEU E 420 42.82 2.13 -18.66
CA LEU E 420 43.59 3.07 -17.86
C LEU E 420 42.72 4.22 -17.32
N VAL E 421 41.76 4.69 -18.12
CA VAL E 421 40.89 5.77 -17.69
C VAL E 421 39.83 5.25 -16.71
N PHE E 422 39.30 4.06 -16.95
CA PHE E 422 38.32 3.49 -16.03
C PHE E 422 38.98 3.03 -14.74
N LEU E 423 40.27 2.68 -14.78
CA LEU E 423 40.96 2.28 -13.58
C LEU E 423 41.41 3.48 -12.75
N ILE E 424 41.70 4.62 -13.40
CA ILE E 424 42.12 5.79 -12.63
C ILE E 424 40.93 6.51 -12.03
N PHE E 425 39.72 6.31 -12.57
CA PHE E 425 38.52 6.78 -11.89
C PHE E 425 38.15 5.88 -10.72
N ASN E 426 38.34 4.56 -10.90
CA ASN E 426 37.98 3.60 -9.87
C ASN E 426 38.89 3.72 -8.65
N ILE E 427 40.11 4.22 -8.82
CA ILE E 427 40.94 4.56 -7.67
C ILE E 427 40.39 5.82 -6.99
N PHE E 428 40.04 6.83 -7.79
CA PHE E 428 39.61 8.12 -7.24
C PHE E 428 38.23 8.06 -6.61
N TYR E 429 37.37 7.13 -7.05
CA TYR E 429 35.99 7.11 -6.56
C TYR E 429 35.91 6.54 -5.15
N TRP E 430 36.73 5.54 -4.83
CA TRP E 430 36.59 4.88 -3.53
C TRP E 430 37.39 5.57 -2.44
N ILE E 431 38.51 6.19 -2.77
CA ILE E 431 39.30 6.90 -1.76
C ILE E 431 38.56 8.16 -1.31
N THR E 432 37.72 8.73 -2.18
CA THR E 432 36.93 9.90 -1.81
C THR E 432 35.85 9.53 -0.78
N TYR E 433 35.24 8.36 -0.93
CA TYR E 433 34.05 8.04 -0.16
C TYR E 433 34.28 7.08 0.99
N LYS E 434 35.26 6.17 0.91
CA LYS E 434 35.50 5.26 2.02
C LYS E 434 36.21 5.95 3.17
N ILE E 435 36.94 7.04 2.89
CA ILE E 435 37.57 7.81 3.95
C ILE E 435 36.54 8.66 4.69
N ILE E 436 35.66 9.33 3.93
CA ILE E 436 34.59 10.12 4.53
C ILE E 436 33.55 9.21 5.17
C1 NAG F . 4.49 -22.99 41.79
C2 NAG F . 4.13 -23.40 43.21
C3 NAG F . 5.37 -23.38 44.10
C4 NAG F . 6.49 -24.22 43.49
C5 NAG F . 6.75 -23.82 42.04
C6 NAG F . 7.73 -24.73 41.33
C7 NAG F . 1.81 -22.86 43.79
C8 NAG F . 0.89 -21.85 44.39
N2 NAG F . 3.10 -22.53 43.76
O3 NAG F . 5.04 -23.86 45.40
O4 NAG F . 7.69 -24.03 44.24
O5 NAG F . 5.52 -23.86 41.29
O6 NAG F . 7.09 -25.91 40.87
O7 NAG F . 1.39 -23.94 43.37
C1 NAG F . 8.02 -25.22 44.98
C2 NAG F . 9.51 -25.16 45.34
C3 NAG F . 9.91 -26.38 46.17
C4 NAG F . 9.00 -26.52 47.39
C5 NAG F . 7.53 -26.52 46.97
C6 NAG F . 6.57 -26.51 48.13
C7 NAG F . 10.82 -23.91 43.68
C8 NAG F . 11.65 -24.01 42.44
N2 NAG F . 10.34 -25.07 44.14
O3 NAG F . 11.27 -26.26 46.56
O4 NAG F . 9.28 -27.73 48.08
O5 NAG F . 7.24 -25.34 46.19
O6 NAG F . 6.41 -25.20 48.65
O7 NAG F . 10.59 -22.84 44.23
C1 BMA F . 9.96 -27.45 49.33
C2 BMA F . 9.42 -28.40 50.42
C3 BMA F . 10.57 -28.99 51.29
C4 BMA F . 11.77 -28.02 51.55
C5 BMA F . 12.11 -27.15 50.30
C6 BMA F . 13.58 -27.17 49.95
O2 BMA F . 8.75 -29.50 49.85
O3 BMA F . 11.03 -30.23 50.77
O4 BMA F . 11.49 -27.18 52.66
O5 BMA F . 11.36 -27.61 49.18
O6 BMA F . 13.76 -26.45 48.73
C1 NAG G . -33.75 -27.02 20.66
C2 NAG G . -34.87 -27.37 21.65
C3 NAG G . -34.65 -28.78 22.19
C4 NAG G . -34.52 -29.79 21.06
C5 NAG G . -33.44 -29.34 20.06
C6 NAG G . -33.36 -30.20 18.83
C7 NAG G . -35.78 -25.39 22.77
C8 NAG G . -35.69 -24.50 23.98
N2 NAG G . -34.91 -26.41 22.74
O3 NAG G . -35.75 -29.13 23.03
O4 NAG G . -34.13 -31.06 21.59
O5 NAG G . -33.72 -28.00 19.61
O6 NAG G . -34.34 -29.83 17.87
O7 NAG G . -36.59 -25.19 21.88
C1 NAG G . -35.21 -32.00 21.49
C2 NAG G . -34.61 -33.41 21.61
C3 NAG G . -35.72 -34.46 21.55
C4 NAG G . -36.79 -34.18 22.60
C5 NAG G . -37.30 -32.74 22.44
C6 NAG G . -38.27 -32.34 23.53
C7 NAG G . -32.31 -33.52 20.76
C8 NAG G . -31.44 -33.80 19.57
N2 NAG G . -33.63 -33.65 20.56
O3 NAG G . -35.15 -35.75 21.75
O4 NAG G . -37.89 -35.08 22.45
O5 NAG G . -36.20 -31.81 22.51
O6 NAG G . -37.59 -32.05 24.75
O7 NAG G . -31.85 -33.18 21.84
C1 BMA G . -37.88 -36.03 23.54
C2 BMA G . -39.34 -36.31 23.97
C3 BMA G . -39.60 -37.82 24.20
C4 BMA G . -38.39 -38.62 24.81
C5 BMA G . -37.01 -38.13 24.24
C6 BMA G . -36.14 -39.27 23.76
O2 BMA G . -40.25 -35.90 22.96
O3 BMA G . -40.07 -38.47 23.01
O4 BMA G . -38.40 -38.51 26.22
O5 BMA G . -37.24 -37.23 23.16
O6 BMA G . -34.93 -38.71 23.25
C1 NAG H . -45.71 12.74 6.59
C2 NAG H . -46.93 13.22 7.38
C3 NAG H . -48.15 12.38 7.01
C4 NAG H . -48.37 12.35 5.49
C5 NAG H . -47.08 11.94 4.77
C6 NAG H . -47.17 12.05 3.27
C7 NAG H . -46.34 14.23 9.53
C8 NAG H . -46.12 13.99 10.99
N2 NAG H . -46.69 13.17 8.81
O3 NAG H . -49.29 12.90 7.66
O4 NAG H . -49.40 11.42 5.18
O5 NAG H . -45.99 12.79 5.18
O6 NAG H . -46.87 13.37 2.83
O7 NAG H . -46.18 15.34 9.03
C1 NAG H . -50.57 12.10 4.71
C2 NAG H . -51.42 11.11 3.91
C3 NAG H . -52.71 11.77 3.43
C4 NAG H . -53.47 12.37 4.61
C5 NAG H . -52.56 13.32 5.40
C6 NAG H . -53.20 13.85 6.66
C7 NAG H . -50.03 9.41 2.80
C8 NAG H . -49.30 9.03 1.54
N2 NAG H . -50.67 10.59 2.77
O3 NAG H . -53.51 10.81 2.76
O4 NAG H . -54.61 13.10 4.15
O5 NAG H . -51.37 12.63 5.80
O6 NAG H . -53.09 12.93 7.72
O7 NAG H . -50.05 8.69 3.79
C1 BMA H . -55.82 12.39 4.47
C2 BMA H . -56.92 13.40 4.87
C3 BMA H . -58.29 13.06 4.22
C4 BMA H . -58.58 11.52 4.08
C5 BMA H . -57.32 10.70 3.70
C6 BMA H . -57.55 9.77 2.52
O2 BMA H . -56.58 14.71 4.42
O3 BMA H . -58.46 13.71 2.97
O4 BMA H . -59.14 11.02 5.29
O5 BMA H . -56.25 11.60 3.37
O6 BMA H . -56.32 9.10 2.23
C1 NAG I . -14.84 41.47 18.99
C2 NAG I . -15.42 42.40 20.05
C3 NAG I . -16.48 43.31 19.43
C4 NAG I . -15.92 44.05 18.21
C5 NAG I . -15.29 43.06 17.23
C6 NAG I . -14.58 43.72 16.07
C7 NAG I . -15.33 41.40 22.29
C8 NAG I . -16.07 40.60 23.32
N2 NAG I . -15.98 41.63 21.15
O3 NAG I . -16.92 44.24 20.42
O4 NAG I . -16.98 44.73 17.56
O5 NAG I . -14.31 42.24 17.90
O6 NAG I . -13.27 44.15 16.45
O7 NAG I . -14.19 41.83 22.48
C1 NAG I . -16.83 46.16 17.71
C2 NAG I . -17.67 46.84 16.62
C3 NAG I . -17.59 48.36 16.77
C4 NAG I . -17.98 48.79 18.18
C5 NAG I . -17.14 48.03 19.21
C6 NAG I . -17.56 48.30 20.63
C7 NAG I . -17.84 45.48 14.59
C8 NAG I . -17.26 45.18 13.24
N2 NAG I . -17.23 46.44 15.30
O3 NAG I . -18.44 48.97 15.80
O4 NAG I . -17.78 50.19 18.35
O5 NAG I . -17.27 46.61 19.01
O6 NAG I . -18.64 47.45 21.03
O7 NAG I . -18.82 44.88 15.03
C1 BMA I . -19.05 50.88 18.40
C2 BMA I . -18.97 51.98 19.50
C3 BMA I . -19.58 53.32 19.00
C4 BMA I . -20.82 53.17 18.06
C5 BMA I . -20.70 51.97 17.08
C6 BMA I . -21.00 52.34 15.64
O2 BMA I . -17.62 52.25 19.85
O3 BMA I . -18.59 54.15 18.39
O4 BMA I . -22.01 53.05 18.83
O5 BMA I . -19.37 51.45 17.14
O6 BMA I . -20.90 51.17 14.84
C1 NAG J . 16.23 19.27 40.77
C2 NAG J . 16.21 19.67 42.24
C3 NAG J . 16.66 21.12 42.40
C4 NAG J . 18.01 21.34 41.74
C5 NAG J . 17.98 20.85 40.29
C6 NAG J . 19.34 20.90 39.62
C7 NAG J . 14.54 18.40 43.52
C8 NAG J . 13.13 18.38 44.03
N2 NAG J . 14.88 19.48 42.81
O3 NAG J . 16.73 21.43 43.79
O4 NAG J . 18.30 22.74 41.74
O5 NAG J . 17.55 19.49 40.24
O6 NAG J . 20.15 19.80 40.01
O7 NAG J . 15.32 17.48 43.74
C1 NAG J . 19.40 23.03 42.64
C2 NAG J . 19.99 24.38 42.25
C3 NAG J . 21.12 24.75 43.22
C4 NAG J . 20.64 24.70 44.67
C5 NAG J . 20.01 23.33 44.96
C6 NAG J . 19.39 23.25 46.34
C7 NAG J . 19.76 24.86 39.86
C8 NAG J . 20.40 24.77 38.51
N2 NAG J . 20.47 24.37 40.89
O3 NAG J . 21.61 26.05 42.89
O4 NAG J . 21.73 24.92 45.55
O5 NAG J . 18.96 23.06 44.02
O6 NAG J . 18.12 23.89 46.37
O7 NAG J . 18.66 25.36 40.02
C1 BMA J . 21.63 26.23 46.15
C2 BMA J . 22.07 26.13 47.64
C3 BMA J . 23.00 27.32 48.04
C4 BMA J . 22.66 28.68 47.34
C5 BMA J . 22.21 28.51 45.87
C6 BMA J . 22.95 29.43 44.91
O2 BMA J . 22.81 24.95 47.88
O3 BMA J . 24.37 26.99 47.85
O4 BMA J . 21.66 29.37 48.08
O5 BMA J . 22.43 27.16 45.46
O6 BMA J . 22.53 29.13 43.59
C1 TAU K . -13.62 -21.30 21.13
C2 TAU K . -13.58 -21.75 22.59
N1 TAU K . -14.98 -21.37 20.66
S TAU K . -11.85 -21.79 23.14
O1 TAU K . -10.94 -22.38 22.10
O2 TAU K . -11.72 -22.54 24.45
O3 TAU K . -11.30 -20.39 23.26
C1 TAU L . -31.96 -2.88 7.24
C2 TAU L . -32.89 -3.53 8.26
N1 TAU L . -32.49 -1.58 6.87
S TAU L . -32.50 -5.30 8.37
O1 TAU L . -32.15 -5.87 7.02
O2 TAU L . -33.65 -6.05 9.00
O3 TAU L . -31.22 -5.53 9.12
C1 TAU M . -20.70 24.06 8.79
C2 TAU M . -22.11 24.30 9.33
N1 TAU M . -19.79 24.99 9.42
S TAU M . -23.28 23.30 8.37
O1 TAU M . -23.00 23.37 6.89
O2 TAU M . -24.69 23.72 8.66
O3 TAU M . -23.07 21.83 8.63
C1 TAU N . 4.71 22.53 23.64
C2 TAU N . 3.92 23.60 24.39
N1 TAU N . 5.68 21.92 24.55
S TAU N . 3.07 24.65 23.18
O1 TAU N . 3.90 24.84 21.94
O2 TAU N . 2.70 25.97 23.80
O3 TAU N . 1.86 23.95 22.62
C1 TAU O . 9.06 -5.65 31.17
C2 TAU O . 9.17 -4.94 32.51
N1 TAU O . 8.60 -7.01 31.39
S TAU O . 9.99 -3.34 32.27
O1 TAU O . 11.09 -3.43 31.23
O2 TAU O . 10.53 -2.81 33.58
O3 TAU O . 9.06 -2.36 31.61
#